data_1UW7
# 
_entry.id   1UW7 
# 
_audit_conform.dict_name       mmcif_pdbx.dic 
_audit_conform.dict_version    5.391 
_audit_conform.dict_location   http://mmcif.pdb.org/dictionaries/ascii/mmcif_pdbx.dic 
# 
loop_
_database_2.database_id 
_database_2.database_code 
_database_2.pdbx_database_accession 
_database_2.pdbx_DOI 
PDB   1UW7         pdb_00001uw7 10.2210/pdb1uw7/pdb 
PDBE  EBI-14369    ?            ?                   
WWPDB D_1290014369 ?            ?                   
# 
loop_
_pdbx_audit_revision_history.ordinal 
_pdbx_audit_revision_history.data_content_type 
_pdbx_audit_revision_history.major_revision 
_pdbx_audit_revision_history.minor_revision 
_pdbx_audit_revision_history.revision_date 
1 'Structure model' 1 0 2004-02-20 
2 'Structure model' 1 1 2015-02-11 
3 'Structure model' 1 2 2019-05-08 
4 'Structure model' 1 3 2024-05-08 
# 
_pdbx_audit_revision_details.ordinal             1 
_pdbx_audit_revision_details.revision_ordinal    1 
_pdbx_audit_revision_details.data_content_type   'Structure model' 
_pdbx_audit_revision_details.provider            repository 
_pdbx_audit_revision_details.type                'Initial release' 
_pdbx_audit_revision_details.description         ? 
_pdbx_audit_revision_details.details             ? 
# 
loop_
_pdbx_audit_revision_group.ordinal 
_pdbx_audit_revision_group.revision_ordinal 
_pdbx_audit_revision_group.data_content_type 
_pdbx_audit_revision_group.group 
1  2 'Structure model' 'Data collection'           
2  2 'Structure model' 'Database references'       
3  2 'Structure model' 'Derived calculations'      
4  2 'Structure model' Other                       
5  2 'Structure model' 'Refinement description'    
6  2 'Structure model' 'Source and taxonomy'       
7  2 'Structure model' 'Structure summary'         
8  2 'Structure model' 'Version format compliance' 
9  3 'Structure model' 'Data collection'           
10 3 'Structure model' 'Experimental preparation'  
11 3 'Structure model' Other                       
12 4 'Structure model' 'Data collection'           
13 4 'Structure model' 'Database references'       
14 4 'Structure model' Other                       
# 
loop_
_pdbx_audit_revision_category.ordinal 
_pdbx_audit_revision_category.revision_ordinal 
_pdbx_audit_revision_category.data_content_type 
_pdbx_audit_revision_category.category 
1 3 'Structure model' exptl_crystal_grow   
2 3 'Structure model' pdbx_database_proc   
3 3 'Structure model' pdbx_database_status 
4 4 'Structure model' chem_comp_atom       
5 4 'Structure model' chem_comp_bond       
6 4 'Structure model' database_2           
7 4 'Structure model' pdbx_database_status 
# 
loop_
_pdbx_audit_revision_item.ordinal 
_pdbx_audit_revision_item.revision_ordinal 
_pdbx_audit_revision_item.data_content_type 
_pdbx_audit_revision_item.item 
1 3 'Structure model' '_exptl_crystal_grow.method'                  
2 3 'Structure model' '_pdbx_database_status.recvd_author_approval' 
3 4 'Structure model' '_database_2.pdbx_DOI'                        
4 4 'Structure model' '_database_2.pdbx_database_accession'         
5 4 'Structure model' '_pdbx_database_status.status_code_sf'        
# 
_pdbx_database_status.status_code                     REL 
_pdbx_database_status.entry_id                        1UW7 
_pdbx_database_status.deposit_site                    PDBE 
_pdbx_database_status.process_site                    PDBE 
_pdbx_database_status.SG_entry                        . 
_pdbx_database_status.recvd_initial_deposition_date   2004-01-30 
_pdbx_database_status.pdb_format_compatible           Y 
_pdbx_database_status.status_code_sf                  REL 
_pdbx_database_status.status_code_mr                  ? 
_pdbx_database_status.status_code_cs                  ? 
_pdbx_database_status.methods_development_category    ? 
_pdbx_database_status.status_code_nmr_data            ? 
# 
loop_
_pdbx_database_related.db_name 
_pdbx_database_related.db_id 
_pdbx_database_related.content_type 
_pdbx_database_related.details 
PDB 1P9T unspecified 'CORONAVIRUS MAIN PROTEINASE (3CLPRO) STRUCTURE : BASIS FORDESIGN OF ANTI-SARS DRUGS'       
PDB 1PUK unspecified '3C-LIKE PROTEINASE DOMAIN STRUCTURE OF HUMAN CORONAVIRUS(STRAIN SARS) MODELED IN-SILICO'   
PDB 1UJ1 unspecified 'CRYSTAL STRUCTURE OF SARS CORONAVIRUS MAIN PROTEINASE(3CLPRO)'                             
PDB 1UK2 unspecified 'CRYSTAL STRUCTURE OF SARS CORONAVIRUS MAIN PROTEINASE(3CLPRO) AT PH8.0'                    
PDB 1UK3 unspecified 'CRYSTAL STRUCTURE OF SARS CORONAVIRUS MAIN PROTEINASE(3CLPRO) AT PH7.6'                    
PDB 1UK4 unspecified 'CRYSTAL STRUCTURE OF SARS CORONAVIRUS MAIN PROTEINASE(3CLPRO) COMPLEXED WITH AN INHIBITOR' 
# 
loop_
_audit_author.name 
_audit_author.pdbx_ordinal 
'Sutton, G.'     1  
'Fry, E.'        2  
'Carter, L.'     3  
'Sainsbury, S.'  4  
'Walter, T.'     5  
'Nettleship, J.' 6  
'Berrow, N.'     7  
'Owens, R.'      8  
'Gilbert, R.'    9  
'Davidson, A.'   10 
'Siddell, S.'    11 
'Poon, L.L.M.'   12 
'Diprose, J.'    13 
'Alderton, D.'   14 
'Walsh, M.'      15 
'Grimes, J.M.'   16 
'Stuart, D.I.'   17 
# 
_citation.id                        primary 
_citation.title                     'The Nsp9 Replicase Protein of Sars-Coronavirus, Structure and Functional Insights' 
_citation.journal_abbrev            Structure 
_citation.journal_volume            12 
_citation.page_first                341 
_citation.page_last                 ? 
_citation.year                      2004 
_citation.journal_id_ASTM           STRUE6 
_citation.country                   UK 
_citation.journal_id_ISSN           0969-2126 
_citation.journal_id_CSD            2005 
_citation.book_publisher            ? 
_citation.pdbx_database_id_PubMed   14962394 
_citation.pdbx_database_id_DOI      10.1016/J.STR.2004.01.016 
# 
loop_
_citation_author.citation_id 
_citation_author.name 
_citation_author.ordinal 
_citation_author.identifier_ORCID 
primary 'Sutton, G.'     1  ? 
primary 'Fry, E.'        2  ? 
primary 'Carter, L.'     3  ? 
primary 'Sainsbury, S.'  4  ? 
primary 'Walter, T.'     5  ? 
primary 'Nettleship, J.' 6  ? 
primary 'Berrow, N.'     7  ? 
primary 'Owens, R.'      8  ? 
primary 'Gilbert, R.'    9  ? 
primary 'Davidson, A.'   10 ? 
primary 'Siddell, S.'    11 ? 
primary 'Poon, L.L.M.'   12 ? 
primary 'Diprose, J.'    13 ? 
primary 'Alderton, D.'   14 ? 
primary 'Walsh, M.'      15 ? 
primary 'Grimes, J.M.'   16 ? 
primary 'Stuart, D.I.'   17 ? 
# 
_entity.id                         1 
_entity.type                       polymer 
_entity.src_method                 man 
_entity.pdbx_description           NSP9 
_entity.formula_weight             16000.195 
_entity.pdbx_number_of_molecules   1 
_entity.pdbx_ec                    ? 
_entity.pdbx_mutation              ? 
_entity.pdbx_fragment              'NSP9, RESIDUES 3925-4037' 
_entity.details                    ? 
# 
_entity_name_com.entity_id   1 
_entity_name_com.name        'PP1AB, ORF1AB, REPLICASE POLYPROTEIN 1AB' 
# 
_entity_poly.entity_id                      1 
_entity_poly.type                           'polypeptide(L)' 
_entity_poly.nstd_linkage                   no 
_entity_poly.nstd_monomer                   no 
_entity_poly.pdbx_seq_one_letter_code       
;MSYYHHHHHHLESTSLYKKAGFLEVLFQGPNNELSPVALRQMSCAAGTTQTACTDDNALAYYNNSKGGRFVLALLSDHQD
LKWARFPKSDGTGTIYTELEPPCRFVTDTPKGPKVKYLYFIKGLNNLNRGMVLGSLAATVRLQ
;
_entity_poly.pdbx_seq_one_letter_code_can   
;MSYYHHHHHHLESTSLYKKAGFLEVLFQGPNNELSPVALRQMSCAAGTTQTACTDDNALAYYNNSKGGRFVLALLSDHQD
LKWARFPKSDGTGTIYTELEPPCRFVTDTPKGPKVKYLYFIKGLNNLNRGMVLGSLAATVRLQ
;
_entity_poly.pdbx_strand_id                 A 
_entity_poly.pdbx_target_identifier         ? 
# 
loop_
_entity_poly_seq.entity_id 
_entity_poly_seq.num 
_entity_poly_seq.mon_id 
_entity_poly_seq.hetero 
1 1   MET n 
1 2   SER n 
1 3   TYR n 
1 4   TYR n 
1 5   HIS n 
1 6   HIS n 
1 7   HIS n 
1 8   HIS n 
1 9   HIS n 
1 10  HIS n 
1 11  LEU n 
1 12  GLU n 
1 13  SER n 
1 14  THR n 
1 15  SER n 
1 16  LEU n 
1 17  TYR n 
1 18  LYS n 
1 19  LYS n 
1 20  ALA n 
1 21  GLY n 
1 22  PHE n 
1 23  LEU n 
1 24  GLU n 
1 25  VAL n 
1 26  LEU n 
1 27  PHE n 
1 28  GLN n 
1 29  GLY n 
1 30  PRO n 
1 31  ASN n 
1 32  ASN n 
1 33  GLU n 
1 34  LEU n 
1 35  SER n 
1 36  PRO n 
1 37  VAL n 
1 38  ALA n 
1 39  LEU n 
1 40  ARG n 
1 41  GLN n 
1 42  MET n 
1 43  SER n 
1 44  CYS n 
1 45  ALA n 
1 46  ALA n 
1 47  GLY n 
1 48  THR n 
1 49  THR n 
1 50  GLN n 
1 51  THR n 
1 52  ALA n 
1 53  CYS n 
1 54  THR n 
1 55  ASP n 
1 56  ASP n 
1 57  ASN n 
1 58  ALA n 
1 59  LEU n 
1 60  ALA n 
1 61  TYR n 
1 62  TYR n 
1 63  ASN n 
1 64  ASN n 
1 65  SER n 
1 66  LYS n 
1 67  GLY n 
1 68  GLY n 
1 69  ARG n 
1 70  PHE n 
1 71  VAL n 
1 72  LEU n 
1 73  ALA n 
1 74  LEU n 
1 75  LEU n 
1 76  SER n 
1 77  ASP n 
1 78  HIS n 
1 79  GLN n 
1 80  ASP n 
1 81  LEU n 
1 82  LYS n 
1 83  TRP n 
1 84  ALA n 
1 85  ARG n 
1 86  PHE n 
1 87  PRO n 
1 88  LYS n 
1 89  SER n 
1 90  ASP n 
1 91  GLY n 
1 92  THR n 
1 93  GLY n 
1 94  THR n 
1 95  ILE n 
1 96  TYR n 
1 97  THR n 
1 98  GLU n 
1 99  LEU n 
1 100 GLU n 
1 101 PRO n 
1 102 PRO n 
1 103 CYS n 
1 104 ARG n 
1 105 PHE n 
1 106 VAL n 
1 107 THR n 
1 108 ASP n 
1 109 THR n 
1 110 PRO n 
1 111 LYS n 
1 112 GLY n 
1 113 PRO n 
1 114 LYS n 
1 115 VAL n 
1 116 LYS n 
1 117 TYR n 
1 118 LEU n 
1 119 TYR n 
1 120 PHE n 
1 121 ILE n 
1 122 LYS n 
1 123 GLY n 
1 124 LEU n 
1 125 ASN n 
1 126 ASN n 
1 127 LEU n 
1 128 ASN n 
1 129 ARG n 
1 130 GLY n 
1 131 MET n 
1 132 VAL n 
1 133 LEU n 
1 134 GLY n 
1 135 SER n 
1 136 LEU n 
1 137 ALA n 
1 138 ALA n 
1 139 THR n 
1 140 VAL n 
1 141 ARG n 
1 142 LEU n 
1 143 GLN n 
# 
_entity_src_gen.entity_id                          1 
_entity_src_gen.pdbx_src_id                        1 
_entity_src_gen.pdbx_alt_source_flag               sample 
_entity_src_gen.pdbx_seq_type                      ? 
_entity_src_gen.pdbx_beg_seq_num                   ? 
_entity_src_gen.pdbx_end_seq_num                   ? 
_entity_src_gen.gene_src_common_name               ? 
_entity_src_gen.gene_src_genus                     ? 
_entity_src_gen.pdbx_gene_src_gene                 ? 
_entity_src_gen.gene_src_species                   ? 
_entity_src_gen.gene_src_strain                    ? 
_entity_src_gen.gene_src_tissue                    ? 
_entity_src_gen.gene_src_tissue_fraction           ? 
_entity_src_gen.gene_src_details                   ? 
_entity_src_gen.pdbx_gene_src_fragment             ? 
_entity_src_gen.pdbx_gene_src_scientific_name      'SARS CORONAVIRUS HKU-39849' 
_entity_src_gen.pdbx_gene_src_ncbi_taxonomy_id     228404 
_entity_src_gen.pdbx_gene_src_variant              ? 
_entity_src_gen.pdbx_gene_src_cell_line            'VERO E6' 
_entity_src_gen.pdbx_gene_src_atcc                 ? 
_entity_src_gen.pdbx_gene_src_organ                ? 
_entity_src_gen.pdbx_gene_src_organelle            ? 
_entity_src_gen.pdbx_gene_src_cell                 ? 
_entity_src_gen.pdbx_gene_src_cellular_location    ? 
_entity_src_gen.host_org_common_name               ? 
_entity_src_gen.pdbx_host_org_scientific_name      'ESCHERICHIA COLI' 
_entity_src_gen.pdbx_host_org_ncbi_taxonomy_id     562 
_entity_src_gen.host_org_genus                     ? 
_entity_src_gen.pdbx_host_org_gene                 ? 
_entity_src_gen.pdbx_host_org_organ                ? 
_entity_src_gen.host_org_species                   ? 
_entity_src_gen.pdbx_host_org_tissue               ? 
_entity_src_gen.pdbx_host_org_tissue_fraction      ? 
_entity_src_gen.pdbx_host_org_strain               'B834(DE3)' 
_entity_src_gen.pdbx_host_org_variant              ? 
_entity_src_gen.pdbx_host_org_cell_line            ? 
_entity_src_gen.pdbx_host_org_atcc                 ? 
_entity_src_gen.pdbx_host_org_culture_collection   ? 
_entity_src_gen.pdbx_host_org_cell                 ? 
_entity_src_gen.pdbx_host_org_organelle            ? 
_entity_src_gen.pdbx_host_org_cellular_location    ? 
_entity_src_gen.pdbx_host_org_vector_type          ? 
_entity_src_gen.pdbx_host_org_vector               PDEST17 
_entity_src_gen.host_org_details                   ? 
_entity_src_gen.expression_system_id               ? 
_entity_src_gen.plasmid_name                       GATEWAY 
_entity_src_gen.plasmid_details                    ? 
_entity_src_gen.pdbx_description                   ? 
# 
loop_
_chem_comp.id 
_chem_comp.type 
_chem_comp.mon_nstd_flag 
_chem_comp.name 
_chem_comp.pdbx_synonyms 
_chem_comp.formula 
_chem_comp.formula_weight 
ALA 'L-peptide linking' y ALANINE         ? 'C3 H7 N O2'     89.093  
ARG 'L-peptide linking' y ARGININE        ? 'C6 H15 N4 O2 1' 175.209 
ASN 'L-peptide linking' y ASPARAGINE      ? 'C4 H8 N2 O3'    132.118 
ASP 'L-peptide linking' y 'ASPARTIC ACID' ? 'C4 H7 N O4'     133.103 
CYS 'L-peptide linking' y CYSTEINE        ? 'C3 H7 N O2 S'   121.158 
GLN 'L-peptide linking' y GLUTAMINE       ? 'C5 H10 N2 O3'   146.144 
GLU 'L-peptide linking' y 'GLUTAMIC ACID' ? 'C5 H9 N O4'     147.129 
GLY 'peptide linking'   y GLYCINE         ? 'C2 H5 N O2'     75.067  
HIS 'L-peptide linking' y HISTIDINE       ? 'C6 H10 N3 O2 1' 156.162 
ILE 'L-peptide linking' y ISOLEUCINE      ? 'C6 H13 N O2'    131.173 
LEU 'L-peptide linking' y LEUCINE         ? 'C6 H13 N O2'    131.173 
LYS 'L-peptide linking' y LYSINE          ? 'C6 H15 N2 O2 1' 147.195 
MET 'L-peptide linking' y METHIONINE      ? 'C5 H11 N O2 S'  149.211 
PHE 'L-peptide linking' y PHENYLALANINE   ? 'C9 H11 N O2'    165.189 
PRO 'L-peptide linking' y PROLINE         ? 'C5 H9 N O2'     115.130 
SER 'L-peptide linking' y SERINE          ? 'C3 H7 N O3'     105.093 
THR 'L-peptide linking' y THREONINE       ? 'C4 H9 N O3'     119.119 
TRP 'L-peptide linking' y TRYPTOPHAN      ? 'C11 H12 N2 O2'  204.225 
TYR 'L-peptide linking' y TYROSINE        ? 'C9 H11 N O3'    181.189 
VAL 'L-peptide linking' y VALINE          ? 'C5 H11 N O2'    117.146 
# 
loop_
_pdbx_poly_seq_scheme.asym_id 
_pdbx_poly_seq_scheme.entity_id 
_pdbx_poly_seq_scheme.seq_id 
_pdbx_poly_seq_scheme.mon_id 
_pdbx_poly_seq_scheme.ndb_seq_num 
_pdbx_poly_seq_scheme.pdb_seq_num 
_pdbx_poly_seq_scheme.auth_seq_num 
_pdbx_poly_seq_scheme.pdb_mon_id 
_pdbx_poly_seq_scheme.auth_mon_id 
_pdbx_poly_seq_scheme.pdb_strand_id 
_pdbx_poly_seq_scheme.pdb_ins_code 
_pdbx_poly_seq_scheme.hetero 
A 1 1   MET 1   -30 ?   ?   ?   A . n 
A 1 2   SER 2   -29 ?   ?   ?   A . n 
A 1 3   TYR 3   -28 ?   ?   ?   A . n 
A 1 4   TYR 4   -27 ?   ?   ?   A . n 
A 1 5   HIS 5   -26 ?   ?   ?   A . n 
A 1 6   HIS 6   -25 ?   ?   ?   A . n 
A 1 7   HIS 7   -24 ?   ?   ?   A . n 
A 1 8   HIS 8   -23 ?   ?   ?   A . n 
A 1 9   HIS 9   -22 ?   ?   ?   A . n 
A 1 10  HIS 10  -21 ?   ?   ?   A . n 
A 1 11  LEU 11  -20 ?   ?   ?   A . n 
A 1 12  GLU 12  -19 ?   ?   ?   A . n 
A 1 13  SER 13  -18 ?   ?   ?   A . n 
A 1 14  THR 14  -17 ?   ?   ?   A . n 
A 1 15  SER 15  -16 ?   ?   ?   A . n 
A 1 16  LEU 16  -15 ?   ?   ?   A . n 
A 1 17  TYR 17  -14 ?   ?   ?   A . n 
A 1 18  LYS 18  -13 ?   ?   ?   A . n 
A 1 19  LYS 19  -12 ?   ?   ?   A . n 
A 1 20  ALA 20  -11 ?   ?   ?   A . n 
A 1 21  GLY 21  -10 ?   ?   ?   A . n 
A 1 22  PHE 22  -9  -9  PHE PHE A . n 
A 1 23  LEU 23  -8  -8  LEU LEU A . n 
A 1 24  GLU 24  -7  -7  GLU GLU A . n 
A 1 25  VAL 25  -6  -6  VAL VAL A . n 
A 1 26  LEU 26  -5  -5  LEU LEU A . n 
A 1 27  PHE 27  -4  -4  PHE PHE A . n 
A 1 28  GLN 28  -3  -3  GLN GLN A . n 
A 1 29  GLY 29  -2  -2  GLY GLY A . n 
A 1 30  PRO 30  -1  -1  PRO PRO A . n 
A 1 31  ASN 31  1   1   ASN ASN A . n 
A 1 32  ASN 32  2   2   ASN ASN A . n 
A 1 33  GLU 33  3   3   GLU GLU A . n 
A 1 34  LEU 34  4   4   LEU LEU A . n 
A 1 35  SER 35  5   5   SER SER A . n 
A 1 36  PRO 36  6   6   PRO PRO A . n 
A 1 37  VAL 37  7   7   VAL VAL A . n 
A 1 38  ALA 38  8   8   ALA ALA A . n 
A 1 39  LEU 39  9   9   LEU LEU A . n 
A 1 40  ARG 40  10  10  ARG ARG A . n 
A 1 41  GLN 41  11  11  GLN GLN A . n 
A 1 42  MET 42  12  12  MET MET A . n 
A 1 43  SER 43  13  13  SER SER A . n 
A 1 44  CYS 44  14  14  CYS CYS A . n 
A 1 45  ALA 45  15  15  ALA ALA A . n 
A 1 46  ALA 46  16  16  ALA ALA A . n 
A 1 47  GLY 47  17  17  GLY GLY A . n 
A 1 48  THR 48  18  18  THR THR A . n 
A 1 49  THR 49  19  19  THR THR A . n 
A 1 50  GLN 50  20  20  GLN GLN A . n 
A 1 51  THR 51  21  21  THR THR A . n 
A 1 52  ALA 52  22  22  ALA ALA A . n 
A 1 53  CYS 53  23  23  CYS CYS A . n 
A 1 54  THR 54  24  24  THR THR A . n 
A 1 55  ASP 55  25  25  ASP ASP A . n 
A 1 56  ASP 56  26  26  ASP ASP A . n 
A 1 57  ASN 57  27  27  ASN ASN A . n 
A 1 58  ALA 58  28  28  ALA ALA A . n 
A 1 59  LEU 59  29  29  LEU LEU A . n 
A 1 60  ALA 60  30  30  ALA ALA A . n 
A 1 61  TYR 61  31  31  TYR TYR A . n 
A 1 62  TYR 62  32  32  TYR TYR A . n 
A 1 63  ASN 63  33  33  ASN ASN A . n 
A 1 64  ASN 64  34  34  ASN ASN A . n 
A 1 65  SER 65  35  35  SER SER A . n 
A 1 66  LYS 66  36  36  LYS LYS A . n 
A 1 67  GLY 67  37  37  GLY GLY A . n 
A 1 68  GLY 68  38  38  GLY GLY A . n 
A 1 69  ARG 69  39  39  ARG ARG A . n 
A 1 70  PHE 70  40  40  PHE PHE A . n 
A 1 71  VAL 71  41  41  VAL VAL A . n 
A 1 72  LEU 72  42  42  LEU LEU A . n 
A 1 73  ALA 73  43  43  ALA ALA A . n 
A 1 74  LEU 74  44  44  LEU LEU A . n 
A 1 75  LEU 75  45  45  LEU LEU A . n 
A 1 76  SER 76  46  46  SER SER A . n 
A 1 77  ASP 77  47  47  ASP ASP A . n 
A 1 78  HIS 78  48  48  HIS HIS A . n 
A 1 79  GLN 79  49  49  GLN GLN A . n 
A 1 80  ASP 80  50  50  ASP ASP A . n 
A 1 81  LEU 81  51  51  LEU LEU A . n 
A 1 82  LYS 82  52  52  LYS LYS A . n 
A 1 83  TRP 83  53  53  TRP TRP A . n 
A 1 84  ALA 84  54  54  ALA ALA A . n 
A 1 85  ARG 85  55  55  ARG ARG A . n 
A 1 86  PHE 86  56  56  PHE PHE A . n 
A 1 87  PRO 87  57  57  PRO PRO A . n 
A 1 88  LYS 88  58  58  LYS LYS A . n 
A 1 89  SER 89  59  59  SER SER A . n 
A 1 90  ASP 90  60  60  ASP ASP A . n 
A 1 91  GLY 91  61  61  GLY GLY A . n 
A 1 92  THR 92  62  62  THR THR A . n 
A 1 93  GLY 93  63  63  GLY GLY A . n 
A 1 94  THR 94  64  64  THR THR A . n 
A 1 95  ILE 95  65  65  ILE ILE A . n 
A 1 96  TYR 96  66  66  TYR TYR A . n 
A 1 97  THR 97  67  67  THR THR A . n 
A 1 98  GLU 98  68  68  GLU GLU A . n 
A 1 99  LEU 99  69  69  LEU LEU A . n 
A 1 100 GLU 100 70  70  GLU GLU A . n 
A 1 101 PRO 101 71  71  PRO PRO A . n 
A 1 102 PRO 102 72  72  PRO PRO A . n 
A 1 103 CYS 103 73  73  CYS CYS A . n 
A 1 104 ARG 104 74  74  ARG ARG A . n 
A 1 105 PHE 105 75  75  PHE PHE A . n 
A 1 106 VAL 106 76  76  VAL VAL A . n 
A 1 107 THR 107 77  77  THR THR A . n 
A 1 108 ASP 108 78  78  ASP ASP A . n 
A 1 109 THR 109 79  79  THR THR A . n 
A 1 110 PRO 110 80  80  PRO PRO A . n 
A 1 111 LYS 111 81  81  LYS LYS A . n 
A 1 112 GLY 112 82  82  GLY GLY A . n 
A 1 113 PRO 113 83  83  PRO PRO A . n 
A 1 114 LYS 114 84  84  LYS LYS A . n 
A 1 115 VAL 115 85  85  VAL VAL A . n 
A 1 116 LYS 116 86  86  LYS LYS A . n 
A 1 117 TYR 117 87  87  TYR TYR A . n 
A 1 118 LEU 118 88  88  LEU LEU A . n 
A 1 119 TYR 119 89  89  TYR TYR A . n 
A 1 120 PHE 120 90  90  PHE PHE A . n 
A 1 121 ILE 121 91  91  ILE ILE A . n 
A 1 122 LYS 122 92  92  LYS LYS A . n 
A 1 123 GLY 123 93  93  GLY GLY A . n 
A 1 124 LEU 124 94  94  LEU LEU A . n 
A 1 125 ASN 125 95  95  ASN ASN A . n 
A 1 126 ASN 126 96  96  ASN ASN A . n 
A 1 127 LEU 127 97  97  LEU LEU A . n 
A 1 128 ASN 128 98  98  ASN ASN A . n 
A 1 129 ARG 129 99  99  ARG ARG A . n 
A 1 130 GLY 130 100 100 GLY GLY A . n 
A 1 131 MET 131 101 101 MET MET A . n 
A 1 132 VAL 132 102 102 VAL VAL A . n 
A 1 133 LEU 133 103 103 LEU LEU A . n 
A 1 134 GLY 134 104 104 GLY GLY A . n 
A 1 135 SER 135 105 105 SER SER A . n 
A 1 136 LEU 136 106 106 LEU LEU A . n 
A 1 137 ALA 137 107 107 ALA ALA A . n 
A 1 138 ALA 138 108 108 ALA ALA A . n 
A 1 139 THR 139 109 109 THR THR A . n 
A 1 140 VAL 140 110 110 VAL VAL A . n 
A 1 141 ARG 141 111 111 ARG ARG A . n 
A 1 142 LEU 142 112 112 LEU LEU A . n 
A 1 143 GLN 143 113 113 GLN GLN A . n 
# 
loop_
_software.name 
_software.classification 
_software.version 
_software.citation_id 
_software.pdbx_ordinal 
CNS           refinement       1.1 ? 1 
HKL-2000      'data reduction' .   ? 2 
SCALEPACK     'data scaling'   .   ? 3 
SOLVE/RESOLVE phasing          .   ? 4 
# 
_cell.entry_id           1UW7 
_cell.length_a           58.000 
_cell.length_b           58.000 
_cell.length_c           85.000 
_cell.angle_alpha        90.00 
_cell.angle_beta         90.00 
_cell.angle_gamma        90.00 
_cell.Z_PDB              8 
_cell.pdbx_unique_axis   ? 
# 
_symmetry.entry_id                         1UW7 
_symmetry.space_group_name_H-M             'P 43 2 2' 
_symmetry.pdbx_full_space_group_name_H-M   ? 
_symmetry.cell_setting                     ? 
_symmetry.Int_Tables_number                95 
# 
_exptl.entry_id          1UW7 
_exptl.method            'X-RAY DIFFRACTION' 
_exptl.crystals_number   1 
# 
_exptl_crystal.id                    1 
_exptl_crystal.density_meas          ? 
_exptl_crystal.density_Matthews      2.23 
_exptl_crystal.density_percent_sol   44.94 
_exptl_crystal.description           ? 
# 
_exptl_crystal_grow.crystal_id      1 
_exptl_crystal_grow.method          'VAPOR DIFFUSION, SITTING DROP' 
_exptl_crystal_grow.temp            ? 
_exptl_crystal_grow.temp_details    ? 
_exptl_crystal_grow.pH              3.80 
_exptl_crystal_grow.pdbx_pH_range   ? 
_exptl_crystal_grow.pdbx_details    
'100MM CITRATE/PHOSPHATE PH3.8, 20% PEG 8000, PROTEIN CONCENTRATION 10MG/ML SITTING DROP 100NL + 100NL, pH 3.80' 
# 
_diffrn.id                     1 
_diffrn.ambient_temp           100.0 
_diffrn.ambient_temp_details   ? 
_diffrn.crystal_id             1 
# 
_diffrn_detector.diffrn_id              1 
_diffrn_detector.detector               CCD 
_diffrn_detector.type                   MARRESEARCH 
_diffrn_detector.pdbx_collection_date   2003-07-15 
_diffrn_detector.details                MIRRORS 
# 
_diffrn_radiation.diffrn_id                        1 
_diffrn_radiation.wavelength_id                    1 
_diffrn_radiation.pdbx_monochromatic_or_laue_m_l   M 
_diffrn_radiation.monochromator                    'SI(111)' 
_diffrn_radiation.pdbx_diffrn_protocol             MAD 
_diffrn_radiation.pdbx_scattering_type             x-ray 
# 
loop_
_diffrn_radiation_wavelength.id 
_diffrn_radiation_wavelength.wavelength 
_diffrn_radiation_wavelength.wt 
1 0.8856  1.0 
2 0.97829 1.0 
3 0.99988 1.0 
# 
_diffrn_source.diffrn_id                   1 
_diffrn_source.source                      SYNCHROTRON 
_diffrn_source.type                        'ESRF BEAMLINE BM14' 
_diffrn_source.pdbx_synchrotron_site       ESRF 
_diffrn_source.pdbx_synchrotron_beamline   BM14 
_diffrn_source.pdbx_wavelength             ? 
_diffrn_source.pdbx_wavelength_list        '0.8856, 0.97829, 0.99988' 
# 
_reflns.pdbx_diffrn_id               1 
_reflns.pdbx_ordinal                 1 
_reflns.entry_id                     1UW7 
_reflns.observed_criterion_sigma_I   ? 
_reflns.observed_criterion_sigma_F   ? 
_reflns.d_resolution_low             20.000 
_reflns.d_resolution_high            2.800 
_reflns.number_obs                   3908 
_reflns.number_all                   ? 
_reflns.percent_possible_obs         100.0 
_reflns.pdbx_Rmerge_I_obs            0.19000 
_reflns.pdbx_Rsym_value              ? 
_reflns.pdbx_netI_over_sigmaI        20.0000 
_reflns.B_iso_Wilson_estimate        ? 
_reflns.pdbx_redundancy              24.000 
# 
_reflns_shell.pdbx_diffrn_id         1 
_reflns_shell.pdbx_ordinal           1 
_reflns_shell.d_res_high             2.80 
_reflns_shell.d_res_low              2.90 
_reflns_shell.percent_possible_all   100.0 
_reflns_shell.Rmerge_I_obs           ? 
_reflns_shell.pdbx_Rsym_value        ? 
_reflns_shell.meanI_over_sigI_obs    2.000 
_reflns_shell.pdbx_redundancy        ? 
# 
_refine.pdbx_refine_id                           'X-RAY DIFFRACTION' 
_refine.entry_id                                 1UW7 
_refine.pdbx_diffrn_id                           1 
_refine.pdbx_TLS_residual_ADP_flag               ? 
_refine.ls_number_reflns_obs                     3892 
_refine.ls_number_reflns_all                     ? 
_refine.pdbx_ls_sigma_I                          ? 
_refine.pdbx_ls_sigma_F                          0.0 
_refine.pdbx_data_cutoff_high_absF               0.0 
_refine.pdbx_data_cutoff_low_absF                ? 
_refine.pdbx_data_cutoff_high_rms_absF           ? 
_refine.ls_d_res_low                             20.0 
_refine.ls_d_res_high                            2.8 
_refine.ls_percent_reflns_obs                    99.9 
_refine.ls_R_factor_obs                          0.228 
_refine.ls_R_factor_all                          ? 
_refine.ls_R_factor_R_work                       0.228 
_refine.ls_R_factor_R_free                       0.314 
_refine.ls_R_factor_R_free_error                 ? 
_refine.ls_R_factor_R_free_error_details         ? 
_refine.ls_percent_reflns_R_free                 5.0 
_refine.ls_number_reflns_R_free                  ? 
_refine.ls_number_parameters                     ? 
_refine.ls_number_restraints                     ? 
_refine.occupancy_min                            ? 
_refine.occupancy_max                            ? 
_refine.correlation_coeff_Fo_to_Fc               ? 
_refine.correlation_coeff_Fo_to_Fc_free          ? 
_refine.B_iso_mean                               54.0 
_refine.aniso_B[1][1]                            -0.85 
_refine.aniso_B[2][2]                            -0.85 
_refine.aniso_B[3][3]                            1.7 
_refine.aniso_B[1][2]                            0.0 
_refine.aniso_B[1][3]                            0.0 
_refine.aniso_B[2][3]                            0.0 
_refine.solvent_model_details                    MASK 
_refine.solvent_model_param_ksol                 0.32 
_refine.solvent_model_param_bsol                 60 
_refine.pdbx_solvent_vdw_probe_radii             ? 
_refine.pdbx_solvent_ion_probe_radii             ? 
_refine.pdbx_solvent_shrinkage_radii             ? 
_refine.pdbx_ls_cross_valid_method               THROUGHOUT 
_refine.details                                  ? 
_refine.pdbx_starting_model                      ? 
_refine.pdbx_method_to_determine_struct          MAD 
_refine.pdbx_isotropic_thermal_model             RESTRAINED 
_refine.pdbx_stereochemistry_target_values       ? 
_refine.pdbx_stereochem_target_val_spec_case     ? 
_refine.pdbx_R_Free_selection_details            RANDOM 
_refine.pdbx_overall_ESU_R                       ? 
_refine.pdbx_overall_ESU_R_Free                  ? 
_refine.overall_SU_ML                            ? 
_refine.pdbx_overall_phase_error                 ? 
_refine.overall_SU_B                             ? 
_refine.overall_SU_R_Cruickshank_DPI             ? 
_refine.pdbx_overall_SU_R_free_Cruickshank_DPI   ? 
_refine.pdbx_overall_SU_R_Blow_DPI               ? 
_refine.pdbx_overall_SU_R_free_Blow_DPI          ? 
# 
_refine_analyze.pdbx_refine_id                  'X-RAY DIFFRACTION' 
_refine_analyze.entry_id                        1UW7 
_refine_analyze.Luzzati_coordinate_error_obs    ? 
_refine_analyze.Luzzati_sigma_a_obs             ? 
_refine_analyze.Luzzati_d_res_low_obs           20.0 
_refine_analyze.Luzzati_coordinate_error_free   ? 
_refine_analyze.Luzzati_sigma_a_free            ? 
_refine_analyze.Luzzati_d_res_low_free          ? 
_refine_analyze.number_disordered_residues      ? 
_refine_analyze.occupancy_sum_hydrogen          ? 
_refine_analyze.occupancy_sum_non_hydrogen      ? 
# 
_refine_hist.pdbx_refine_id                   'X-RAY DIFFRACTION' 
_refine_hist.cycle_id                         LAST 
_refine_hist.pdbx_number_atoms_protein        945 
_refine_hist.pdbx_number_atoms_nucleic_acid   0 
_refine_hist.pdbx_number_atoms_ligand         0 
_refine_hist.number_atoms_solvent             0 
_refine_hist.number_atoms_total               945 
_refine_hist.d_res_high                       2.8 
_refine_hist.d_res_low                        20.0 
# 
loop_
_refine_ls_restr.type 
_refine_ls_restr.dev_ideal 
_refine_ls_restr.dev_ideal_target 
_refine_ls_restr.weight 
_refine_ls_restr.number 
_refine_ls_restr.pdbx_refine_id 
_refine_ls_restr.pdbx_restraint_function 
c_bond_d                0.009 ?   ? ? 'X-RAY DIFFRACTION' ? 
c_bond_d_na             ?     ?   ? ? 'X-RAY DIFFRACTION' ? 
c_bond_d_prot           ?     ?   ? ? 'X-RAY DIFFRACTION' ? 
c_angle_d               ?     ?   ? ? 'X-RAY DIFFRACTION' ? 
c_angle_d_na            ?     ?   ? ? 'X-RAY DIFFRACTION' ? 
c_angle_d_prot          ?     ?   ? ? 'X-RAY DIFFRACTION' ? 
c_angle_deg             1.7   ?   ? ? 'X-RAY DIFFRACTION' ? 
c_angle_deg_na          ?     ?   ? ? 'X-RAY DIFFRACTION' ? 
c_angle_deg_prot        ?     ?   ? ? 'X-RAY DIFFRACTION' ? 
c_dihedral_angle_d      ?     ?   ? ? 'X-RAY DIFFRACTION' ? 
c_dihedral_angle_d_na   ?     ?   ? ? 'X-RAY DIFFRACTION' ? 
c_dihedral_angle_d_prot ?     ?   ? ? 'X-RAY DIFFRACTION' ? 
c_improper_angle_d      ?     ?   ? ? 'X-RAY DIFFRACTION' ? 
c_improper_angle_d_na   ?     ?   ? ? 'X-RAY DIFFRACTION' ? 
c_improper_angle_d_prot ?     ?   ? ? 'X-RAY DIFFRACTION' ? 
c_mcbond_it             6.3   3.0 ? ? 'X-RAY DIFFRACTION' ? 
c_mcangle_it            9.3   3.0 ? ? 'X-RAY DIFFRACTION' ? 
c_scbond_it             12.5  5.0 ? ? 'X-RAY DIFFRACTION' ? 
c_scangle_it            15.2  5.0 ? ? 'X-RAY DIFFRACTION' ? 
# 
_refine_ls_shell.pdbx_refine_id                   'X-RAY DIFFRACTION' 
_refine_ls_shell.pdbx_total_number_of_bins_used   8 
_refine_ls_shell.d_res_high                       2.8 
_refine_ls_shell.d_res_low                        2.93 
_refine_ls_shell.number_reflns_R_work             441 
_refine_ls_shell.R_factor_R_work                  0.39 
_refine_ls_shell.percent_reflns_obs               ? 
_refine_ls_shell.R_factor_R_free                  0.41 
_refine_ls_shell.R_factor_R_free_error            ? 
_refine_ls_shell.percent_reflns_R_free            ? 
_refine_ls_shell.number_reflns_R_free             33 
_refine_ls_shell.number_reflns_all                ? 
_refine_ls_shell.R_factor_all                     ? 
# 
_pdbx_xplor_file.pdbx_refine_id   'X-RAY DIFFRACTION' 
_pdbx_xplor_file.serial_no        1 
_pdbx_xplor_file.param_file       PROTEIN_REP.PARAM 
_pdbx_xplor_file.topol_file       ? 
# 
_struct.entry_id                  1UW7 
_struct.title                     'Nsp9 protein from SARS-coronavirus.' 
_struct.pdbx_model_details        ? 
_struct.pdbx_CASP_flag            ? 
_struct.pdbx_model_type_details   ? 
# 
_struct_keywords.entry_id        1UW7 
_struct_keywords.pdbx_keywords   'VIRAL PROTEIN' 
_struct_keywords.text            'VIRUS, VIRAL PROTEIN, REPLICASE PROTEIN, SARS, CORONAVIRUS, RNA-BINDING' 
# 
_struct_asym.id                            A 
_struct_asym.pdbx_blank_PDB_chainid_flag   N 
_struct_asym.pdbx_modified                 N 
_struct_asym.entity_id                     1 
_struct_asym.details                       ? 
# 
_struct_ref.id                         1 
_struct_ref.db_name                    UNP 
_struct_ref.db_code                    R1AB_CVHSA 
_struct_ref.entity_id                  1 
_struct_ref.pdbx_seq_one_letter_code   ? 
_struct_ref.pdbx_align_begin           ? 
_struct_ref.pdbx_db_accession          P59641 
_struct_ref.pdbx_db_isoform            ? 
# 
_struct_ref_seq.align_id                      1 
_struct_ref_seq.ref_id                        1 
_struct_ref_seq.pdbx_PDB_id_code              1UW7 
_struct_ref_seq.pdbx_strand_id                A 
_struct_ref_seq.seq_align_beg                 31 
_struct_ref_seq.pdbx_seq_align_beg_ins_code   ? 
_struct_ref_seq.seq_align_end                 143 
_struct_ref_seq.pdbx_seq_align_end_ins_code   ? 
_struct_ref_seq.pdbx_db_accession             P59641 
_struct_ref_seq.db_align_beg                  3925 
_struct_ref_seq.pdbx_db_align_beg_ins_code    ? 
_struct_ref_seq.db_align_end                  4037 
_struct_ref_seq.pdbx_db_align_end_ins_code    ? 
_struct_ref_seq.pdbx_auth_seq_align_beg       1 
_struct_ref_seq.pdbx_auth_seq_align_end       113 
# 
loop_
_struct_ref_seq_dif.align_id 
_struct_ref_seq_dif.pdbx_pdb_id_code 
_struct_ref_seq_dif.mon_id 
_struct_ref_seq_dif.pdbx_pdb_strand_id 
_struct_ref_seq_dif.seq_num 
_struct_ref_seq_dif.pdbx_pdb_ins_code 
_struct_ref_seq_dif.pdbx_seq_db_name 
_struct_ref_seq_dif.pdbx_seq_db_accession_code 
_struct_ref_seq_dif.db_mon_id 
_struct_ref_seq_dif.pdbx_seq_db_seq_num 
_struct_ref_seq_dif.details 
_struct_ref_seq_dif.pdbx_auth_seq_num 
_struct_ref_seq_dif.pdbx_ordinal 
1 1UW7 MET A 1  ? UNP P59641 ? ? 'expression tag' -30 1  
1 1UW7 SER A 2  ? UNP P59641 ? ? 'expression tag' -29 2  
1 1UW7 TYR A 3  ? UNP P59641 ? ? 'expression tag' -28 3  
1 1UW7 TYR A 4  ? UNP P59641 ? ? 'expression tag' -27 4  
1 1UW7 HIS A 5  ? UNP P59641 ? ? 'expression tag' -26 5  
1 1UW7 HIS A 6  ? UNP P59641 ? ? 'expression tag' -25 6  
1 1UW7 HIS A 7  ? UNP P59641 ? ? 'expression tag' -24 7  
1 1UW7 HIS A 8  ? UNP P59641 ? ? 'expression tag' -23 8  
1 1UW7 HIS A 9  ? UNP P59641 ? ? 'expression tag' -22 9  
1 1UW7 HIS A 10 ? UNP P59641 ? ? 'expression tag' -21 10 
1 1UW7 LEU A 11 ? UNP P59641 ? ? 'expression tag' -20 11 
1 1UW7 GLU A 12 ? UNP P59641 ? ? 'expression tag' -19 12 
1 1UW7 SER A 13 ? UNP P59641 ? ? 'expression tag' -18 13 
1 1UW7 THR A 14 ? UNP P59641 ? ? 'expression tag' -17 14 
1 1UW7 SER A 15 ? UNP P59641 ? ? 'expression tag' -16 15 
1 1UW7 LEU A 16 ? UNP P59641 ? ? 'expression tag' -15 16 
1 1UW7 TYR A 17 ? UNP P59641 ? ? 'expression tag' -14 17 
1 1UW7 LYS A 18 ? UNP P59641 ? ? 'expression tag' -13 18 
1 1UW7 LYS A 19 ? UNP P59641 ? ? 'expression tag' -12 19 
1 1UW7 ALA A 20 ? UNP P59641 ? ? 'expression tag' -11 20 
1 1UW7 GLY A 21 ? UNP P59641 ? ? 'expression tag' -10 21 
1 1UW7 PHE A 22 ? UNP P59641 ? ? 'expression tag' -9  22 
1 1UW7 LEU A 23 ? UNP P59641 ? ? 'expression tag' -8  23 
1 1UW7 GLU A 24 ? UNP P59641 ? ? 'expression tag' -7  24 
1 1UW7 VAL A 25 ? UNP P59641 ? ? 'expression tag' -6  25 
1 1UW7 LEU A 26 ? UNP P59641 ? ? 'expression tag' -5  26 
1 1UW7 PHE A 27 ? UNP P59641 ? ? 'expression tag' -4  27 
1 1UW7 GLN A 28 ? UNP P59641 ? ? 'expression tag' -3  28 
1 1UW7 GLY A 29 ? UNP P59641 ? ? 'expression tag' -2  29 
1 1UW7 PRO A 30 ? UNP P59641 ? ? 'expression tag' -1  30 
# 
_pdbx_struct_assembly.id                   1 
_pdbx_struct_assembly.details              author_and_software_defined_assembly 
_pdbx_struct_assembly.method_details       PISA 
_pdbx_struct_assembly.oligomeric_details   dimeric 
_pdbx_struct_assembly.oligomeric_count     2 
# 
loop_
_pdbx_struct_assembly_prop.biol_id 
_pdbx_struct_assembly_prop.type 
_pdbx_struct_assembly_prop.value 
_pdbx_struct_assembly_prop.details 
1 'ABSA (A^2)' 2430  ? 
1 MORE         -19.2 ? 
1 'SSA (A^2)'  12940 ? 
# 
_pdbx_struct_assembly_gen.assembly_id       1 
_pdbx_struct_assembly_gen.oper_expression   1,2 
_pdbx_struct_assembly_gen.asym_id_list      A 
# 
loop_
_pdbx_struct_oper_list.id 
_pdbx_struct_oper_list.type 
_pdbx_struct_oper_list.name 
_pdbx_struct_oper_list.symmetry_operation 
_pdbx_struct_oper_list.matrix[1][1] 
_pdbx_struct_oper_list.matrix[1][2] 
_pdbx_struct_oper_list.matrix[1][3] 
_pdbx_struct_oper_list.vector[1] 
_pdbx_struct_oper_list.matrix[2][1] 
_pdbx_struct_oper_list.matrix[2][2] 
_pdbx_struct_oper_list.matrix[2][3] 
_pdbx_struct_oper_list.vector[2] 
_pdbx_struct_oper_list.matrix[3][1] 
_pdbx_struct_oper_list.matrix[3][2] 
_pdbx_struct_oper_list.matrix[3][3] 
_pdbx_struct_oper_list.vector[3] 
1 'identity operation'         1_555 x,y,z   1.0000000000  0.0000000000 0.0000000000 0.0000000000  0.0000000000 1.0000000000  0.0000000000 0.0000000000   0.0000000000 0.0000000000 1.0000000000 0.0000000000  
2 'crystal symmetry operation' 5_555 -x,y,-z -0.6038648951 0.0970811673 0.7911525993 18.5821250012 0.0970811673 -0.9762082357 0.1938884409 -17.7002375645 0.7911525993 0.1938884409 0.5800731308 -7.1322173711 
# 
_struct_biol.id   1 
# 
loop_
_struct_conf.conf_type_id 
_struct_conf.id 
_struct_conf.pdbx_PDB_helix_id 
_struct_conf.beg_label_comp_id 
_struct_conf.beg_label_asym_id 
_struct_conf.beg_label_seq_id 
_struct_conf.pdbx_beg_PDB_ins_code 
_struct_conf.end_label_comp_id 
_struct_conf.end_label_asym_id 
_struct_conf.end_label_seq_id 
_struct_conf.pdbx_end_PDB_ins_code 
_struct_conf.beg_auth_comp_id 
_struct_conf.beg_auth_asym_id 
_struct_conf.beg_auth_seq_id 
_struct_conf.end_auth_comp_id 
_struct_conf.end_auth_asym_id 
_struct_conf.end_auth_seq_id 
_struct_conf.pdbx_PDB_helix_class 
_struct_conf.details 
_struct_conf.pdbx_PDB_helix_length 
HELX_P HELX_P1 1 ASN A 125 ? LEU A 136 ? ASN A 95  LEU A 106 1 ? 12 
HELX_P HELX_P2 2 LEU A 136 ? ARG A 141 ? LEU A 106 ARG A 111 1 ? 6  
# 
_struct_conf_type.id          HELX_P 
_struct_conf_type.criteria    ? 
_struct_conf_type.reference   ? 
# 
loop_
_struct_sheet.id 
_struct_sheet.type 
_struct_sheet.number_strands 
_struct_sheet.details 
AA ? 2 ? 
AB ? 5 ? 
AC ? 2 ? 
# 
loop_
_struct_sheet_order.sheet_id 
_struct_sheet_order.range_id_1 
_struct_sheet_order.range_id_2 
_struct_sheet_order.offset 
_struct_sheet_order.sense 
AA 1 2 ? anti-parallel 
AB 1 2 ? anti-parallel 
AB 2 3 ? anti-parallel 
AB 3 4 ? anti-parallel 
AB 4 5 ? anti-parallel 
AC 1 2 ? anti-parallel 
# 
loop_
_struct_sheet_range.sheet_id 
_struct_sheet_range.id 
_struct_sheet_range.beg_label_comp_id 
_struct_sheet_range.beg_label_asym_id 
_struct_sheet_range.beg_label_seq_id 
_struct_sheet_range.pdbx_beg_PDB_ins_code 
_struct_sheet_range.end_label_comp_id 
_struct_sheet_range.end_label_asym_id 
_struct_sheet_range.end_label_seq_id 
_struct_sheet_range.pdbx_end_PDB_ins_code 
_struct_sheet_range.beg_auth_comp_id 
_struct_sheet_range.beg_auth_asym_id 
_struct_sheet_range.beg_auth_seq_id 
_struct_sheet_range.end_auth_comp_id 
_struct_sheet_range.end_auth_asym_id 
_struct_sheet_range.end_auth_seq_id 
AA 1 GLU A 24  ? GLY A 29  ? GLU A -7 GLY A -2 
AA 2 GLU A 33  ? ALA A 38  ? GLU A 3  ALA A 8  
AB 1 ARG A 40  ? CYS A 44  ? ARG A 10 CYS A 14 
AB 2 ALA A 58  ? ASN A 63  ? ALA A 28 ASN A 33 
AB 3 PHE A 70  ? SER A 76  ? PHE A 40 SER A 46 
AB 4 LYS A 114 ? PHE A 120 ? LYS A 84 PHE A 90 
AB 5 ARG A 104 ? THR A 107 ? ARG A 74 THR A 77 
AC 1 TRP A 83  ? PRO A 87  ? TRP A 53 PRO A 57 
AC 2 THR A 94  ? GLU A 98  ? THR A 64 GLU A 68 
# 
loop_
_pdbx_struct_sheet_hbond.sheet_id 
_pdbx_struct_sheet_hbond.range_id_1 
_pdbx_struct_sheet_hbond.range_id_2 
_pdbx_struct_sheet_hbond.range_1_label_atom_id 
_pdbx_struct_sheet_hbond.range_1_label_comp_id 
_pdbx_struct_sheet_hbond.range_1_label_asym_id 
_pdbx_struct_sheet_hbond.range_1_label_seq_id 
_pdbx_struct_sheet_hbond.range_1_PDB_ins_code 
_pdbx_struct_sheet_hbond.range_1_auth_atom_id 
_pdbx_struct_sheet_hbond.range_1_auth_comp_id 
_pdbx_struct_sheet_hbond.range_1_auth_asym_id 
_pdbx_struct_sheet_hbond.range_1_auth_seq_id 
_pdbx_struct_sheet_hbond.range_2_label_atom_id 
_pdbx_struct_sheet_hbond.range_2_label_comp_id 
_pdbx_struct_sheet_hbond.range_2_label_asym_id 
_pdbx_struct_sheet_hbond.range_2_label_seq_id 
_pdbx_struct_sheet_hbond.range_2_PDB_ins_code 
_pdbx_struct_sheet_hbond.range_2_auth_atom_id 
_pdbx_struct_sheet_hbond.range_2_auth_comp_id 
_pdbx_struct_sheet_hbond.range_2_auth_asym_id 
_pdbx_struct_sheet_hbond.range_2_auth_seq_id 
AA 1 2 N GLY A 29  ? N GLY A -2 O GLU A 33  ? O GLU A 3  
AB 1 2 N CYS A 44  ? N CYS A 14 O ALA A 58  ? O ALA A 28 
AB 2 3 N ASN A 63  ? N ASN A 33 O PHE A 70  ? O PHE A 40 
AB 3 4 N SER A 76  ? N SER A 46 O TYR A 117 ? O TYR A 87 
AB 4 5 N LYS A 116 ? N LYS A 86 O PHE A 105 ? O PHE A 75 
AC 1 2 N PHE A 86  ? N PHE A 56 O ILE A 95  ? O ILE A 65 
# 
_pdbx_validate_symm_contact.id                1 
_pdbx_validate_symm_contact.PDB_model_num     1 
_pdbx_validate_symm_contact.auth_atom_id_1    OE2 
_pdbx_validate_symm_contact.auth_asym_id_1    A 
_pdbx_validate_symm_contact.auth_comp_id_1    GLU 
_pdbx_validate_symm_contact.auth_seq_id_1     3 
_pdbx_validate_symm_contact.PDB_ins_code_1    ? 
_pdbx_validate_symm_contact.label_alt_id_1    ? 
_pdbx_validate_symm_contact.site_symmetry_1   1_555 
_pdbx_validate_symm_contact.auth_atom_id_2    OE2 
_pdbx_validate_symm_contact.auth_asym_id_2    A 
_pdbx_validate_symm_contact.auth_comp_id_2    GLU 
_pdbx_validate_symm_contact.auth_seq_id_2     3 
_pdbx_validate_symm_contact.PDB_ins_code_2    ? 
_pdbx_validate_symm_contact.label_alt_id_2    ? 
_pdbx_validate_symm_contact.site_symmetry_2   7_465 
_pdbx_validate_symm_contact.dist              1.96 
# 
loop_
_pdbx_validate_torsion.id 
_pdbx_validate_torsion.PDB_model_num 
_pdbx_validate_torsion.auth_comp_id 
_pdbx_validate_torsion.auth_asym_id 
_pdbx_validate_torsion.auth_seq_id 
_pdbx_validate_torsion.PDB_ins_code 
_pdbx_validate_torsion.label_alt_id 
_pdbx_validate_torsion.phi 
_pdbx_validate_torsion.psi 
1 1 PRO A -1 ? ? -13.47  162.07 
2 1 THR A 24 ? ? -106.08 -86.41 
3 1 LYS A 36 ? ? -20.15  -48.61 
4 1 ARG A 39 ? ? 70.39   106.77 
5 1 LEU A 42 ? ? -121.82 -50.93 
6 1 LYS A 52 ? ? -156.88 -26.67 
7 1 SER A 59 ? ? -70.12  25.72  
8 1 THR A 62 ? ? -71.67  -73.81 
9 1 ASN A 95 ? ? -38.41  152.82 
# 
_pdbx_entry_details.entry_id                 1UW7 
_pdbx_entry_details.compound_details         'FUNCTION: PART OF THE REPLICASE COMPLEX' 
_pdbx_entry_details.source_details           ? 
_pdbx_entry_details.nonpolymer_details       ? 
_pdbx_entry_details.sequence_details         
;THE 30 N-TERMINAL RESIDUES ARE THE N-TERMINAL TAG.
THE FIRST NINE RESIDUES OF THE ENTRY CORRESPOND TO PART OF
THE N-TERMINAL TAG ADDED TO FACILITATE PURIFICATION AND ARE
NOT PART OF THE NATIVE PROTEIN.
;
_pdbx_entry_details.has_ligand_of_interest   ? 
# 
loop_
_pdbx_unobs_or_zero_occ_residues.id 
_pdbx_unobs_or_zero_occ_residues.PDB_model_num 
_pdbx_unobs_or_zero_occ_residues.polymer_flag 
_pdbx_unobs_or_zero_occ_residues.occupancy_flag 
_pdbx_unobs_or_zero_occ_residues.auth_asym_id 
_pdbx_unobs_or_zero_occ_residues.auth_comp_id 
_pdbx_unobs_or_zero_occ_residues.auth_seq_id 
_pdbx_unobs_or_zero_occ_residues.PDB_ins_code 
_pdbx_unobs_or_zero_occ_residues.label_asym_id 
_pdbx_unobs_or_zero_occ_residues.label_comp_id 
_pdbx_unobs_or_zero_occ_residues.label_seq_id 
1  1 Y 1 A MET -30 ? A MET 1  
2  1 Y 1 A SER -29 ? A SER 2  
3  1 Y 1 A TYR -28 ? A TYR 3  
4  1 Y 1 A TYR -27 ? A TYR 4  
5  1 Y 1 A HIS -26 ? A HIS 5  
6  1 Y 1 A HIS -25 ? A HIS 6  
7  1 Y 1 A HIS -24 ? A HIS 7  
8  1 Y 1 A HIS -23 ? A HIS 8  
9  1 Y 1 A HIS -22 ? A HIS 9  
10 1 Y 1 A HIS -21 ? A HIS 10 
11 1 Y 1 A LEU -20 ? A LEU 11 
12 1 Y 1 A GLU -19 ? A GLU 12 
13 1 Y 1 A SER -18 ? A SER 13 
14 1 Y 1 A THR -17 ? A THR 14 
15 1 Y 1 A SER -16 ? A SER 15 
16 1 Y 1 A LEU -15 ? A LEU 16 
17 1 Y 1 A TYR -14 ? A TYR 17 
18 1 Y 1 A LYS -13 ? A LYS 18 
19 1 Y 1 A LYS -12 ? A LYS 19 
20 1 Y 1 A ALA -11 ? A ALA 20 
21 1 Y 1 A GLY -10 ? A GLY 21 
# 
loop_
_chem_comp_atom.comp_id 
_chem_comp_atom.atom_id 
_chem_comp_atom.type_symbol 
_chem_comp_atom.pdbx_aromatic_flag 
_chem_comp_atom.pdbx_stereo_config 
_chem_comp_atom.pdbx_ordinal 
ALA N    N N N 1   
ALA CA   C N S 2   
ALA C    C N N 3   
ALA O    O N N 4   
ALA CB   C N N 5   
ALA OXT  O N N 6   
ALA H    H N N 7   
ALA H2   H N N 8   
ALA HA   H N N 9   
ALA HB1  H N N 10  
ALA HB2  H N N 11  
ALA HB3  H N N 12  
ALA HXT  H N N 13  
ARG N    N N N 14  
ARG CA   C N S 15  
ARG C    C N N 16  
ARG O    O N N 17  
ARG CB   C N N 18  
ARG CG   C N N 19  
ARG CD   C N N 20  
ARG NE   N N N 21  
ARG CZ   C N N 22  
ARG NH1  N N N 23  
ARG NH2  N N N 24  
ARG OXT  O N N 25  
ARG H    H N N 26  
ARG H2   H N N 27  
ARG HA   H N N 28  
ARG HB2  H N N 29  
ARG HB3  H N N 30  
ARG HG2  H N N 31  
ARG HG3  H N N 32  
ARG HD2  H N N 33  
ARG HD3  H N N 34  
ARG HE   H N N 35  
ARG HH11 H N N 36  
ARG HH12 H N N 37  
ARG HH21 H N N 38  
ARG HH22 H N N 39  
ARG HXT  H N N 40  
ASN N    N N N 41  
ASN CA   C N S 42  
ASN C    C N N 43  
ASN O    O N N 44  
ASN CB   C N N 45  
ASN CG   C N N 46  
ASN OD1  O N N 47  
ASN ND2  N N N 48  
ASN OXT  O N N 49  
ASN H    H N N 50  
ASN H2   H N N 51  
ASN HA   H N N 52  
ASN HB2  H N N 53  
ASN HB3  H N N 54  
ASN HD21 H N N 55  
ASN HD22 H N N 56  
ASN HXT  H N N 57  
ASP N    N N N 58  
ASP CA   C N S 59  
ASP C    C N N 60  
ASP O    O N N 61  
ASP CB   C N N 62  
ASP CG   C N N 63  
ASP OD1  O N N 64  
ASP OD2  O N N 65  
ASP OXT  O N N 66  
ASP H    H N N 67  
ASP H2   H N N 68  
ASP HA   H N N 69  
ASP HB2  H N N 70  
ASP HB3  H N N 71  
ASP HD2  H N N 72  
ASP HXT  H N N 73  
CYS N    N N N 74  
CYS CA   C N R 75  
CYS C    C N N 76  
CYS O    O N N 77  
CYS CB   C N N 78  
CYS SG   S N N 79  
CYS OXT  O N N 80  
CYS H    H N N 81  
CYS H2   H N N 82  
CYS HA   H N N 83  
CYS HB2  H N N 84  
CYS HB3  H N N 85  
CYS HG   H N N 86  
CYS HXT  H N N 87  
GLN N    N N N 88  
GLN CA   C N S 89  
GLN C    C N N 90  
GLN O    O N N 91  
GLN CB   C N N 92  
GLN CG   C N N 93  
GLN CD   C N N 94  
GLN OE1  O N N 95  
GLN NE2  N N N 96  
GLN OXT  O N N 97  
GLN H    H N N 98  
GLN H2   H N N 99  
GLN HA   H N N 100 
GLN HB2  H N N 101 
GLN HB3  H N N 102 
GLN HG2  H N N 103 
GLN HG3  H N N 104 
GLN HE21 H N N 105 
GLN HE22 H N N 106 
GLN HXT  H N N 107 
GLU N    N N N 108 
GLU CA   C N S 109 
GLU C    C N N 110 
GLU O    O N N 111 
GLU CB   C N N 112 
GLU CG   C N N 113 
GLU CD   C N N 114 
GLU OE1  O N N 115 
GLU OE2  O N N 116 
GLU OXT  O N N 117 
GLU H    H N N 118 
GLU H2   H N N 119 
GLU HA   H N N 120 
GLU HB2  H N N 121 
GLU HB3  H N N 122 
GLU HG2  H N N 123 
GLU HG3  H N N 124 
GLU HE2  H N N 125 
GLU HXT  H N N 126 
GLY N    N N N 127 
GLY CA   C N N 128 
GLY C    C N N 129 
GLY O    O N N 130 
GLY OXT  O N N 131 
GLY H    H N N 132 
GLY H2   H N N 133 
GLY HA2  H N N 134 
GLY HA3  H N N 135 
GLY HXT  H N N 136 
HIS N    N N N 137 
HIS CA   C N S 138 
HIS C    C N N 139 
HIS O    O N N 140 
HIS CB   C N N 141 
HIS CG   C Y N 142 
HIS ND1  N Y N 143 
HIS CD2  C Y N 144 
HIS CE1  C Y N 145 
HIS NE2  N Y N 146 
HIS OXT  O N N 147 
HIS H    H N N 148 
HIS H2   H N N 149 
HIS HA   H N N 150 
HIS HB2  H N N 151 
HIS HB3  H N N 152 
HIS HD1  H N N 153 
HIS HD2  H N N 154 
HIS HE1  H N N 155 
HIS HE2  H N N 156 
HIS HXT  H N N 157 
ILE N    N N N 158 
ILE CA   C N S 159 
ILE C    C N N 160 
ILE O    O N N 161 
ILE CB   C N S 162 
ILE CG1  C N N 163 
ILE CG2  C N N 164 
ILE CD1  C N N 165 
ILE OXT  O N N 166 
ILE H    H N N 167 
ILE H2   H N N 168 
ILE HA   H N N 169 
ILE HB   H N N 170 
ILE HG12 H N N 171 
ILE HG13 H N N 172 
ILE HG21 H N N 173 
ILE HG22 H N N 174 
ILE HG23 H N N 175 
ILE HD11 H N N 176 
ILE HD12 H N N 177 
ILE HD13 H N N 178 
ILE HXT  H N N 179 
LEU N    N N N 180 
LEU CA   C N S 181 
LEU C    C N N 182 
LEU O    O N N 183 
LEU CB   C N N 184 
LEU CG   C N N 185 
LEU CD1  C N N 186 
LEU CD2  C N N 187 
LEU OXT  O N N 188 
LEU H    H N N 189 
LEU H2   H N N 190 
LEU HA   H N N 191 
LEU HB2  H N N 192 
LEU HB3  H N N 193 
LEU HG   H N N 194 
LEU HD11 H N N 195 
LEU HD12 H N N 196 
LEU HD13 H N N 197 
LEU HD21 H N N 198 
LEU HD22 H N N 199 
LEU HD23 H N N 200 
LEU HXT  H N N 201 
LYS N    N N N 202 
LYS CA   C N S 203 
LYS C    C N N 204 
LYS O    O N N 205 
LYS CB   C N N 206 
LYS CG   C N N 207 
LYS CD   C N N 208 
LYS CE   C N N 209 
LYS NZ   N N N 210 
LYS OXT  O N N 211 
LYS H    H N N 212 
LYS H2   H N N 213 
LYS HA   H N N 214 
LYS HB2  H N N 215 
LYS HB3  H N N 216 
LYS HG2  H N N 217 
LYS HG3  H N N 218 
LYS HD2  H N N 219 
LYS HD3  H N N 220 
LYS HE2  H N N 221 
LYS HE3  H N N 222 
LYS HZ1  H N N 223 
LYS HZ2  H N N 224 
LYS HZ3  H N N 225 
LYS HXT  H N N 226 
MET N    N N N 227 
MET CA   C N S 228 
MET C    C N N 229 
MET O    O N N 230 
MET CB   C N N 231 
MET CG   C N N 232 
MET SD   S N N 233 
MET CE   C N N 234 
MET OXT  O N N 235 
MET H    H N N 236 
MET H2   H N N 237 
MET HA   H N N 238 
MET HB2  H N N 239 
MET HB3  H N N 240 
MET HG2  H N N 241 
MET HG3  H N N 242 
MET HE1  H N N 243 
MET HE2  H N N 244 
MET HE3  H N N 245 
MET HXT  H N N 246 
PHE N    N N N 247 
PHE CA   C N S 248 
PHE C    C N N 249 
PHE O    O N N 250 
PHE CB   C N N 251 
PHE CG   C Y N 252 
PHE CD1  C Y N 253 
PHE CD2  C Y N 254 
PHE CE1  C Y N 255 
PHE CE2  C Y N 256 
PHE CZ   C Y N 257 
PHE OXT  O N N 258 
PHE H    H N N 259 
PHE H2   H N N 260 
PHE HA   H N N 261 
PHE HB2  H N N 262 
PHE HB3  H N N 263 
PHE HD1  H N N 264 
PHE HD2  H N N 265 
PHE HE1  H N N 266 
PHE HE2  H N N 267 
PHE HZ   H N N 268 
PHE HXT  H N N 269 
PRO N    N N N 270 
PRO CA   C N S 271 
PRO C    C N N 272 
PRO O    O N N 273 
PRO CB   C N N 274 
PRO CG   C N N 275 
PRO CD   C N N 276 
PRO OXT  O N N 277 
PRO H    H N N 278 
PRO HA   H N N 279 
PRO HB2  H N N 280 
PRO HB3  H N N 281 
PRO HG2  H N N 282 
PRO HG3  H N N 283 
PRO HD2  H N N 284 
PRO HD3  H N N 285 
PRO HXT  H N N 286 
SER N    N N N 287 
SER CA   C N S 288 
SER C    C N N 289 
SER O    O N N 290 
SER CB   C N N 291 
SER OG   O N N 292 
SER OXT  O N N 293 
SER H    H N N 294 
SER H2   H N N 295 
SER HA   H N N 296 
SER HB2  H N N 297 
SER HB3  H N N 298 
SER HG   H N N 299 
SER HXT  H N N 300 
THR N    N N N 301 
THR CA   C N S 302 
THR C    C N N 303 
THR O    O N N 304 
THR CB   C N R 305 
THR OG1  O N N 306 
THR CG2  C N N 307 
THR OXT  O N N 308 
THR H    H N N 309 
THR H2   H N N 310 
THR HA   H N N 311 
THR HB   H N N 312 
THR HG1  H N N 313 
THR HG21 H N N 314 
THR HG22 H N N 315 
THR HG23 H N N 316 
THR HXT  H N N 317 
TRP N    N N N 318 
TRP CA   C N S 319 
TRP C    C N N 320 
TRP O    O N N 321 
TRP CB   C N N 322 
TRP CG   C Y N 323 
TRP CD1  C Y N 324 
TRP CD2  C Y N 325 
TRP NE1  N Y N 326 
TRP CE2  C Y N 327 
TRP CE3  C Y N 328 
TRP CZ2  C Y N 329 
TRP CZ3  C Y N 330 
TRP CH2  C Y N 331 
TRP OXT  O N N 332 
TRP H    H N N 333 
TRP H2   H N N 334 
TRP HA   H N N 335 
TRP HB2  H N N 336 
TRP HB3  H N N 337 
TRP HD1  H N N 338 
TRP HE1  H N N 339 
TRP HE3  H N N 340 
TRP HZ2  H N N 341 
TRP HZ3  H N N 342 
TRP HH2  H N N 343 
TRP HXT  H N N 344 
TYR N    N N N 345 
TYR CA   C N S 346 
TYR C    C N N 347 
TYR O    O N N 348 
TYR CB   C N N 349 
TYR CG   C Y N 350 
TYR CD1  C Y N 351 
TYR CD2  C Y N 352 
TYR CE1  C Y N 353 
TYR CE2  C Y N 354 
TYR CZ   C Y N 355 
TYR OH   O N N 356 
TYR OXT  O N N 357 
TYR H    H N N 358 
TYR H2   H N N 359 
TYR HA   H N N 360 
TYR HB2  H N N 361 
TYR HB3  H N N 362 
TYR HD1  H N N 363 
TYR HD2  H N N 364 
TYR HE1  H N N 365 
TYR HE2  H N N 366 
TYR HH   H N N 367 
TYR HXT  H N N 368 
VAL N    N N N 369 
VAL CA   C N S 370 
VAL C    C N N 371 
VAL O    O N N 372 
VAL CB   C N N 373 
VAL CG1  C N N 374 
VAL CG2  C N N 375 
VAL OXT  O N N 376 
VAL H    H N N 377 
VAL H2   H N N 378 
VAL HA   H N N 379 
VAL HB   H N N 380 
VAL HG11 H N N 381 
VAL HG12 H N N 382 
VAL HG13 H N N 383 
VAL HG21 H N N 384 
VAL HG22 H N N 385 
VAL HG23 H N N 386 
VAL HXT  H N N 387 
# 
loop_
_chem_comp_bond.comp_id 
_chem_comp_bond.atom_id_1 
_chem_comp_bond.atom_id_2 
_chem_comp_bond.value_order 
_chem_comp_bond.pdbx_aromatic_flag 
_chem_comp_bond.pdbx_stereo_config 
_chem_comp_bond.pdbx_ordinal 
ALA N   CA   sing N N 1   
ALA N   H    sing N N 2   
ALA N   H2   sing N N 3   
ALA CA  C    sing N N 4   
ALA CA  CB   sing N N 5   
ALA CA  HA   sing N N 6   
ALA C   O    doub N N 7   
ALA C   OXT  sing N N 8   
ALA CB  HB1  sing N N 9   
ALA CB  HB2  sing N N 10  
ALA CB  HB3  sing N N 11  
ALA OXT HXT  sing N N 12  
ARG N   CA   sing N N 13  
ARG N   H    sing N N 14  
ARG N   H2   sing N N 15  
ARG CA  C    sing N N 16  
ARG CA  CB   sing N N 17  
ARG CA  HA   sing N N 18  
ARG C   O    doub N N 19  
ARG C   OXT  sing N N 20  
ARG CB  CG   sing N N 21  
ARG CB  HB2  sing N N 22  
ARG CB  HB3  sing N N 23  
ARG CG  CD   sing N N 24  
ARG CG  HG2  sing N N 25  
ARG CG  HG3  sing N N 26  
ARG CD  NE   sing N N 27  
ARG CD  HD2  sing N N 28  
ARG CD  HD3  sing N N 29  
ARG NE  CZ   sing N N 30  
ARG NE  HE   sing N N 31  
ARG CZ  NH1  sing N N 32  
ARG CZ  NH2  doub N N 33  
ARG NH1 HH11 sing N N 34  
ARG NH1 HH12 sing N N 35  
ARG NH2 HH21 sing N N 36  
ARG NH2 HH22 sing N N 37  
ARG OXT HXT  sing N N 38  
ASN N   CA   sing N N 39  
ASN N   H    sing N N 40  
ASN N   H2   sing N N 41  
ASN CA  C    sing N N 42  
ASN CA  CB   sing N N 43  
ASN CA  HA   sing N N 44  
ASN C   O    doub N N 45  
ASN C   OXT  sing N N 46  
ASN CB  CG   sing N N 47  
ASN CB  HB2  sing N N 48  
ASN CB  HB3  sing N N 49  
ASN CG  OD1  doub N N 50  
ASN CG  ND2  sing N N 51  
ASN ND2 HD21 sing N N 52  
ASN ND2 HD22 sing N N 53  
ASN OXT HXT  sing N N 54  
ASP N   CA   sing N N 55  
ASP N   H    sing N N 56  
ASP N   H2   sing N N 57  
ASP CA  C    sing N N 58  
ASP CA  CB   sing N N 59  
ASP CA  HA   sing N N 60  
ASP C   O    doub N N 61  
ASP C   OXT  sing N N 62  
ASP CB  CG   sing N N 63  
ASP CB  HB2  sing N N 64  
ASP CB  HB3  sing N N 65  
ASP CG  OD1  doub N N 66  
ASP CG  OD2  sing N N 67  
ASP OD2 HD2  sing N N 68  
ASP OXT HXT  sing N N 69  
CYS N   CA   sing N N 70  
CYS N   H    sing N N 71  
CYS N   H2   sing N N 72  
CYS CA  C    sing N N 73  
CYS CA  CB   sing N N 74  
CYS CA  HA   sing N N 75  
CYS C   O    doub N N 76  
CYS C   OXT  sing N N 77  
CYS CB  SG   sing N N 78  
CYS CB  HB2  sing N N 79  
CYS CB  HB3  sing N N 80  
CYS SG  HG   sing N N 81  
CYS OXT HXT  sing N N 82  
GLN N   CA   sing N N 83  
GLN N   H    sing N N 84  
GLN N   H2   sing N N 85  
GLN CA  C    sing N N 86  
GLN CA  CB   sing N N 87  
GLN CA  HA   sing N N 88  
GLN C   O    doub N N 89  
GLN C   OXT  sing N N 90  
GLN CB  CG   sing N N 91  
GLN CB  HB2  sing N N 92  
GLN CB  HB3  sing N N 93  
GLN CG  CD   sing N N 94  
GLN CG  HG2  sing N N 95  
GLN CG  HG3  sing N N 96  
GLN CD  OE1  doub N N 97  
GLN CD  NE2  sing N N 98  
GLN NE2 HE21 sing N N 99  
GLN NE2 HE22 sing N N 100 
GLN OXT HXT  sing N N 101 
GLU N   CA   sing N N 102 
GLU N   H    sing N N 103 
GLU N   H2   sing N N 104 
GLU CA  C    sing N N 105 
GLU CA  CB   sing N N 106 
GLU CA  HA   sing N N 107 
GLU C   O    doub N N 108 
GLU C   OXT  sing N N 109 
GLU CB  CG   sing N N 110 
GLU CB  HB2  sing N N 111 
GLU CB  HB3  sing N N 112 
GLU CG  CD   sing N N 113 
GLU CG  HG2  sing N N 114 
GLU CG  HG3  sing N N 115 
GLU CD  OE1  doub N N 116 
GLU CD  OE2  sing N N 117 
GLU OE2 HE2  sing N N 118 
GLU OXT HXT  sing N N 119 
GLY N   CA   sing N N 120 
GLY N   H    sing N N 121 
GLY N   H2   sing N N 122 
GLY CA  C    sing N N 123 
GLY CA  HA2  sing N N 124 
GLY CA  HA3  sing N N 125 
GLY C   O    doub N N 126 
GLY C   OXT  sing N N 127 
GLY OXT HXT  sing N N 128 
HIS N   CA   sing N N 129 
HIS N   H    sing N N 130 
HIS N   H2   sing N N 131 
HIS CA  C    sing N N 132 
HIS CA  CB   sing N N 133 
HIS CA  HA   sing N N 134 
HIS C   O    doub N N 135 
HIS C   OXT  sing N N 136 
HIS CB  CG   sing N N 137 
HIS CB  HB2  sing N N 138 
HIS CB  HB3  sing N N 139 
HIS CG  ND1  sing Y N 140 
HIS CG  CD2  doub Y N 141 
HIS ND1 CE1  doub Y N 142 
HIS ND1 HD1  sing N N 143 
HIS CD2 NE2  sing Y N 144 
HIS CD2 HD2  sing N N 145 
HIS CE1 NE2  sing Y N 146 
HIS CE1 HE1  sing N N 147 
HIS NE2 HE2  sing N N 148 
HIS OXT HXT  sing N N 149 
ILE N   CA   sing N N 150 
ILE N   H    sing N N 151 
ILE N   H2   sing N N 152 
ILE CA  C    sing N N 153 
ILE CA  CB   sing N N 154 
ILE CA  HA   sing N N 155 
ILE C   O    doub N N 156 
ILE C   OXT  sing N N 157 
ILE CB  CG1  sing N N 158 
ILE CB  CG2  sing N N 159 
ILE CB  HB   sing N N 160 
ILE CG1 CD1  sing N N 161 
ILE CG1 HG12 sing N N 162 
ILE CG1 HG13 sing N N 163 
ILE CG2 HG21 sing N N 164 
ILE CG2 HG22 sing N N 165 
ILE CG2 HG23 sing N N 166 
ILE CD1 HD11 sing N N 167 
ILE CD1 HD12 sing N N 168 
ILE CD1 HD13 sing N N 169 
ILE OXT HXT  sing N N 170 
LEU N   CA   sing N N 171 
LEU N   H    sing N N 172 
LEU N   H2   sing N N 173 
LEU CA  C    sing N N 174 
LEU CA  CB   sing N N 175 
LEU CA  HA   sing N N 176 
LEU C   O    doub N N 177 
LEU C   OXT  sing N N 178 
LEU CB  CG   sing N N 179 
LEU CB  HB2  sing N N 180 
LEU CB  HB3  sing N N 181 
LEU CG  CD1  sing N N 182 
LEU CG  CD2  sing N N 183 
LEU CG  HG   sing N N 184 
LEU CD1 HD11 sing N N 185 
LEU CD1 HD12 sing N N 186 
LEU CD1 HD13 sing N N 187 
LEU CD2 HD21 sing N N 188 
LEU CD2 HD22 sing N N 189 
LEU CD2 HD23 sing N N 190 
LEU OXT HXT  sing N N 191 
LYS N   CA   sing N N 192 
LYS N   H    sing N N 193 
LYS N   H2   sing N N 194 
LYS CA  C    sing N N 195 
LYS CA  CB   sing N N 196 
LYS CA  HA   sing N N 197 
LYS C   O    doub N N 198 
LYS C   OXT  sing N N 199 
LYS CB  CG   sing N N 200 
LYS CB  HB2  sing N N 201 
LYS CB  HB3  sing N N 202 
LYS CG  CD   sing N N 203 
LYS CG  HG2  sing N N 204 
LYS CG  HG3  sing N N 205 
LYS CD  CE   sing N N 206 
LYS CD  HD2  sing N N 207 
LYS CD  HD3  sing N N 208 
LYS CE  NZ   sing N N 209 
LYS CE  HE2  sing N N 210 
LYS CE  HE3  sing N N 211 
LYS NZ  HZ1  sing N N 212 
LYS NZ  HZ2  sing N N 213 
LYS NZ  HZ3  sing N N 214 
LYS OXT HXT  sing N N 215 
MET N   CA   sing N N 216 
MET N   H    sing N N 217 
MET N   H2   sing N N 218 
MET CA  C    sing N N 219 
MET CA  CB   sing N N 220 
MET CA  HA   sing N N 221 
MET C   O    doub N N 222 
MET C   OXT  sing N N 223 
MET CB  CG   sing N N 224 
MET CB  HB2  sing N N 225 
MET CB  HB3  sing N N 226 
MET CG  SD   sing N N 227 
MET CG  HG2  sing N N 228 
MET CG  HG3  sing N N 229 
MET SD  CE   sing N N 230 
MET CE  HE1  sing N N 231 
MET CE  HE2  sing N N 232 
MET CE  HE3  sing N N 233 
MET OXT HXT  sing N N 234 
PHE N   CA   sing N N 235 
PHE N   H    sing N N 236 
PHE N   H2   sing N N 237 
PHE CA  C    sing N N 238 
PHE CA  CB   sing N N 239 
PHE CA  HA   sing N N 240 
PHE C   O    doub N N 241 
PHE C   OXT  sing N N 242 
PHE CB  CG   sing N N 243 
PHE CB  HB2  sing N N 244 
PHE CB  HB3  sing N N 245 
PHE CG  CD1  doub Y N 246 
PHE CG  CD2  sing Y N 247 
PHE CD1 CE1  sing Y N 248 
PHE CD1 HD1  sing N N 249 
PHE CD2 CE2  doub Y N 250 
PHE CD2 HD2  sing N N 251 
PHE CE1 CZ   doub Y N 252 
PHE CE1 HE1  sing N N 253 
PHE CE2 CZ   sing Y N 254 
PHE CE2 HE2  sing N N 255 
PHE CZ  HZ   sing N N 256 
PHE OXT HXT  sing N N 257 
PRO N   CA   sing N N 258 
PRO N   CD   sing N N 259 
PRO N   H    sing N N 260 
PRO CA  C    sing N N 261 
PRO CA  CB   sing N N 262 
PRO CA  HA   sing N N 263 
PRO C   O    doub N N 264 
PRO C   OXT  sing N N 265 
PRO CB  CG   sing N N 266 
PRO CB  HB2  sing N N 267 
PRO CB  HB3  sing N N 268 
PRO CG  CD   sing N N 269 
PRO CG  HG2  sing N N 270 
PRO CG  HG3  sing N N 271 
PRO CD  HD2  sing N N 272 
PRO CD  HD3  sing N N 273 
PRO OXT HXT  sing N N 274 
SER N   CA   sing N N 275 
SER N   H    sing N N 276 
SER N   H2   sing N N 277 
SER CA  C    sing N N 278 
SER CA  CB   sing N N 279 
SER CA  HA   sing N N 280 
SER C   O    doub N N 281 
SER C   OXT  sing N N 282 
SER CB  OG   sing N N 283 
SER CB  HB2  sing N N 284 
SER CB  HB3  sing N N 285 
SER OG  HG   sing N N 286 
SER OXT HXT  sing N N 287 
THR N   CA   sing N N 288 
THR N   H    sing N N 289 
THR N   H2   sing N N 290 
THR CA  C    sing N N 291 
THR CA  CB   sing N N 292 
THR CA  HA   sing N N 293 
THR C   O    doub N N 294 
THR C   OXT  sing N N 295 
THR CB  OG1  sing N N 296 
THR CB  CG2  sing N N 297 
THR CB  HB   sing N N 298 
THR OG1 HG1  sing N N 299 
THR CG2 HG21 sing N N 300 
THR CG2 HG22 sing N N 301 
THR CG2 HG23 sing N N 302 
THR OXT HXT  sing N N 303 
TRP N   CA   sing N N 304 
TRP N   H    sing N N 305 
TRP N   H2   sing N N 306 
TRP CA  C    sing N N 307 
TRP CA  CB   sing N N 308 
TRP CA  HA   sing N N 309 
TRP C   O    doub N N 310 
TRP C   OXT  sing N N 311 
TRP CB  CG   sing N N 312 
TRP CB  HB2  sing N N 313 
TRP CB  HB3  sing N N 314 
TRP CG  CD1  doub Y N 315 
TRP CG  CD2  sing Y N 316 
TRP CD1 NE1  sing Y N 317 
TRP CD1 HD1  sing N N 318 
TRP CD2 CE2  doub Y N 319 
TRP CD2 CE3  sing Y N 320 
TRP NE1 CE2  sing Y N 321 
TRP NE1 HE1  sing N N 322 
TRP CE2 CZ2  sing Y N 323 
TRP CE3 CZ3  doub Y N 324 
TRP CE3 HE3  sing N N 325 
TRP CZ2 CH2  doub Y N 326 
TRP CZ2 HZ2  sing N N 327 
TRP CZ3 CH2  sing Y N 328 
TRP CZ3 HZ3  sing N N 329 
TRP CH2 HH2  sing N N 330 
TRP OXT HXT  sing N N 331 
TYR N   CA   sing N N 332 
TYR N   H    sing N N 333 
TYR N   H2   sing N N 334 
TYR CA  C    sing N N 335 
TYR CA  CB   sing N N 336 
TYR CA  HA   sing N N 337 
TYR C   O    doub N N 338 
TYR C   OXT  sing N N 339 
TYR CB  CG   sing N N 340 
TYR CB  HB2  sing N N 341 
TYR CB  HB3  sing N N 342 
TYR CG  CD1  doub Y N 343 
TYR CG  CD2  sing Y N 344 
TYR CD1 CE1  sing Y N 345 
TYR CD1 HD1  sing N N 346 
TYR CD2 CE2  doub Y N 347 
TYR CD2 HD2  sing N N 348 
TYR CE1 CZ   doub Y N 349 
TYR CE1 HE1  sing N N 350 
TYR CE2 CZ   sing Y N 351 
TYR CE2 HE2  sing N N 352 
TYR CZ  OH   sing N N 353 
TYR OH  HH   sing N N 354 
TYR OXT HXT  sing N N 355 
VAL N   CA   sing N N 356 
VAL N   H    sing N N 357 
VAL N   H2   sing N N 358 
VAL CA  C    sing N N 359 
VAL CA  CB   sing N N 360 
VAL CA  HA   sing N N 361 
VAL C   O    doub N N 362 
VAL C   OXT  sing N N 363 
VAL CB  CG1  sing N N 364 
VAL CB  CG2  sing N N 365 
VAL CB  HB   sing N N 366 
VAL CG1 HG11 sing N N 367 
VAL CG1 HG12 sing N N 368 
VAL CG1 HG13 sing N N 369 
VAL CG2 HG21 sing N N 370 
VAL CG2 HG22 sing N N 371 
VAL CG2 HG23 sing N N 372 
VAL OXT HXT  sing N N 373 
# 
_atom_sites.entry_id                    1UW7 
_atom_sites.fract_transf_matrix[1][1]   -0.01543920 
_atom_sites.fract_transf_matrix[1][2]   0.00084117 
_atom_sites.fract_transf_matrix[1][3]   0.00762729 
_atom_sites.fract_transf_matrix[2][1]   0.00767307 
_atom_sites.fract_transf_matrix[2][2]   0.00188045 
_atom_sites.fract_transf_matrix[2][3]   0.01532449 
_atom_sites.fract_transf_matrix[3][1]   -0.00005748 
_atom_sites.fract_transf_matrix[3][2]   0.01168072 
_atom_sites.fract_transf_matrix[3][3]   -0.00140454 
_atom_sites.fract_transf_vector[1]      0.178091 
_atom_sites.fract_transf_vector[2]      0.665814 
_atom_sites.fract_transf_vector[3]      0.098901 
# 
loop_
_atom_type.symbol 
C 
N 
O 
S 
# 
loop_
_atom_site.group_PDB 
_atom_site.id 
_atom_site.type_symbol 
_atom_site.label_atom_id 
_atom_site.label_alt_id 
_atom_site.label_comp_id 
_atom_site.label_asym_id 
_atom_site.label_entity_id 
_atom_site.label_seq_id 
_atom_site.pdbx_PDB_ins_code 
_atom_site.Cartn_x 
_atom_site.Cartn_y 
_atom_site.Cartn_z 
_atom_site.occupancy 
_atom_site.B_iso_or_equiv 
_atom_site.pdbx_formal_charge 
_atom_site.auth_seq_id 
_atom_site.auth_comp_id 
_atom_site.auth_asym_id 
_atom_site.auth_atom_id 
_atom_site.pdbx_PDB_model_num 
ATOM 1   N N   . PHE A 1 22  ? 10.138  0.591   8.224   1.00 76.23  ? -9  PHE A N   1 
ATOM 2   C CA  . PHE A 1 22  ? 10.072  1.219   6.872   1.00 76.17  ? -9  PHE A CA  1 
ATOM 3   C C   . PHE A 1 22  ? 10.566  0.273   5.766   1.00 73.31  ? -9  PHE A C   1 
ATOM 4   O O   . PHE A 1 22  ? 11.771  0.100   5.560   1.00 71.29  ? -9  PHE A O   1 
ATOM 5   C CB  . PHE A 1 22  ? 10.898  2.498   6.869   1.00 87.31  ? -9  PHE A CB  1 
ATOM 6   C CG  . PHE A 1 22  ? 10.647  3.360   5.684   1.00 99.54  ? -9  PHE A CG  1 
ATOM 7   C CD1 . PHE A 1 22  ? 9.369   3.842   5.430   1.00 118.49 ? -9  PHE A CD1 1 
ATOM 8   C CD2 . PHE A 1 22  ? 11.674  3.684   4.810   1.00 107.79 ? -9  PHE A CD2 1 
ATOM 9   C CE1 . PHE A 1 22  ? 9.114   4.634   4.318   1.00 135.91 ? -9  PHE A CE1 1 
ATOM 10  C CE2 . PHE A 1 22  ? 11.433  4.476   3.696   1.00 116.59 ? -9  PHE A CE2 1 
ATOM 11  C CZ  . PHE A 1 22  ? 10.151  4.953   3.446   1.00 133.01 ? -9  PHE A CZ  1 
ATOM 12  N N   . LEU A 1 23  ? 9.623   -0.319  5.041   1.00 64.78  ? -8  LEU A N   1 
ATOM 13  C CA  . LEU A 1 23  ? 9.945   -1.276  3.991   1.00 50.45  ? -8  LEU A CA  1 
ATOM 14  C C   . LEU A 1 23  ? 10.733  -0.771  2.794   1.00 45.54  ? -8  LEU A C   1 
ATOM 15  O O   . LEU A 1 23  ? 10.807  0.426   2.523   1.00 44.95  ? -8  LEU A O   1 
ATOM 16  C CB  . LEU A 1 23  ? 8.672   -1.939  3.491   1.00 54.05  ? -8  LEU A CB  1 
ATOM 17  C CG  . LEU A 1 23  ? 7.985   -2.891  4.463   1.00 46.83  ? -8  LEU A CG  1 
ATOM 18  C CD1 . LEU A 1 23  ? 7.529   -2.159  5.717   1.00 58.49  ? -8  LEU A CD1 1 
ATOM 19  C CD2 . LEU A 1 23  ? 6.808   -3.505  3.745   1.00 57.52  ? -8  LEU A CD2 1 
ATOM 20  N N   . GLU A 1 24  ? 11.301  -1.723  2.066   1.00 32.51  ? -7  GLU A N   1 
ATOM 21  C CA  . GLU A 1 24  ? 12.112  -1.441  0.894   1.00 43.14  ? -7  GLU A CA  1 
ATOM 22  C C   . GLU A 1 24  ? 11.872  -2.401  -0.249  1.00 49.59  ? -7  GLU A C   1 
ATOM 23  O O   . GLU A 1 24  ? 11.187  -3.424  -0.121  1.00 52.19  ? -7  GLU A O   1 
ATOM 24  C CB  . GLU A 1 24  ? 13.597  -1.522  1.235   1.00 21.92  ? -7  GLU A CB  1 
ATOM 25  C CG  . GLU A 1 24  ? 14.199  -0.228  1.699   1.00 56.65  ? -7  GLU A CG  1 
ATOM 26  C CD  . GLU A 1 24  ? 15.300  0.211   0.777   1.00 49.14  ? -7  GLU A CD  1 
ATOM 27  O OE1 . GLU A 1 24  ? 16.066  -0.675  0.337   1.00 59.23  ? -7  GLU A OE1 1 
ATOM 28  O OE2 . GLU A 1 24  ? 15.404  1.427   0.500   1.00 38.01  ? -7  GLU A OE2 1 
ATOM 29  N N   . VAL A 1 25  ? 12.499  -2.060  -1.364  1.00 42.52  ? -6  VAL A N   1 
ATOM 30  C CA  . VAL A 1 25  ? 12.440  -2.833  -2.591  1.00 45.40  ? -6  VAL A CA  1 
ATOM 31  C C   . VAL A 1 25  ? 13.570  -2.277  -3.426  1.00 37.68  ? -6  VAL A C   1 
ATOM 32  O O   . VAL A 1 25  ? 13.747  -1.068  -3.478  1.00 45.93  ? -6  VAL A O   1 
ATOM 33  C CB  . VAL A 1 25  ? 11.114  -2.616  -3.315  1.00 36.27  ? -6  VAL A CB  1 
ATOM 34  C CG1 . VAL A 1 25  ? 10.045  -3.490  -2.689  1.00 59.03  ? -6  VAL A CG1 1 
ATOM 35  C CG2 . VAL A 1 25  ? 10.707  -1.143  -3.218  1.00 64.77  ? -6  VAL A CG2 1 
ATOM 36  N N   . LEU A 1 26  ? 14.368  -3.131  -4.052  1.00 42.86  ? -5  LEU A N   1 
ATOM 37  C CA  . LEU A 1 26  ? 15.452  -2.587  -4.850  1.00 50.84  ? -5  LEU A CA  1 
ATOM 38  C C   . LEU A 1 26  ? 14.971  -2.284  -6.281  1.00 52.09  ? -5  LEU A C   1 
ATOM 39  O O   . LEU A 1 26  ? 14.240  -3.060  -6.906  1.00 32.85  ? -5  LEU A O   1 
ATOM 40  C CB  . LEU A 1 26  ? 16.676  -3.519  -4.807  1.00 24.29  ? -5  LEU A CB  1 
ATOM 41  C CG  . LEU A 1 26  ? 16.497  -4.962  -5.238  1.00 31.29  ? -5  LEU A CG  1 
ATOM 42  C CD1 . LEU A 1 26  ? 16.359  -5.012  -6.739  1.00 31.81  ? -5  LEU A CD1 1 
ATOM 43  C CD2 . LEU A 1 26  ? 17.695  -5.773  -4.786  1.00 29.56  ? -5  LEU A CD2 1 
ATOM 44  N N   . PHE A 1 27  ? 15.365  -1.114  -6.766  1.00 50.75  ? -4  PHE A N   1 
ATOM 45  C CA  . PHE A 1 27  ? 14.973  -0.632  -8.077  1.00 58.95  ? -4  PHE A CA  1 
ATOM 46  C C   . PHE A 1 27  ? 16.053  -0.797  -9.139  1.00 56.59  ? -4  PHE A C   1 
ATOM 47  O O   . PHE A 1 27  ? 17.219  -0.490  -8.898  1.00 55.46  ? -4  PHE A O   1 
ATOM 48  C CB  . PHE A 1 27  ? 14.589  0.837   -7.951  1.00 69.25  ? -4  PHE A CB  1 
ATOM 49  C CG  . PHE A 1 27  ? 14.634  1.582   -9.240  1.00 89.99  ? -4  PHE A CG  1 
ATOM 50  C CD1 . PHE A 1 27  ? 13.706  1.322   -10.241 1.00 100.46 ? -4  PHE A CD1 1 
ATOM 51  C CD2 . PHE A 1 27  ? 15.617  2.542   -9.461  1.00 95.71  ? -4  PHE A CD2 1 
ATOM 52  C CE1 . PHE A 1 27  ? 13.754  2.009   -11.448 1.00 107.65 ? -4  PHE A CE1 1 
ATOM 53  C CE2 . PHE A 1 27  ? 15.677  3.235   -10.661 1.00 89.07  ? -4  PHE A CE2 1 
ATOM 54  C CZ  . PHE A 1 27  ? 14.744  2.970   -11.659 1.00 101.97 ? -4  PHE A CZ  1 
ATOM 55  N N   . GLN A 1 28  ? 15.651  -1.254  -10.321 1.00 53.47  ? -3  GLN A N   1 
ATOM 56  C CA  . GLN A 1 28  ? 16.584  -1.464  -11.417 1.00 76.42  ? -3  GLN A CA  1 
ATOM 57  C C   . GLN A 1 28  ? 16.877  -0.259  -12.312 1.00 89.56  ? -3  GLN A C   1 
ATOM 58  O O   . GLN A 1 28  ? 16.056  0.107   -13.156 1.00 90.23  ? -3  GLN A O   1 
ATOM 59  C CB  . GLN A 1 28  ? 16.113  -2.606  -12.319 1.00 70.84  ? -3  GLN A CB  1 
ATOM 60  C CG  . GLN A 1 28  ? 17.024  -2.779  -13.537 1.00 81.86  ? -3  GLN A CG  1 
ATOM 61  C CD  . GLN A 1 28  ? 16.624  -3.912  -14.456 1.00 69.35  ? -3  GLN A CD  1 
ATOM 62  O OE1 . GLN A 1 28  ? 17.283  -4.165  -15.467 1.00 83.47  ? -3  GLN A OE1 1 
ATOM 63  N NE2 . GLN A 1 28  ? 15.543  -4.599  -14.116 1.00 69.98  ? -3  GLN A NE2 1 
ATOM 64  N N   . GLY A 1 29  ? 18.054  0.337   -12.138 1.00 99.74  ? -2  GLY A N   1 
ATOM 65  C CA  . GLY A 1 29  ? 18.454  1.455   -12.973 1.00 102.03 ? -2  GLY A CA  1 
ATOM 66  C C   . GLY A 1 29  ? 19.203  0.859   -14.153 1.00 110.62 ? -2  GLY A C   1 
ATOM 67  O O   . GLY A 1 29  ? 20.350  0.440   -13.984 1.00 118.49 ? -2  GLY A O   1 
ATOM 68  N N   . PRO A 1 30  ? 18.587  0.803   -15.355 1.00 110.43 ? -1  PRO A N   1 
ATOM 69  C CA  . PRO A 1 30  ? 19.121  0.264   -16.615 1.00 106.45 ? -1  PRO A CA  1 
ATOM 70  C C   . PRO A 1 30  ? 20.622  -0.021  -16.704 1.00 100.05 ? -1  PRO A C   1 
ATOM 71  O O   . PRO A 1 30  ? 21.425  0.494   -15.924 1.00 86.72  ? -1  PRO A O   1 
ATOM 72  C CB  . PRO A 1 30  ? 18.630  1.274   -17.639 1.00 115.29 ? -1  PRO A CB  1 
ATOM 73  C CG  . PRO A 1 30  ? 17.223  1.500   -17.157 1.00 118.19 ? -1  PRO A CG  1 
ATOM 74  C CD  . PRO A 1 30  ? 17.362  1.583   -15.623 1.00 109.45 ? -1  PRO A CD  1 
ATOM 75  N N   . ASN A 1 31  ? 20.983  -0.833  -17.694 1.00 98.00  ? 1   ASN A N   1 
ATOM 76  C CA  . ASN A 1 31  ? 22.358  -1.283  -17.884 1.00 97.22  ? 1   ASN A CA  1 
ATOM 77  C C   . ASN A 1 31  ? 22.375  -2.377  -16.823 1.00 87.05  ? 1   ASN A C   1 
ATOM 78  O O   . ASN A 1 31  ? 23.422  -2.878  -16.401 1.00 88.58  ? 1   ASN A O   1 
ATOM 79  C CB  . ASN A 1 31  ? 23.376  -0.170  -17.576 1.00 101.78 ? 1   ASN A CB  1 
ATOM 80  C CG  . ASN A 1 31  ? 24.763  -0.463  -18.143 1.00 110.20 ? 1   ASN A CG  1 
ATOM 81  O OD1 . ASN A 1 31  ? 24.897  -0.903  -19.288 1.00 108.73 ? 1   ASN A OD1 1 
ATOM 82  N ND2 . ASN A 1 31  ? 25.798  -0.203  -17.349 1.00 103.71 ? 1   ASN A ND2 1 
ATOM 83  N N   . ASN A 1 32  ? 21.152  -2.705  -16.397 1.00 79.13  ? 2   ASN A N   1 
ATOM 84  C CA  . ASN A 1 32  ? 20.854  -3.738  -15.416 1.00 73.25  ? 2   ASN A CA  1 
ATOM 85  C C   . ASN A 1 32  ? 21.409  -3.528  -14.002 1.00 67.78  ? 2   ASN A C   1 
ATOM 86  O O   . ASN A 1 32  ? 21.810  -4.480  -13.341 1.00 67.57  ? 2   ASN A O   1 
ATOM 87  C CB  . ASN A 1 32  ? 21.312  -5.090  -15.970 1.00 82.44  ? 2   ASN A CB  1 
ATOM 88  C CG  . ASN A 1 32  ? 20.681  -5.415  -17.329 1.00 93.38  ? 2   ASN A CG  1 
ATOM 89  O OD1 . ASN A 1 32  ? 19.456  -5.401  -17.476 1.00 82.43  ? 2   ASN A OD1 1 
ATOM 90  N ND2 . ASN A 1 32  ? 21.523  -5.716  -18.323 1.00 91.00  ? 2   ASN A ND2 1 
ATOM 91  N N   . GLU A 1 33  ? 21.404  -2.287  -13.527 1.00 58.75  ? 3   GLU A N   1 
ATOM 92  C CA  . GLU A 1 33  ? 21.922  -1.969  -12.199 1.00 53.26  ? 3   GLU A CA  1 
ATOM 93  C C   . GLU A 1 33  ? 20.794  -1.817  -11.201 1.00 49.24  ? 3   GLU A C   1 
ATOM 94  O O   . GLU A 1 33  ? 20.045  -0.849  -11.276 1.00 48.87  ? 3   GLU A O   1 
ATOM 95  C CB  . GLU A 1 33  ? 22.709  -0.658  -12.246 1.00 66.91  ? 3   GLU A CB  1 
ATOM 96  C CG  . GLU A 1 33  ? 24.189  -0.783  -11.945 1.00 86.58  ? 3   GLU A CG  1 
ATOM 97  C CD  . GLU A 1 33  ? 24.503  -0.726  -10.462 1.00 99.27  ? 3   GLU A CD  1 
ATOM 98  O OE1 . GLU A 1 33  ? 24.003  -1.590  -9.705  1.00 104.66 ? 3   GLU A OE1 1 
ATOM 99  O OE2 . GLU A 1 33  ? 25.253  0.190   -10.055 1.00 107.28 ? 3   GLU A OE2 1 
ATOM 100 N N   . LEU A 1 34  ? 20.673  -2.755  -10.261 1.00 51.31  ? 4   LEU A N   1 
ATOM 101 C CA  . LEU A 1 34  ? 19.615  -2.677  -9.244  1.00 54.20  ? 4   LEU A CA  1 
ATOM 102 C C   . LEU A 1 34  ? 20.087  -1.969  -7.978  1.00 43.07  ? 4   LEU A C   1 
ATOM 103 O O   . LEU A 1 34  ? 21.214  -2.156  -7.509  1.00 47.70  ? 4   LEU A O   1 
ATOM 104 C CB  . LEU A 1 34  ? 19.031  -4.067  -8.920  1.00 38.18  ? 4   LEU A CB  1 
ATOM 105 C CG  . LEU A 1 34  ? 19.892  -5.330  -8.908  1.00 48.71  ? 4   LEU A CG  1 
ATOM 106 C CD1 . LEU A 1 34  ? 19.014  -6.518  -8.614  1.00 22.12  ? 4   LEU A CD1 1 
ATOM 107 C CD2 . LEU A 1 34  ? 20.571  -5.534  -10.256 1.00 67.96  ? 4   LEU A CD2 1 
ATOM 108 N N   . SER A 1 35  ? 19.205  -1.146  -7.432  1.00 35.78  ? 5   SER A N   1 
ATOM 109 C CA  . SER A 1 35  ? 19.542  -0.348  -6.274  1.00 39.64  ? 5   SER A CA  1 
ATOM 110 C C   . SER A 1 35  ? 18.386  -0.167  -5.305  1.00 27.96  ? 5   SER A C   1 
ATOM 111 O O   . SER A 1 35  ? 17.293  0.243   -5.689  1.00 29.46  ? 5   SER A O   1 
ATOM 112 C CB  . SER A 1 35  ? 20.055  1.013   -6.758  1.00 62.12  ? 5   SER A CB  1 
ATOM 113 O OG  . SER A 1 35  ? 19.372  1.423   -7.942  1.00 45.17  ? 5   SER A OG  1 
ATOM 114 N N   . PRO A 1 36  ? 18.631  -0.451  -4.019  1.00 33.25  ? 6   PRO A N   1 
ATOM 115 C CA  . PRO A 1 36  ? 17.659  -0.350  -2.931  1.00 31.50  ? 6   PRO A CA  1 
ATOM 116 C C   . PRO A 1 36  ? 16.901  0.963   -2.942  1.00 37.59  ? 6   PRO A C   1 
ATOM 117 O O   . PRO A 1 36  ? 17.493  2.037   -2.941  1.00 44.24  ? 6   PRO A O   1 
ATOM 118 C CB  . PRO A 1 36  ? 18.520  -0.484  -1.686  1.00 39.48  ? 6   PRO A CB  1 
ATOM 119 C CG  . PRO A 1 36  ? 19.651  -1.328  -2.141  1.00 29.62  ? 6   PRO A CG  1 
ATOM 120 C CD  . PRO A 1 36  ? 19.968  -0.783  -3.495  1.00 36.30  ? 6   PRO A CD  1 
ATOM 121 N N   . VAL A 1 37  ? 15.581  0.861   -2.938  1.00 44.96  ? 7   VAL A N   1 
ATOM 122 C CA  . VAL A 1 37  ? 14.701  2.022   -2.939  1.00 35.96  ? 7   VAL A CA  1 
ATOM 123 C C   . VAL A 1 37  ? 13.621  1.878   -1.867  1.00 38.78  ? 7   VAL A C   1 
ATOM 124 O O   . VAL A 1 37  ? 12.849  0.912   -1.851  1.00 40.53  ? 7   VAL A O   1 
ATOM 125 C CB  . VAL A 1 37  ? 14.029  2.171   -4.290  1.00 37.16  ? 7   VAL A CB  1 
ATOM 126 C CG1 . VAL A 1 37  ? 12.840  3.105   -4.180  1.00 51.52  ? 7   VAL A CG1 1 
ATOM 127 C CG2 . VAL A 1 37  ? 15.043  2.668   -5.292  1.00 36.25  ? 7   VAL A CG2 1 
ATOM 128 N N   . ALA A 1 38  ? 13.557  2.851   -0.975  1.00 35.20  ? 8   ALA A N   1 
ATOM 129 C CA  . ALA A 1 38  ? 12.580  2.804   0.093   1.00 35.61  ? 8   ALA A CA  1 
ATOM 130 C C   . ALA A 1 38  ? 11.161  2.548   -0.377  1.00 39.07  ? 8   ALA A C   1 
ATOM 131 O O   . ALA A 1 38  ? 10.701  3.153   -1.346  1.00 35.07  ? 8   ALA A O   1 
ATOM 132 C CB  . ALA A 1 38  ? 12.616  4.092   0.856   1.00 35.99  ? 8   ALA A CB  1 
ATOM 133 N N   . LEU A 1 39  ? 10.480  1.627   0.298   1.00 44.38  ? 9   LEU A N   1 
ATOM 134 C CA  . LEU A 1 39  ? 9.081   1.372   -0.003  1.00 39.26  ? 9   LEU A CA  1 
ATOM 135 C C   . LEU A 1 39  ? 8.352   2.216   1.043   1.00 38.95  ? 9   LEU A C   1 
ATOM 136 O O   . LEU A 1 39  ? 8.205   1.822   2.209   1.00 38.16  ? 9   LEU A O   1 
ATOM 137 C CB  . LEU A 1 39  ? 8.713   -0.092  0.172   1.00 33.45  ? 9   LEU A CB  1 
ATOM 138 C CG  . LEU A 1 39  ? 7.269   -0.316  -0.306  1.00 36.72  ? 9   LEU A CG  1 
ATOM 139 C CD1 . LEU A 1 39  ? 7.227   0.021   -1.785  1.00 43.07  ? 9   LEU A CD1 1 
ATOM 140 C CD2 . LEU A 1 39  ? 6.789   -1.767  -0.067  1.00 22.21  ? 9   LEU A CD2 1 
ATOM 141 N N   . ARG A 1 40  ? 7.918   3.390   0.608   1.00 32.36  ? 10  ARG A N   1 
ATOM 142 C CA  . ARG A 1 40  ? 7.253   4.360   1.460   1.00 40.60  ? 10  ARG A CA  1 
ATOM 143 C C   . ARG A 1 40  ? 5.846   4.030   1.903   1.00 48.61  ? 10  ARG A C   1 
ATOM 144 O O   . ARG A 1 40  ? 5.131   3.270   1.255   1.00 66.21  ? 10  ARG A O   1 
ATOM 145 C CB  . ARG A 1 40  ? 7.270   5.710   0.764   1.00 37.99  ? 10  ARG A CB  1 
ATOM 146 C CG  . ARG A 1 40  ? 8.648   6.061   0.241   1.00 74.72  ? 10  ARG A CG  1 
ATOM 147 C CD  . ARG A 1 40  ? 8.708   7.459   -0.306  1.00 72.19  ? 10  ARG A CD  1 
ATOM 148 N NE  . ARG A 1 40  ? 10.079  7.836   -0.619  1.00 99.98  ? 10  ARG A NE  1 
ATOM 149 C CZ  . ARG A 1 40  ? 10.469  9.077   -0.888  1.00 123.07 ? 10  ARG A CZ  1 
ATOM 150 N NH1 . ARG A 1 40  ? 9.586   10.070  -0.881  1.00 131.20 ? 10  ARG A NH1 1 
ATOM 151 N NH2 . ARG A 1 40  ? 11.744  9.324   -1.159  1.00 125.86 ? 10  ARG A NH2 1 
ATOM 152 N N   . GLN A 1 41  ? 5.452   4.634   3.015   1.00 48.59  ? 11  GLN A N   1 
ATOM 153 C CA  . GLN A 1 41  ? 4.142   4.410   3.588   1.00 51.48  ? 11  GLN A CA  1 
ATOM 154 C C   . GLN A 1 41  ? 3.595   5.684   4.188   1.00 58.56  ? 11  GLN A C   1 
ATOM 155 O O   . GLN A 1 41  ? 4.334   6.464   4.779   1.00 73.33  ? 11  GLN A O   1 
ATOM 156 C CB  . GLN A 1 41  ? 4.231   3.327   4.667   1.00 59.87  ? 11  GLN A CB  1 
ATOM 157 C CG  . GLN A 1 41  ? 5.458   3.430   5.573   1.00 56.93  ? 11  GLN A CG  1 
ATOM 158 C CD  . GLN A 1 41  ? 6.059   2.063   5.896   1.00 68.16  ? 11  GLN A CD  1 
ATOM 159 O OE1 . GLN A 1 41  ? 5.377   1.188   6.438   1.00 78.98  ? 11  GLN A OE1 1 
ATOM 160 N NE2 . GLN A 1 41  ? 7.338   1.872   5.558   1.00 48.32  ? 11  GLN A NE2 1 
ATOM 161 N N   . MET A 1 42  ? 2.294   5.887   4.039   1.00 57.03  ? 12  MET A N   1 
ATOM 162 C CA  . MET A 1 42  ? 1.624   7.072   4.564   1.00 46.38  ? 12  MET A CA  1 
ATOM 163 C C   . MET A 1 42  ? 0.245   6.589   4.928   1.00 42.68  ? 12  MET A C   1 
ATOM 164 O O   . MET A 1 42  ? -0.197  5.576   4.401   1.00 54.38  ? 12  MET A O   1 
ATOM 165 C CB  . MET A 1 42  ? 1.499   8.136   3.474   1.00 52.88  ? 12  MET A CB  1 
ATOM 166 C CG  . MET A 1 42  ? 0.530   7.749   2.344   1.00 56.50  ? 12  MET A CG  1 
ATOM 167 S SD  . MET A 1 42  ? 0.289   9.028   1.072   1.00 53.52  ? 12  MET A SD  1 
ATOM 168 C CE  . MET A 1 42  ? 0.677   8.129   -0.448  1.00 38.42  ? 12  MET A CE  1 
ATOM 169 N N   . SER A 1 43  ? -0.450  7.295   5.809   1.00 42.23  ? 13  SER A N   1 
ATOM 170 C CA  . SER A 1 43  ? -1.794  6.861   6.163   1.00 42.63  ? 13  SER A CA  1 
ATOM 171 C C   . SER A 1 43  ? -2.789  7.418   5.150   1.00 37.89  ? 13  SER A C   1 
ATOM 172 O O   . SER A 1 43  ? -2.507  8.385   4.445   1.00 42.67  ? 13  SER A O   1 
ATOM 173 C CB  . SER A 1 43  ? -2.168  7.319   7.568   1.00 41.25  ? 13  SER A CB  1 
ATOM 174 O OG  . SER A 1 43  ? -2.468  8.697   7.582   1.00 65.04  ? 13  SER A OG  1 
ATOM 175 N N   . CYS A 1 44  ? -3.956  6.797   5.071   1.00 40.46  ? 14  CYS A N   1 
ATOM 176 C CA  . CYS A 1 44  ? -4.968  7.240   4.125   1.00 38.75  ? 14  CYS A CA  1 
ATOM 177 C C   . CYS A 1 44  ? -6.370  6.865   4.592   1.00 39.15  ? 14  CYS A C   1 
ATOM 178 O O   . CYS A 1 44  ? -6.528  6.064   5.509   1.00 35.21  ? 14  CYS A O   1 
ATOM 179 C CB  . CYS A 1 44  ? -4.684  6.612   2.772   1.00 44.71  ? 14  CYS A CB  1 
ATOM 180 S SG  . CYS A 1 44  ? -4.383  4.856   2.908   1.00 54.34  ? 14  CYS A SG  1 
ATOM 181 N N   . ALA A 1 45  ? -7.379  7.445   3.944   1.00 44.85  ? 15  ALA A N   1 
ATOM 182 C CA  . ALA A 1 45  ? -8.780  7.209   4.283   1.00 36.05  ? 15  ALA A CA  1 
ATOM 183 C C   . ALA A 1 45  ? -9.486  6.326   3.270   1.00 31.81  ? 15  ALA A C   1 
ATOM 184 O O   . ALA A 1 45  ? -9.996  6.806   2.263   1.00 37.17  ? 15  ALA A O   1 
ATOM 185 C CB  . ALA A 1 45  ? -9.513  8.544   4.391   1.00 28.39  ? 15  ALA A CB  1 
ATOM 186 N N   . ALA A 1 46  ? -9.529  5.032   3.536   1.00 30.41  ? 16  ALA A N   1 
ATOM 187 C CA  . ALA A 1 46  ? -10.199 4.127   2.626   1.00 32.79  ? 16  ALA A CA  1 
ATOM 188 C C   . ALA A 1 46  ? -11.633 3.931   3.074   1.00 32.97  ? 16  ALA A C   1 
ATOM 189 O O   . ALA A 1 46  ? -12.039 4.369   4.149   1.00 38.55  ? 16  ALA A O   1 
ATOM 190 C CB  . ALA A 1 46  ? -9.487  2.791   2.586   1.00 17.88  ? 16  ALA A CB  1 
ATOM 191 N N   . GLY A 1 47  ? -12.399 3.266   2.230   1.00 42.37  ? 17  GLY A N   1 
ATOM 192 C CA  . GLY A 1 47  ? -13.786 3.005   2.541   1.00 44.97  ? 17  GLY A CA  1 
ATOM 193 C C   . GLY A 1 47  ? -14.349 2.107   1.465   1.00 54.26  ? 17  GLY A C   1 
ATOM 194 O O   . GLY A 1 47  ? -13.628 1.635   0.583   1.00 66.16  ? 17  GLY A O   1 
ATOM 195 N N   . THR A 1 48  ? -15.646 1.865   1.543   1.00 48.54  ? 18  THR A N   1 
ATOM 196 C CA  . THR A 1 48  ? -16.332 1.032   0.574   1.00 46.50  ? 18  THR A CA  1 
ATOM 197 C C   . THR A 1 48  ? -16.729 1.909   -0.583  1.00 48.15  ? 18  THR A C   1 
ATOM 198 O O   . THR A 1 48  ? -16.884 1.459   -1.714  1.00 49.77  ? 18  THR A O   1 
ATOM 199 C CB  . THR A 1 48  ? -17.591 0.491   1.180   1.00 50.40  ? 18  THR A CB  1 
ATOM 200 O OG1 . THR A 1 48  ? -18.134 1.480   2.076   1.00 45.86  ? 18  THR A OG1 1 
ATOM 201 C CG2 . THR A 1 48  ? -17.299 -0.785  1.916   1.00 40.17  ? 18  THR A CG2 1 
ATOM 202 N N   . THR A 1 49  ? -16.908 3.179   -0.251  1.00 54.80  ? 19  THR A N   1 
ATOM 203 C CA  . THR A 1 49  ? -17.312 4.202   -1.189  1.00 47.50  ? 19  THR A CA  1 
ATOM 204 C C   . THR A 1 49  ? -16.290 5.309   -1.168  1.00 50.87  ? 19  THR A C   1 
ATOM 205 O O   . THR A 1 49  ? -15.593 5.522   -0.173  1.00 42.66  ? 19  THR A O   1 
ATOM 206 C CB  . THR A 1 49  ? -18.646 4.818   -0.773  1.00 44.56  ? 19  THR A CB  1 
ATOM 207 O OG1 . THR A 1 49  ? -19.614 3.776   -0.637  1.00 36.47  ? 19  THR A OG1 1 
ATOM 208 C CG2 . THR A 1 49  ? -19.111 5.840   -1.803  1.00 44.47  ? 19  THR A CG2 1 
ATOM 209 N N   . GLN A 1 50  ? -16.199 6.024   -2.272  1.00 54.72  ? 20  GLN A N   1 
ATOM 210 C CA  . GLN A 1 50  ? -15.273 7.130   -2.320  1.00 58.45  ? 20  GLN A CA  1 
ATOM 211 C C   . GLN A 1 50  ? -15.791 7.974   -1.171  1.00 54.41  ? 20  GLN A C   1 
ATOM 212 O O   . GLN A 1 50  ? -15.051 8.409   -0.280  1.00 38.31  ? 20  GLN A O   1 
ATOM 213 C CB  . GLN A 1 50  ? -15.437 7.844   -3.653  1.00 65.07  ? 20  GLN A CB  1 
ATOM 214 C CG  . GLN A 1 50  ? -15.549 6.860   -4.793  1.00 73.29  ? 20  GLN A CG  1 
ATOM 215 C CD  . GLN A 1 50  ? -15.712 7.526   -6.124  1.00 78.44  ? 20  GLN A CD  1 
ATOM 216 O OE1 . GLN A 1 50  ? -14.836 8.271   -6.566  1.00 65.33  ? 20  GLN A OE1 1 
ATOM 217 N NE2 . GLN A 1 50  ? -16.837 7.264   -6.782  1.00 103.87 ? 20  GLN A NE2 1 
ATOM 218 N N   . THR A 1 51  ? -17.106 8.128   -1.188  1.00 59.70  ? 21  THR A N   1 
ATOM 219 C CA  . THR A 1 51  ? -17.825 8.896   -0.191  1.00 59.46  ? 21  THR A CA  1 
ATOM 220 C C   . THR A 1 51  ? -17.546 8.434   1.243   1.00 51.94  ? 21  THR A C   1 
ATOM 221 O O   . THR A 1 51  ? -17.260 9.261   2.114   1.00 41.79  ? 21  THR A O   1 
ATOM 222 C CB  . THR A 1 51  ? -19.326 8.820   -0.459  1.00 66.24  ? 21  THR A CB  1 
ATOM 223 O OG1 . THR A 1 51  ? -19.569 8.981   -1.866  1.00 44.05  ? 21  THR A OG1 1 
ATOM 224 C CG2 . THR A 1 51  ? -20.044 9.908   0.311   1.00 78.87  ? 21  THR A CG2 1 
ATOM 225 N N   . ALA A 1 52  ? -17.626 7.122   1.480   1.00 45.50  ? 22  ALA A N   1 
ATOM 226 C CA  . ALA A 1 52  ? -17.388 6.557   2.812   1.00 33.94  ? 22  ALA A CA  1 
ATOM 227 C C   . ALA A 1 52  ? -15.952 6.747   3.295   1.00 35.41  ? 22  ALA A C   1 
ATOM 228 O O   . ALA A 1 52  ? -15.610 6.342   4.411   1.00 34.99  ? 22  ALA A O   1 
ATOM 229 C CB  . ALA A 1 52  ? -17.752 5.081   2.830   1.00 44.31  ? 22  ALA A CB  1 
ATOM 230 N N   . CYS A 1 53  ? -15.116 7.351   2.448   1.00 31.68  ? 23  CYS A N   1 
ATOM 231 C CA  . CYS A 1 53  ? -13.723 7.633   2.800   1.00 39.93  ? 23  CYS A CA  1 
ATOM 232 C C   . CYS A 1 53  ? -13.658 8.877   3.676   1.00 45.21  ? 23  CYS A C   1 
ATOM 233 O O   . CYS A 1 53  ? -13.481 10.005  3.181   1.00 34.65  ? 23  CYS A O   1 
ATOM 234 C CB  . CYS A 1 53  ? -12.898 7.847   1.543   1.00 17.92  ? 23  CYS A CB  1 
ATOM 235 S SG  . CYS A 1 53  ? -12.777 6.348   0.614   1.00 45.38  ? 23  CYS A SG  1 
ATOM 236 N N   . THR A 1 54  ? -13.787 8.659   4.982   1.00 50.61  ? 24  THR A N   1 
ATOM 237 C CA  . THR A 1 54  ? -13.791 9.753   5.941   1.00 55.15  ? 24  THR A CA  1 
ATOM 238 C C   . THR A 1 54  ? -12.481 9.828   6.730   1.00 53.28  ? 24  THR A C   1 
ATOM 239 O O   . THR A 1 54  ? -11.573 10.567  6.352   1.00 50.90  ? 24  THR A O   1 
ATOM 240 C CB  . THR A 1 54  ? -14.983 9.594   6.902   1.00 53.24  ? 24  THR A CB  1 
ATOM 241 O OG1 . THR A 1 54  ? -16.134 9.161   6.166   1.00 57.37  ? 24  THR A OG1 1 
ATOM 242 C CG2 . THR A 1 54  ? -15.309 10.912  7.568   1.00 70.50  ? 24  THR A CG2 1 
ATOM 243 N N   . ASP A 1 55  ? -12.389 9.078   7.826   1.00 69.53  ? 25  ASP A N   1 
ATOM 244 C CA  . ASP A 1 55  ? -11.169 9.070   8.632   1.00 61.70  ? 25  ASP A CA  1 
ATOM 245 C C   . ASP A 1 55  ? -10.221 8.000   8.104   1.00 56.74  ? 25  ASP A C   1 
ATOM 246 O O   . ASP A 1 55  ? -10.638 7.082   7.380   1.00 51.72  ? 25  ASP A O   1 
ATOM 247 C CB  . ASP A 1 55  ? -11.462 8.846   10.147  1.00 65.16  ? 25  ASP A CB  1 
ATOM 248 C CG  . ASP A 1 55  ? -12.540 7.789   10.418  1.00 80.93  ? 25  ASP A CG  1 
ATOM 249 O OD1 . ASP A 1 55  ? -13.741 8.094   10.258  1.00 96.96  ? 25  ASP A OD1 1 
ATOM 250 O OD2 . ASP A 1 55  ? -12.195 6.649   10.800  1.00 100.41 ? 25  ASP A OD2 1 
ATOM 251 N N   . ASP A 1 56  ? -8.944  8.141   8.451   1.00 50.96  ? 26  ASP A N   1 
ATOM 252 C CA  . ASP A 1 56  ? -7.911  7.206   8.026   1.00 49.61  ? 26  ASP A CA  1 
ATOM 253 C C   . ASP A 1 56  ? -8.085  5.844   8.675   1.00 47.22  ? 26  ASP A C   1 
ATOM 254 O O   . ASP A 1 56  ? -8.232  5.744   9.891   1.00 52.81  ? 26  ASP A O   1 
ATOM 255 C CB  . ASP A 1 56  ? -6.525  7.757   8.365   1.00 37.31  ? 26  ASP A CB  1 
ATOM 256 C CG  . ASP A 1 56  ? -6.192  8.999   7.578   1.00 55.66  ? 26  ASP A CG  1 
ATOM 257 O OD1 . ASP A 1 56  ? -6.691  9.124   6.436   1.00 70.43  ? 26  ASP A OD1 1 
ATOM 258 O OD2 . ASP A 1 56  ? -5.420  9.842   8.087   1.00 50.01  ? 26  ASP A OD2 1 
ATOM 259 N N   . ASN A 1 57  ? -8.054  4.793   7.863   1.00 39.22  ? 27  ASN A N   1 
ATOM 260 C CA  . ASN A 1 57  ? -8.216  3.447   8.375   1.00 43.70  ? 27  ASN A CA  1 
ATOM 261 C C   . ASN A 1 57  ? -7.197  2.427   7.859   1.00 52.15  ? 27  ASN A C   1 
ATOM 262 O O   . ASN A 1 57  ? -7.195  1.263   8.297   1.00 56.52  ? 27  ASN A O   1 
ATOM 263 C CB  . ASN A 1 57  ? -9.639  2.968   8.102   1.00 33.63  ? 27  ASN A CB  1 
ATOM 264 C CG  . ASN A 1 57  ? -10.233 3.581   6.856   1.00 40.07  ? 27  ASN A CG  1 
ATOM 265 O OD1 . ASN A 1 57  ? -11.422 3.410   6.582   1.00 69.95  ? 27  ASN A OD1 1 
ATOM 266 N ND2 . ASN A 1 57  ? -9.419  4.296   6.092   1.00 46.20  ? 27  ASN A ND2 1 
ATOM 267 N N   . ALA A 1 58  ? -6.316  2.871   6.958   1.00 40.52  ? 28  ALA A N   1 
ATOM 268 C CA  . ALA A 1 58  ? -5.294  1.998   6.389   1.00 38.42  ? 28  ALA A CA  1 
ATOM 269 C C   . ALA A 1 58  ? -3.981  2.724   6.112   1.00 40.00  ? 28  ALA A C   1 
ATOM 270 O O   . ALA A 1 58  ? -3.892  3.953   6.233   1.00 34.60  ? 28  ALA A O   1 
ATOM 271 C CB  . ALA A 1 58  ? -5.815  1.366   5.103   1.00 53.80  ? 28  ALA A CB  1 
ATOM 272 N N   . LEU A 1 59  ? -2.966  1.947   5.744   1.00 37.60  ? 29  LEU A N   1 
ATOM 273 C CA  . LEU A 1 59  ? -1.644  2.477   5.429   1.00 39.07  ? 29  LEU A CA  1 
ATOM 274 C C   . LEU A 1 59  ? -1.363  2.210   3.946   1.00 39.21  ? 29  LEU A C   1 
ATOM 275 O O   . LEU A 1 59  ? -1.602  1.109   3.449   1.00 29.31  ? 29  LEU A O   1 
ATOM 276 C CB  . LEU A 1 59  ? -0.571  1.812   6.313   1.00 24.59  ? 29  LEU A CB  1 
ATOM 277 C CG  . LEU A 1 59  ? 0.898   2.064   5.945   1.00 36.63  ? 29  LEU A CG  1 
ATOM 278 C CD1 . LEU A 1 59  ? 1.186   3.550   5.972   1.00 54.52  ? 29  LEU A CD1 1 
ATOM 279 C CD2 . LEU A 1 59  ? 1.820   1.356   6.903   1.00 22.67  ? 29  LEU A CD2 1 
ATOM 280 N N   . ALA A 1 60  ? -0.865  3.226   3.248   1.00 33.28  ? 30  ALA A N   1 
ATOM 281 C CA  . ALA A 1 60  ? -0.567  3.118   1.823   1.00 32.64  ? 30  ALA A CA  1 
ATOM 282 C C   . ALA A 1 60  ? 0.921   2.982   1.534   1.00 32.03  ? 30  ALA A C   1 
ATOM 283 O O   . ALA A 1 60  ? 1.744   3.731   2.061   1.00 43.66  ? 30  ALA A O   1 
ATOM 284 C CB  . ALA A 1 60  ? -1.134  4.335   1.074   1.00 25.88  ? 30  ALA A CB  1 
ATOM 285 N N   . TYR A 1 61  ? 1.253   2.021   0.683   1.00 36.77  ? 31  TYR A N   1 
ATOM 286 C CA  . TYR A 1 61  ? 2.631   1.774   0.295   1.00 32.46  ? 31  TYR A CA  1 
ATOM 287 C C   . TYR A 1 61  ? 2.834   2.354   -1.100  1.00 30.81  ? 31  TYR A C   1 
ATOM 288 O O   . TYR A 1 61  ? 2.066   2.061   -2.016  1.00 29.49  ? 31  TYR A O   1 
ATOM 289 C CB  . TYR A 1 61  ? 2.902   0.267   0.311   1.00 32.37  ? 31  TYR A CB  1 
ATOM 290 C CG  . TYR A 1 61  ? 2.981   -0.330  1.713   1.00 34.71  ? 31  TYR A CG  1 
ATOM 291 C CD1 . TYR A 1 61  ? 3.955   0.101   2.620   1.00 45.37  ? 31  TYR A CD1 1 
ATOM 292 C CD2 . TYR A 1 61  ? 2.097   -1.321  2.129   1.00 33.90  ? 31  TYR A CD2 1 
ATOM 293 C CE1 . TYR A 1 61  ? 4.051   -0.439  3.909   1.00 31.40  ? 31  TYR A CE1 1 
ATOM 294 C CE2 . TYR A 1 61  ? 2.181   -1.874  3.424   1.00 59.74  ? 31  TYR A CE2 1 
ATOM 295 C CZ  . TYR A 1 61  ? 3.163   -1.423  4.312   1.00 65.69  ? 31  TYR A CZ  1 
ATOM 296 O OH  . TYR A 1 61  ? 3.250   -1.932  5.602   1.00 53.77  ? 31  TYR A OH  1 
ATOM 297 N N   . TYR A 1 62  ? 3.863   3.177   -1.267  1.00 27.99  ? 32  TYR A N   1 
ATOM 298 C CA  . TYR A 1 62  ? 4.109   3.796   -2.567  1.00 37.58  ? 32  TYR A CA  1 
ATOM 299 C C   . TYR A 1 62  ? 5.568   4.127   -2.887  1.00 40.57  ? 32  TYR A C   1 
ATOM 300 O O   . TYR A 1 62  ? 6.473   3.926   -2.076  1.00 43.69  ? 32  TYR A O   1 
ATOM 301 C CB  . TYR A 1 62  ? 3.333   5.091   -2.642  1.00 23.13  ? 32  TYR A CB  1 
ATOM 302 C CG  . TYR A 1 62  ? 3.839   6.073   -1.623  1.00 35.13  ? 32  TYR A CG  1 
ATOM 303 C CD1 . TYR A 1 62  ? 3.582   5.891   -0.262  1.00 51.46  ? 32  TYR A CD1 1 
ATOM 304 C CD2 . TYR A 1 62  ? 4.624   7.154   -2.011  1.00 46.95  ? 32  TYR A CD2 1 
ATOM 305 C CE1 . TYR A 1 62  ? 4.101   6.771   0.698   1.00 64.31  ? 32  TYR A CE1 1 
ATOM 306 C CE2 . TYR A 1 62  ? 5.152   8.040   -1.070  1.00 30.79  ? 32  TYR A CE2 1 
ATOM 307 C CZ  . TYR A 1 62  ? 4.890   7.849   0.283   1.00 66.54  ? 32  TYR A CZ  1 
ATOM 308 O OH  . TYR A 1 62  ? 5.421   8.734   1.208   1.00 61.74  ? 32  TYR A OH  1 
ATOM 309 N N   . ASN A 1 63  ? 5.759   4.651   -4.094  1.00 48.24  ? 33  ASN A N   1 
ATOM 310 C CA  . ASN A 1 63  ? 7.054   5.093   -4.598  1.00 47.81  ? 33  ASN A CA  1 
ATOM 311 C C   . ASN A 1 63  ? 6.710   6.365   -5.339  1.00 56.97  ? 33  ASN A C   1 
ATOM 312 O O   . ASN A 1 63  ? 5.586   6.509   -5.811  1.00 72.41  ? 33  ASN A O   1 
ATOM 313 C CB  . ASN A 1 63  ? 7.642   4.130   -5.636  1.00 34.23  ? 33  ASN A CB  1 
ATOM 314 C CG  . ASN A 1 63  ? 8.024   2.783   -5.060  1.00 57.94  ? 33  ASN A CG  1 
ATOM 315 O OD1 . ASN A 1 63  ? 8.556   2.679   -3.947  1.00 60.80  ? 33  ASN A OD1 1 
ATOM 316 N ND2 . ASN A 1 63  ? 7.779   1.733   -5.838  1.00 51.98  ? 33  ASN A ND2 1 
ATOM 317 N N   . ASN A 1 64  ? 7.648   7.295   -5.444  1.00 60.90  ? 34  ASN A N   1 
ATOM 318 C CA  . ASN A 1 64  ? 7.365   8.496   -6.210  1.00 66.93  ? 34  ASN A CA  1 
ATOM 319 C C   . ASN A 1 64  ? 7.799   8.144   -7.624  1.00 74.98  ? 34  ASN A C   1 
ATOM 320 O O   . ASN A 1 64  ? 8.950   7.775   -7.853  1.00 74.07  ? 34  ASN A O   1 
ATOM 321 C CB  . ASN A 1 64  ? 8.159   9.688   -5.687  1.00 41.11  ? 34  ASN A CB  1 
ATOM 322 C CG  . ASN A 1 64  ? 7.822   10.011  -4.259  1.00 49.90  ? 34  ASN A CG  1 
ATOM 323 O OD1 . ASN A 1 64  ? 8.243   9.301   -3.354  1.00 37.52  ? 34  ASN A OD1 1 
ATOM 324 N ND2 . ASN A 1 64  ? 7.039   11.074  -4.044  1.00 49.97  ? 34  ASN A ND2 1 
ATOM 325 N N   . SER A 1 65  ? 6.865   8.208   -8.563  1.00 82.50  ? 35  SER A N   1 
ATOM 326 C CA  . SER A 1 65  ? 7.177   7.885   -9.947  1.00 91.90  ? 35  SER A CA  1 
ATOM 327 C C   . SER A 1 65  ? 7.074   9.161   -10.753 1.00 96.23  ? 35  SER A C   1 
ATOM 328 O O   . SER A 1 65  ? 6.600   10.165  -10.228 1.00 96.61  ? 35  SER A O   1 
ATOM 329 C CB  . SER A 1 65  ? 6.195   6.844   -10.473 1.00 94.26  ? 35  SER A CB  1 
ATOM 330 O OG  . SER A 1 65  ? 6.280   5.661   -9.699  1.00 122.33 ? 35  SER A OG  1 
ATOM 331 N N   . LYS A 1 66  ? 7.530   9.121   -12.007 1.00 101.12 ? 36  LYS A N   1 
ATOM 332 C CA  . LYS A 1 66  ? 7.488   10.279  -12.906 1.00 98.78  ? 36  LYS A CA  1 
ATOM 333 C C   . LYS A 1 66  ? 6.446   11.273  -12.392 1.00 99.00  ? 36  LYS A C   1 
ATOM 334 O O   . LYS A 1 66  ? 6.707   12.477  -12.272 1.00 95.90  ? 36  LYS A O   1 
ATOM 335 C CB  . LYS A 1 66  ? 7.144   9.816   -14.329 1.00 102.42 ? 36  LYS A CB  1 
ATOM 336 C CG  . LYS A 1 66  ? 8.165   8.834   -14.932 1.00 103.78 ? 36  LYS A CG  1 
ATOM 337 C CD  . LYS A 1 66  ? 7.825   8.473   -16.380 1.00 95.87  ? 36  LYS A CD  1 
ATOM 338 C CE  . LYS A 1 66  ? 8.986   7.759   -17.065 1.00 89.84  ? 36  LYS A CE  1 
ATOM 339 N NZ  . LYS A 1 66  ? 8.727   7.546   -18.519 1.00 85.21  ? 36  LYS A NZ  1 
ATOM 340 N N   . GLY A 1 67  ? 5.264   10.741  -12.090 1.00 95.84  ? 37  GLY A N   1 
ATOM 341 C CA  . GLY A 1 67  ? 4.190   11.530  -11.523 1.00 96.28  ? 37  GLY A CA  1 
ATOM 342 C C   . GLY A 1 67  ? 4.275   11.199  -10.046 1.00 99.98  ? 37  GLY A C   1 
ATOM 343 O O   . GLY A 1 67  ? 3.932   10.090  -9.630  1.00 102.81 ? 37  GLY A O   1 
ATOM 344 N N   . GLY A 1 68  ? 4.776   12.150  -9.262  1.00 109.54 ? 38  GLY A N   1 
ATOM 345 C CA  . GLY A 1 68  ? 4.938   11.957  -7.832  1.00 113.64 ? 38  GLY A CA  1 
ATOM 346 C C   . GLY A 1 68  ? 3.837   11.142  -7.189  1.00 112.30 ? 38  GLY A C   1 
ATOM 347 O O   . GLY A 1 68  ? 2.661   11.309  -7.519  1.00 122.19 ? 38  GLY A O   1 
ATOM 348 N N   . ARG A 1 69  ? 4.218   10.261  -6.268  1.00 106.39 ? 39  ARG A N   1 
ATOM 349 C CA  . ARG A 1 69  ? 3.263   9.406   -5.568  1.00 86.73  ? 39  ARG A CA  1 
ATOM 350 C C   . ARG A 1 69  ? 2.654   8.332   -6.449  1.00 74.05  ? 39  ARG A C   1 
ATOM 351 O O   . ARG A 1 69  ? 1.812   8.599   -7.310  1.00 57.63  ? 39  ARG A O   1 
ATOM 352 C CB  . ARG A 1 69  ? 2.141   10.237  -4.939  1.00 88.66  ? 39  ARG A CB  1 
ATOM 353 C CG  . ARG A 1 69  ? 2.534   10.866  -3.628  1.00 78.73  ? 39  ARG A CG  1 
ATOM 354 C CD  . ARG A 1 69  ? 2.825   9.788   -2.618  1.00 56.45  ? 39  ARG A CD  1 
ATOM 355 N NE  . ARG A 1 69  ? 3.440   10.306  -1.397  1.00 86.88  ? 39  ARG A NE  1 
ATOM 356 C CZ  . ARG A 1 69  ? 2.908   11.251  -0.625  1.00 94.60  ? 39  ARG A CZ  1 
ATOM 357 N NH1 . ARG A 1 69  ? 1.742   11.792  -0.956  1.00 91.56  ? 39  ARG A NH1 1 
ATOM 358 N NH2 . ARG A 1 69  ? 3.531   11.639  0.490   1.00 65.67  ? 39  ARG A NH2 1 
ATOM 359 N N   . PHE A 1 70  ? 3.101   7.108   -6.213  1.00 60.74  ? 40  PHE A N   1 
ATOM 360 C CA  . PHE A 1 70  ? 2.613   5.951   -6.934  1.00 47.31  ? 40  PHE A CA  1 
ATOM 361 C C   . PHE A 1 70  ? 2.377   4.854   -5.904  1.00 45.43  ? 40  PHE A C   1 
ATOM 362 O O   . PHE A 1 70  ? 3.242   4.006   -5.650  1.00 40.49  ? 40  PHE A O   1 
ATOM 363 C CB  . PHE A 1 70  ? 3.627   5.501   -7.987  1.00 48.66  ? 40  PHE A CB  1 
ATOM 364 C CG  . PHE A 1 70  ? 3.292   4.182   -8.622  1.00 55.64  ? 40  PHE A CG  1 
ATOM 365 C CD1 . PHE A 1 70  ? 2.007   3.929   -9.097  1.00 59.80  ? 40  PHE A CD1 1 
ATOM 366 C CD2 . PHE A 1 70  ? 4.259   3.189   -8.742  1.00 77.39  ? 40  PHE A CD2 1 
ATOM 367 C CE1 . PHE A 1 70  ? 1.686   2.700   -9.685  1.00 56.61  ? 40  PHE A CE1 1 
ATOM 368 C CE2 . PHE A 1 70  ? 3.951   1.957   -9.330  1.00 83.36  ? 40  PHE A CE2 1 
ATOM 369 C CZ  . PHE A 1 70  ? 2.660   1.714   -9.801  1.00 73.09  ? 40  PHE A CZ  1 
ATOM 370 N N   . VAL A 1 71  ? 1.198   4.903   -5.294  1.00 34.47  ? 41  VAL A N   1 
ATOM 371 C CA  . VAL A 1 71  ? 0.802   3.932   -4.290  1.00 39.78  ? 41  VAL A CA  1 
ATOM 372 C C   . VAL A 1 71  ? 0.598   2.574   -4.947  1.00 40.43  ? 41  VAL A C   1 
ATOM 373 O O   . VAL A 1 71  ? 0.238   2.494   -6.118  1.00 41.06  ? 41  VAL A O   1 
ATOM 374 C CB  . VAL A 1 71  ? -0.495  4.375   -3.603  1.00 27.08  ? 41  VAL A CB  1 
ATOM 375 C CG1 . VAL A 1 71  ? -0.916  3.358   -2.557  1.00 41.90  ? 41  VAL A CG1 1 
ATOM 376 C CG2 . VAL A 1 71  ? -0.279  5.734   -2.958  1.00 30.88  ? 41  VAL A CG2 1 
ATOM 377 N N   . LEU A 1 72  ? 0.829   1.507   -4.191  1.00 44.77  ? 42  LEU A N   1 
ATOM 378 C CA  . LEU A 1 72  ? 0.687   0.160   -4.727  1.00 33.31  ? 42  LEU A CA  1 
ATOM 379 C C   . LEU A 1 72  ? -0.323  -0.662  -3.942  1.00 33.03  ? 42  LEU A C   1 
ATOM 380 O O   . LEU A 1 72  ? -1.224  -1.264  -4.523  1.00 20.30  ? 42  LEU A O   1 
ATOM 381 C CB  . LEU A 1 72  ? 2.026   -0.560  -4.673  1.00 16.27  ? 42  LEU A CB  1 
ATOM 382 C CG  . LEU A 1 72  ? 3.210   0.170   -5.277  1.00 31.65  ? 42  LEU A CG  1 
ATOM 383 C CD1 . LEU A 1 72  ? 4.508   -0.486  -4.831  1.00 23.91  ? 42  LEU A CD1 1 
ATOM 384 C CD2 . LEU A 1 72  ? 3.055   0.159   -6.782  1.00 49.02  ? 42  LEU A CD2 1 
ATOM 385 N N   . ALA A 1 73  ? -0.155  -0.685  -2.623  1.00 28.44  ? 43  ALA A N   1 
ATOM 386 C CA  . ALA A 1 73  ? -1.021  -1.468  -1.760  1.00 35.15  ? 43  ALA A CA  1 
ATOM 387 C C   . ALA A 1 73  ? -1.422  -0.743  -0.489  1.00 39.73  ? 43  ALA A C   1 
ATOM 388 O O   . ALA A 1 73  ? -0.753  0.197   -0.058  1.00 37.32  ? 43  ALA A O   1 
ATOM 389 C CB  . ALA A 1 73  ? -0.330  -2.772  -1.403  1.00 23.76  ? 43  ALA A CB  1 
ATOM 390 N N   . LEU A 1 74  ? -2.523  -1.208  0.100   1.00 44.46  ? 44  LEU A N   1 
ATOM 391 C CA  . LEU A 1 74  ? -3.058  -0.673  1.344   1.00 39.74  ? 44  LEU A CA  1 
ATOM 392 C C   . LEU A 1 74  ? -3.099  -1.766  2.396   1.00 43.49  ? 44  LEU A C   1 
ATOM 393 O O   . LEU A 1 74  ? -3.636  -2.843  2.158   1.00 47.78  ? 44  LEU A O   1 
ATOM 394 C CB  . LEU A 1 74  ? -4.478  -0.138  1.152   1.00 39.17  ? 44  LEU A CB  1 
ATOM 395 C CG  . LEU A 1 74  ? -4.640  1.176   0.392   1.00 52.76  ? 44  LEU A CG  1 
ATOM 396 C CD1 . LEU A 1 74  ? -5.620  2.080   1.150   1.00 45.65  ? 44  LEU A CD1 1 
ATOM 397 C CD2 . LEU A 1 74  ? -3.290  1.854   0.248   1.00 41.81  ? 44  LEU A CD2 1 
ATOM 398 N N   . LEU A 1 75  ? -2.521  -1.487  3.555   1.00 39.86  ? 45  LEU A N   1 
ATOM 399 C CA  . LEU A 1 75  ? -2.519  -2.437  4.647   1.00 21.45  ? 45  LEU A CA  1 
ATOM 400 C C   . LEU A 1 75  ? -3.591  -1.905  5.598   1.00 30.81  ? 45  LEU A C   1 
ATOM 401 O O   . LEU A 1 75  ? -3.552  -0.728  5.992   1.00 25.22  ? 45  LEU A O   1 
ATOM 402 C CB  . LEU A 1 75  ? -1.150  -2.443  5.326   1.00 29.82  ? 45  LEU A CB  1 
ATOM 403 C CG  . LEU A 1 75  ? -0.611  -3.790  5.811   1.00 26.53  ? 45  LEU A CG  1 
ATOM 404 C CD1 . LEU A 1 75  ? 0.695   -3.562  6.548   1.00 37.27  ? 45  LEU A CD1 1 
ATOM 405 C CD2 . LEU A 1 75  ? -1.632  -4.485  6.699   1.00 28.43  ? 45  LEU A CD2 1 
ATOM 406 N N   . SER A 1 76  ? -4.543  -2.759  5.967   1.00 22.52  ? 46  SER A N   1 
ATOM 407 C CA  . SER A 1 76  ? -5.620  -2.320  6.840   1.00 23.40  ? 46  SER A CA  1 
ATOM 408 C C   . SER A 1 76  ? -6.247  -3.381  7.711   1.00 28.28  ? 46  SER A C   1 
ATOM 409 O O   . SER A 1 76  ? -6.236  -4.569  7.380   1.00 34.26  ? 46  SER A O   1 
ATOM 410 C CB  . SER A 1 76  ? -6.725  -1.674  6.015   1.00 28.93  ? 46  SER A CB  1 
ATOM 411 O OG  . SER A 1 76  ? -7.840  -1.369  6.828   1.00 22.08  ? 46  SER A OG  1 
ATOM 412 N N   . ASP A 1 77  ? -6.821  -2.913  8.817   1.00 29.80  ? 47  ASP A N   1 
ATOM 413 C CA  . ASP A 1 77  ? -7.493  -3.757  9.798   1.00 42.60  ? 47  ASP A CA  1 
ATOM 414 C C   . ASP A 1 77  ? -8.904  -4.107  9.312   1.00 47.78  ? 47  ASP A C   1 
ATOM 415 O O   . ASP A 1 77  ? -9.592  -4.931  9.923   1.00 51.96  ? 47  ASP A O   1 
ATOM 416 C CB  . ASP A 1 77  ? -7.568  -3.028  11.150  1.00 56.92  ? 47  ASP A CB  1 
ATOM 417 C CG  . ASP A 1 77  ? -6.195  -2.831  11.790  1.00 73.65  ? 47  ASP A CG  1 
ATOM 418 O OD1 . ASP A 1 77  ? -5.644  -3.826  12.304  1.00 44.87  ? 47  ASP A OD1 1 
ATOM 419 O OD2 . ASP A 1 77  ? -5.667  -1.690  11.778  1.00 83.85  ? 47  ASP A OD2 1 
ATOM 420 N N   . HIS A 1 78  ? -9.339  -3.480  8.219   1.00 35.61  ? 48  HIS A N   1 
ATOM 421 C CA  . HIS A 1 78  ? -10.668 -3.752  7.674   1.00 34.77  ? 48  HIS A CA  1 
ATOM 422 C C   . HIS A 1 78  ? -10.482 -4.523  6.381   1.00 51.13  ? 48  HIS A C   1 
ATOM 423 O O   . HIS A 1 78  ? -9.446  -4.399  5.718   1.00 61.64  ? 48  HIS A O   1 
ATOM 424 C CB  . HIS A 1 78  ? -11.432 -2.459  7.362   1.00 25.20  ? 48  HIS A CB  1 
ATOM 425 C CG  . HIS A 1 78  ? -11.272 -1.384  8.393   1.00 44.79  ? 48  HIS A CG  1 
ATOM 426 N ND1 . HIS A 1 78  ? -12.244 -0.436  8.629   1.00 59.36  ? 48  HIS A ND1 1 
ATOM 427 C CD2 . HIS A 1 78  ? -10.245 -1.088  9.229   1.00 60.16  ? 48  HIS A CD2 1 
ATOM 428 C CE1 . HIS A 1 78  ? -11.825 0.397   9.568   1.00 68.74  ? 48  HIS A CE1 1 
ATOM 429 N NE2 . HIS A 1 78  ? -10.616 0.024   9.949   1.00 68.30  ? 48  HIS A NE2 1 
ATOM 430 N N   . GLN A 1 79  ? -11.483 -5.320  6.023   1.00 53.34  ? 49  GLN A N   1 
ATOM 431 C CA  . GLN A 1 79  ? -11.445 -6.107  4.788   1.00 60.32  ? 49  GLN A CA  1 
ATOM 432 C C   . GLN A 1 79  ? -12.642 -5.641  3.991   1.00 51.44  ? 49  GLN A C   1 
ATOM 433 O O   . GLN A 1 79  ? -13.017 -6.195  2.957   1.00 45.51  ? 49  GLN A O   1 
ATOM 434 C CB  . GLN A 1 79  ? -11.562 -7.603  5.087   1.00 77.64  ? 49  GLN A CB  1 
ATOM 435 C CG  . GLN A 1 79  ? -11.975 -7.913  6.506   1.00 90.03  ? 49  GLN A CG  1 
ATOM 436 C CD  . GLN A 1 79  ? -13.442 -7.727  6.763   1.00 81.79  ? 49  GLN A CD  1 
ATOM 437 O OE1 . GLN A 1 79  ? -14.215 -8.678  6.658   1.00 57.44  ? 49  GLN A OE1 1 
ATOM 438 N NE2 . GLN A 1 79  ? -13.841 -6.499  7.103   1.00 86.07  ? 49  GLN A NE2 1 
ATOM 439 N N   . ASP A 1 80  ? -13.206 -4.570  4.503   1.00 42.08  ? 50  ASP A N   1 
ATOM 440 C CA  . ASP A 1 80  ? -14.381 -3.956  3.959   1.00 48.25  ? 50  ASP A CA  1 
ATOM 441 C C   . ASP A 1 80  ? -14.081 -2.928  2.844   1.00 55.11  ? 50  ASP A C   1 
ATOM 442 O O   . ASP A 1 80  ? -14.921 -2.669  1.975   1.00 47.08  ? 50  ASP A O   1 
ATOM 443 C CB  . ASP A 1 80  ? -15.109 -3.368  5.171   1.00 54.87  ? 50  ASP A CB  1 
ATOM 444 C CG  . ASP A 1 80  ? -15.800 -2.089  4.878   1.00 73.52  ? 50  ASP A CG  1 
ATOM 445 O OD1 . ASP A 1 80  ? -16.754 -2.129  4.081   1.00 77.30  ? 50  ASP A OD1 1 
ATOM 446 O OD2 . ASP A 1 80  ? -15.388 -1.053  5.454   1.00 71.50  ? 50  ASP A OD2 1 
ATOM 447 N N   . LEU A 1 81  ? -12.863 -2.387  2.845   1.00 54.03  ? 51  LEU A N   1 
ATOM 448 C CA  . LEU A 1 81  ? -12.437 -1.369  1.881   1.00 43.86  ? 51  LEU A CA  1 
ATOM 449 C C   . LEU A 1 81  ? -12.624 -1.705  0.422   1.00 40.16  ? 51  LEU A C   1 
ATOM 450 O O   . LEU A 1 81  ? -12.727 -2.871  0.055   1.00 53.05  ? 51  LEU A O   1 
ATOM 451 C CB  . LEU A 1 81  ? -10.977 -1.020  2.119   1.00 49.91  ? 51  LEU A CB  1 
ATOM 452 C CG  . LEU A 1 81  ? -10.716 -0.801  3.603   1.00 37.42  ? 51  LEU A CG  1 
ATOM 453 C CD1 . LEU A 1 81  ? -9.259  -0.458  3.835   1.00 48.56  ? 51  LEU A CD1 1 
ATOM 454 C CD2 . LEU A 1 81  ? -11.647 0.292   4.106   1.00 35.66  ? 51  LEU A CD2 1 
ATOM 455 N N   . LYS A 1 82  ? -12.615 -0.667  -0.411  1.00 38.46  ? 52  LYS A N   1 
ATOM 456 C CA  . LYS A 1 82  ? -12.826 -0.814  -1.847  1.00 32.20  ? 52  LYS A CA  1 
ATOM 457 C C   . LYS A 1 82  ? -12.221 0.367   -2.620  1.00 30.62  ? 52  LYS A C   1 
ATOM 458 O O   . LYS A 1 82  ? -11.861 0.241   -3.786  1.00 42.08  ? 52  LYS A O   1 
ATOM 459 C CB  . LYS A 1 82  ? -14.336 -0.886  -2.105  1.00 44.60  ? 52  LYS A CB  1 
ATOM 460 C CG  . LYS A 1 82  ? -14.799 -1.776  -3.260  1.00 58.49  ? 52  LYS A CG  1 
ATOM 461 C CD  . LYS A 1 82  ? -14.696 -1.114  -4.623  1.00 60.39  ? 52  LYS A CD  1 
ATOM 462 C CE  . LYS A 1 82  ? -15.293 -2.047  -5.664  1.00 82.52  ? 52  LYS A CE  1 
ATOM 463 N NZ  . LYS A 1 82  ? -15.286 -1.488  -7.033  1.00 85.51  ? 52  LYS A NZ  1 
ATOM 464 N N   . TRP A 1 83  ? -12.126 1.514   -1.957  1.00 33.15  ? 53  TRP A N   1 
ATOM 465 C CA  . TRP A 1 83  ? -11.577 2.727   -2.553  1.00 29.56  ? 53  TRP A CA  1 
ATOM 466 C C   . TRP A 1 83  ? -10.699 3.442   -1.539  1.00 41.27  ? 53  TRP A C   1 
ATOM 467 O O   . TRP A 1 83  ? -10.904 3.301   -0.324  1.00 35.44  ? 53  TRP A O   1 
ATOM 468 C CB  . TRP A 1 83  ? -12.686 3.695   -2.950  1.00 47.94  ? 53  TRP A CB  1 
ATOM 469 C CG  . TRP A 1 83  ? -13.454 3.326   -4.155  1.00 50.48  ? 53  TRP A CG  1 
ATOM 470 C CD1 . TRP A 1 83  ? -14.532 2.494   -4.221  1.00 26.14  ? 53  TRP A CD1 1 
ATOM 471 C CD2 . TRP A 1 83  ? -13.236 3.814   -5.482  1.00 54.05  ? 53  TRP A CD2 1 
ATOM 472 N NE1 . TRP A 1 83  ? -15.008 2.439   -5.513  1.00 52.04  ? 53  TRP A NE1 1 
ATOM 473 C CE2 . TRP A 1 83  ? -14.226 3.238   -6.308  1.00 49.13  ? 53  TRP A CE2 1 
ATOM 474 C CE3 . TRP A 1 83  ? -12.292 4.680   -6.056  1.00 49.75  ? 53  TRP A CE3 1 
ATOM 475 C CZ2 . TRP A 1 83  ? -14.306 3.505   -7.678  1.00 33.97  ? 53  TRP A CZ2 1 
ATOM 476 C CZ3 . TRP A 1 83  ? -12.373 4.945   -7.417  1.00 37.58  ? 53  TRP A CZ3 1 
ATOM 477 C CH2 . TRP A 1 83  ? -13.372 4.357   -8.212  1.00 50.58  ? 53  TRP A CH2 1 
ATOM 478 N N   . ALA A 1 84  ? -9.748  4.233   -2.044  1.00 36.65  ? 54  ALA A N   1 
ATOM 479 C CA  . ALA A 1 84  ? -8.826  4.989   -1.190  1.00 32.49  ? 54  ALA A CA  1 
ATOM 480 C C   . ALA A 1 84  ? -8.803  6.456   -1.607  1.00 24.06  ? 54  ALA A C   1 
ATOM 481 O O   . ALA A 1 84  ? -9.046  6.777   -2.767  1.00 42.11  ? 54  ALA A O   1 
ATOM 482 C CB  . ALA A 1 84  ? -7.417  4.390   -1.260  1.00 10.18  ? 54  ALA A CB  1 
ATOM 483 N N   . ARG A 1 85  ? -8.503  7.335   -0.655  1.00 34.31  ? 55  ARG A N   1 
ATOM 484 C CA  . ARG A 1 85  ? -8.490  8.781   -0.883  1.00 35.43  ? 55  ARG A CA  1 
ATOM 485 C C   . ARG A 1 85  ? -7.148  9.442   -0.616  1.00 45.22  ? 55  ARG A C   1 
ATOM 486 O O   . ARG A 1 85  ? -6.623  9.401   0.507   1.00 43.21  ? 55  ARG A O   1 
ATOM 487 C CB  . ARG A 1 85  ? -9.551  9.448   0.002   1.00 45.37  ? 55  ARG A CB  1 
ATOM 488 C CG  . ARG A 1 85  ? -9.504  10.976  0.059   1.00 43.76  ? 55  ARG A CG  1 
ATOM 489 C CD  . ARG A 1 85  ? -10.476 11.472  1.107   1.00 60.46  ? 55  ARG A CD  1 
ATOM 490 N NE  . ARG A 1 85  ? -10.660 12.916  1.077   1.00 90.38  ? 55  ARG A NE  1 
ATOM 491 C CZ  . ARG A 1 85  ? -11.620 13.549  1.747   1.00 120.43 ? 55  ARG A CZ  1 
ATOM 492 N NH1 . ARG A 1 85  ? -12.477 12.860  2.497   1.00 122.20 ? 55  ARG A NH1 1 
ATOM 493 N NH2 . ARG A 1 85  ? -11.737 14.870  1.658   1.00 130.86 ? 55  ARG A NH2 1 
ATOM 494 N N   . PHE A 1 86  ? -6.611  10.085  -1.646  1.00 37.61  ? 56  PHE A N   1 
ATOM 495 C CA  . PHE A 1 86  ? -5.341  10.755  -1.500  1.00 28.18  ? 56  PHE A CA  1 
ATOM 496 C C   . PHE A 1 86  ? -5.412  12.174  -2.010  1.00 35.11  ? 56  PHE A C   1 
ATOM 497 O O   . PHE A 1 86  ? -5.678  12.414  -3.187  1.00 32.98  ? 56  PHE A O   1 
ATOM 498 C CB  . PHE A 1 86  ? -4.259  10.003  -2.260  1.00 40.05  ? 56  PHE A CB  1 
ATOM 499 C CG  . PHE A 1 86  ? -4.328  8.522   -2.094  1.00 26.49  ? 56  PHE A CG  1 
ATOM 500 C CD1 . PHE A 1 86  ? -5.171  7.762   -2.896  1.00 32.47  ? 56  PHE A CD1 1 
ATOM 501 C CD2 . PHE A 1 86  ? -3.547  7.882   -1.138  1.00 31.95  ? 56  PHE A CD2 1 
ATOM 502 C CE1 . PHE A 1 86  ? -5.231  6.379   -2.753  1.00 49.68  ? 56  PHE A CE1 1 
ATOM 503 C CE2 . PHE A 1 86  ? -3.595  6.499   -0.980  1.00 34.90  ? 56  PHE A CE2 1 
ATOM 504 C CZ  . PHE A 1 86  ? -4.439  5.744   -1.791  1.00 48.84  ? 56  PHE A CZ  1 
ATOM 505 N N   . PRO A 1 87  ? -5.201  13.144  -1.117  1.00 41.41  ? 57  PRO A N   1 
ATOM 506 C CA  . PRO A 1 87  ? -5.238  14.555  -1.506  1.00 47.17  ? 57  PRO A CA  1 
ATOM 507 C C   . PRO A 1 87  ? -4.023  14.806  -2.381  1.00 57.07  ? 57  PRO A C   1 
ATOM 508 O O   . PRO A 1 87  ? -2.924  14.381  -2.045  1.00 56.50  ? 57  PRO A O   1 
ATOM 509 C CB  . PRO A 1 87  ? -5.164  15.269  -0.171  1.00 51.76  ? 57  PRO A CB  1 
ATOM 510 C CG  . PRO A 1 87  ? -5.893  14.305  0.747   1.00 57.71  ? 57  PRO A CG  1 
ATOM 511 C CD  . PRO A 1 87  ? -5.266  13.000  0.344   1.00 36.29  ? 57  PRO A CD  1 
ATOM 512 N N   . LYS A 1 88  ? -4.216  15.488  -3.505  1.00 68.72  ? 58  LYS A N   1 
ATOM 513 C CA  . LYS A 1 88  ? -3.115  15.728  -4.425  1.00 68.77  ? 58  LYS A CA  1 
ATOM 514 C C   . LYS A 1 88  ? -1.873  16.358  -3.822  1.00 74.41  ? 58  LYS A C   1 
ATOM 515 O O   . LYS A 1 88  ? -1.954  17.228  -2.945  1.00 78.11  ? 58  LYS A O   1 
ATOM 516 C CB  . LYS A 1 88  ? -3.604  16.528  -5.644  1.00 67.51  ? 58  LYS A CB  1 
ATOM 517 C CG  . LYS A 1 88  ? -4.304  15.622  -6.671  1.00 61.06  ? 58  LYS A CG  1 
ATOM 518 C CD  . LYS A 1 88  ? -4.604  16.310  -7.981  1.00 53.47  ? 58  LYS A CD  1 
ATOM 519 C CE  . LYS A 1 88  ? -5.630  17.396  -7.794  1.00 74.15  ? 58  LYS A CE  1 
ATOM 520 N NZ  . LYS A 1 88  ? -6.014  18.042  -9.073  1.00 85.75  ? 58  LYS A NZ  1 
ATOM 521 N N   . SER A 1 89  ? -0.724  15.877  -4.300  1.00 79.31  ? 59  SER A N   1 
ATOM 522 C CA  . SER A 1 89  ? 0.599   16.326  -3.868  1.00 86.22  ? 59  SER A CA  1 
ATOM 523 C C   . SER A 1 89  ? 0.906   17.742  -4.347  1.00 88.81  ? 59  SER A C   1 
ATOM 524 O O   . SER A 1 89  ? 2.064   18.117  -4.511  1.00 93.32  ? 59  SER A O   1 
ATOM 525 C CB  . SER A 1 89  ? 1.678   15.366  -4.395  1.00 89.52  ? 59  SER A CB  1 
ATOM 526 O OG  . SER A 1 89  ? 1.752   15.389  -5.815  1.00 84.11  ? 59  SER A OG  1 
ATOM 527 N N   . ASP A 1 90  ? -0.147  18.520  -4.572  1.00 92.54  ? 60  ASP A N   1 
ATOM 528 C CA  . ASP A 1 90  ? -0.019  19.897  -5.020  1.00 87.86  ? 60  ASP A CA  1 
ATOM 529 C C   . ASP A 1 90  ? -0.923  20.730  -4.122  1.00 94.88  ? 60  ASP A C   1 
ATOM 530 O O   . ASP A 1 90  ? -0.741  21.940  -3.988  1.00 97.95  ? 60  ASP A O   1 
ATOM 531 C CB  . ASP A 1 90  ? -0.500  20.043  -6.467  1.00 74.41  ? 60  ASP A CB  1 
ATOM 532 C CG  . ASP A 1 90  ? -0.024  18.919  -7.359  1.00 74.05  ? 60  ASP A CG  1 
ATOM 533 O OD1 . ASP A 1 90  ? 1.203   18.731  -7.469  1.00 70.89  ? 60  ASP A OD1 1 
ATOM 534 O OD2 . ASP A 1 90  ? -0.878  18.219  -7.948  1.00 73.13  ? 60  ASP A OD2 1 
ATOM 535 N N   . GLY A 1 91  ? -1.889  20.062  -3.497  1.00 99.22  ? 61  GLY A N   1 
ATOM 536 C CA  . GLY A 1 91  ? -2.849  20.747  -2.652  1.00 100.16 ? 61  GLY A CA  1 
ATOM 537 C C   . GLY A 1 91  ? -3.949  21.217  -3.587  1.00 99.18  ? 61  GLY A C   1 
ATOM 538 O O   . GLY A 1 91  ? -4.790  22.052  -3.234  1.00 91.71  ? 61  GLY A O   1 
ATOM 539 N N   . THR A 1 92  ? -3.915  20.662  -4.800  1.00 95.21  ? 62  THR A N   1 
ATOM 540 C CA  . THR A 1 92  ? -4.872  20.973  -5.860  1.00 83.46  ? 62  THR A CA  1 
ATOM 541 C C   . THR A 1 92  ? -6.227  20.369  -5.526  1.00 81.04  ? 62  THR A C   1 
ATOM 542 O O   . THR A 1 92  ? -7.178  21.067  -5.154  1.00 69.95  ? 62  THR A O   1 
ATOM 543 C CB  . THR A 1 92  ? -4.412  20.381  -7.218  1.00 70.75  ? 62  THR A CB  1 
ATOM 544 O OG1 . THR A 1 92  ? -3.123  20.903  -7.566  1.00 76.45  ? 62  THR A OG1 1 
ATOM 545 C CG2 . THR A 1 92  ? -5.410  20.729  -8.311  1.00 59.57  ? 62  THR A CG2 1 
ATOM 546 N N   . GLY A 1 93  ? -6.297  19.056  -5.670  1.00 72.84  ? 63  GLY A N   1 
ATOM 547 C CA  . GLY A 1 93  ? -7.523  18.353  -5.388  1.00 61.93  ? 63  GLY A CA  1 
ATOM 548 C C   . GLY A 1 93  ? -7.235  17.068  -4.651  1.00 53.35  ? 63  GLY A C   1 
ATOM 549 O O   . GLY A 1 93  ? -6.373  17.036  -3.769  1.00 49.12  ? 63  GLY A O   1 
ATOM 550 N N   . THR A 1 94  ? -7.956  16.016  -5.038  1.00 57.08  ? 64  THR A N   1 
ATOM 551 C CA  . THR A 1 94  ? -7.853  14.685  -4.439  1.00 52.16  ? 64  THR A CA  1 
ATOM 552 C C   . THR A 1 94  ? -7.926  13.603  -5.508  1.00 45.53  ? 64  THR A C   1 
ATOM 553 O O   . THR A 1 94  ? -8.545  13.799  -6.550  1.00 44.95  ? 64  THR A O   1 
ATOM 554 C CB  . THR A 1 94  ? -9.014  14.440  -3.450  1.00 53.57  ? 64  THR A CB  1 
ATOM 555 O OG1 . THR A 1 94  ? -8.815  15.237  -2.278  1.00 65.40  ? 64  THR A OG1 1 
ATOM 556 C CG2 . THR A 1 94  ? -9.098  12.969  -3.056  1.00 53.26  ? 64  THR A CG2 1 
ATOM 557 N N   . ILE A 1 95  ? -7.294  12.462  -5.235  1.00 49.69  ? 65  ILE A N   1 
ATOM 558 C CA  . ILE A 1 95  ? -7.309  11.316  -6.149  1.00 47.79  ? 65  ILE A CA  1 
ATOM 559 C C   . ILE A 1 95  ? -7.912  10.109  -5.437  1.00 47.76  ? 65  ILE A C   1 
ATOM 560 O O   . ILE A 1 95  ? -7.508  9.773   -4.315  1.00 44.42  ? 65  ILE A O   1 
ATOM 561 C CB  . ILE A 1 95  ? -5.892  10.921  -6.630  1.00 52.10  ? 65  ILE A CB  1 
ATOM 562 C CG1 . ILE A 1 95  ? -5.270  12.070  -7.427  1.00 64.75  ? 65  ILE A CG1 1 
ATOM 563 C CG2 . ILE A 1 95  ? -5.968  9.672   -7.504  1.00 44.23  ? 65  ILE A CG2 1 
ATOM 564 C CD1 . ILE A 1 95  ? -3.946  11.721  -8.076  1.00 78.93  ? 65  ILE A CD1 1 
ATOM 565 N N   . TYR A 1 96  ? -8.883  9.475   -6.095  1.00 50.49  ? 66  TYR A N   1 
ATOM 566 C CA  . TYR A 1 96  ? -9.570  8.296   -5.564  1.00 45.98  ? 66  TYR A CA  1 
ATOM 567 C C   . TYR A 1 96  ? -9.158  7.067   -6.351  1.00 37.95  ? 66  TYR A C   1 
ATOM 568 O O   . TYR A 1 96  ? -9.552  6.899   -7.500  1.00 38.30  ? 66  TYR A O   1 
ATOM 569 C CB  . TYR A 1 96  ? -11.094 8.467   -5.650  1.00 51.00  ? 66  TYR A CB  1 
ATOM 570 C CG  . TYR A 1 96  ? -11.669 9.317   -4.541  1.00 54.95  ? 66  TYR A CG  1 
ATOM 571 C CD1 . TYR A 1 96  ? -11.652 8.872   -3.221  1.00 70.64  ? 66  TYR A CD1 1 
ATOM 572 C CD2 . TYR A 1 96  ? -12.175 10.592  -4.797  1.00 66.40  ? 66  TYR A CD2 1 
ATOM 573 C CE1 . TYR A 1 96  ? -12.119 9.680   -2.176  1.00 81.51  ? 66  TYR A CE1 1 
ATOM 574 C CE2 . TYR A 1 96  ? -12.646 11.410  -3.757  1.00 62.50  ? 66  TYR A CE2 1 
ATOM 575 C CZ  . TYR A 1 96  ? -12.608 10.946  -2.451  1.00 64.89  ? 66  TYR A CZ  1 
ATOM 576 O OH  . TYR A 1 96  ? -13.034 11.746  -1.415  1.00 79.69  ? 66  TYR A OH  1 
ATOM 577 N N   . THR A 1 97  ? -8.360  6.211   -5.729  1.00 35.80  ? 67  THR A N   1 
ATOM 578 C CA  . THR A 1 97  ? -7.905  5.011   -6.393  1.00 34.96  ? 67  THR A CA  1 
ATOM 579 C C   . THR A 1 97  ? -8.774  3.839   -5.999  1.00 38.50  ? 67  THR A C   1 
ATOM 580 O O   . THR A 1 97  ? -9.255  3.751   -4.863  1.00 41.16  ? 67  THR A O   1 
ATOM 581 C CB  . THR A 1 97  ? -6.472  4.695   -6.020  1.00 35.53  ? 67  THR A CB  1 
ATOM 582 O OG1 . THR A 1 97  ? -5.696  5.896   -6.085  1.00 51.83  ? 67  THR A OG1 1 
ATOM 583 C CG2 . THR A 1 97  ? -5.898  3.679   -6.991  1.00 39.40  ? 67  THR A CG2 1 
ATOM 584 N N   . GLU A 1 98  ? -8.979  2.932   -6.940  1.00 29.16  ? 68  GLU A N   1 
ATOM 585 C CA  . GLU A 1 98  ? -9.799  1.783   -6.643  1.00 34.18  ? 68  GLU A CA  1 
ATOM 586 C C   . GLU A 1 98  ? -8.978  0.598   -6.193  1.00 37.40  ? 68  GLU A C   1 
ATOM 587 O O   . GLU A 1 98  ? -7.948  0.300   -6.786  1.00 39.77  ? 68  GLU A O   1 
ATOM 588 C CB  . GLU A 1 98  ? -10.618 1.398   -7.852  1.00 37.56  ? 68  GLU A CB  1 
ATOM 589 C CG  . GLU A 1 98  ? -11.492 0.216   -7.566  1.00 43.61  ? 68  GLU A CG  1 
ATOM 590 C CD  . GLU A 1 98  ? -12.652 0.140   -8.505  1.00 54.73  ? 68  GLU A CD  1 
ATOM 591 O OE1 . GLU A 1 98  ? -12.412 0.116   -9.731  1.00 69.23  ? 68  GLU A OE1 1 
ATOM 592 O OE2 . GLU A 1 98  ? -13.798 0.109   -8.014  1.00 58.80  ? 68  GLU A OE2 1 
ATOM 593 N N   . LEU A 1 99  ? -9.463  -0.091  -5.157  1.00 48.70  ? 69  LEU A N   1 
ATOM 594 C CA  . LEU A 1 99  ? -8.795  -1.265  -4.575  1.00 41.12  ? 69  LEU A CA  1 
ATOM 595 C C   . LEU A 1 99  ? -9.239  -2.620  -5.111  1.00 43.54  ? 69  LEU A C   1 
ATOM 596 O O   . LEU A 1 99  ? -10.382 -2.789  -5.532  1.00 48.19  ? 69  LEU A O   1 
ATOM 597 C CB  . LEU A 1 99  ? -9.011  -1.303  -3.070  1.00 23.17  ? 69  LEU A CB  1 
ATOM 598 C CG  . LEU A 1 99  ? -8.544  -0.111  -2.263  1.00 26.72  ? 69  LEU A CG  1 
ATOM 599 C CD1 . LEU A 1 99  ? -8.777  -0.392  -0.793  1.00 26.43  ? 69  LEU A CD1 1 
ATOM 600 C CD2 . LEU A 1 99  ? -7.084  0.141   -2.546  1.00 21.40  ? 69  LEU A CD2 1 
ATOM 601 N N   . GLU A 1 100 ? -8.326  -3.590  -5.057  1.00 40.79  ? 70  GLU A N   1 
ATOM 602 C CA  . GLU A 1 100 ? -8.608  -4.954  -5.490  1.00 38.44  ? 70  GLU A CA  1 
ATOM 603 C C   . GLU A 1 100 ? -9.143  -5.694  -4.272  1.00 48.27  ? 70  GLU A C   1 
ATOM 604 O O   . GLU A 1 100 ? -9.254  -5.121  -3.186  1.00 35.72  ? 70  GLU A O   1 
ATOM 605 C CB  . GLU A 1 100 ? -7.332  -5.648  -5.958  1.00 42.49  ? 70  GLU A CB  1 
ATOM 606 C CG  . GLU A 1 100 ? -7.181  -5.811  -7.455  1.00 32.72  ? 70  GLU A CG  1 
ATOM 607 C CD  . GLU A 1 100 ? -5.795  -6.306  -7.809  1.00 50.25  ? 70  GLU A CD  1 
ATOM 608 O OE1 . GLU A 1 100 ? -5.313  -7.238  -7.130  1.00 40.00  ? 70  GLU A OE1 1 
ATOM 609 O OE2 . GLU A 1 100 ? -5.185  -5.774  -8.764  1.00 65.38  ? 70  GLU A OE2 1 
ATOM 610 N N   . PRO A 1 101 ? -9.502  -6.976  -4.439  1.00 53.68  ? 71  PRO A N   1 
ATOM 611 C CA  . PRO A 1 101 ? -10.010 -7.707  -3.277  1.00 47.25  ? 71  PRO A CA  1 
ATOM 612 C C   . PRO A 1 101 ? -8.894  -7.811  -2.239  1.00 47.72  ? 71  PRO A C   1 
ATOM 613 O O   . PRO A 1 101 ? -7.712  -7.729  -2.584  1.00 54.97  ? 71  PRO A O   1 
ATOM 614 C CB  . PRO A 1 101 ? -10.395 -9.056  -3.869  1.00 58.26  ? 71  PRO A CB  1 
ATOM 615 C CG  . PRO A 1 101 ? -10.837 -8.694  -5.258  1.00 36.88  ? 71  PRO A CG  1 
ATOM 616 C CD  . PRO A 1 101 ? -9.748  -7.732  -5.681  1.00 53.93  ? 71  PRO A CD  1 
ATOM 617 N N   . PRO A 1 102 ? -9.254  -7.986  -0.954  1.00 47.46  ? 72  PRO A N   1 
ATOM 618 C CA  . PRO A 1 102 ? -8.300  -8.098  0.162   1.00 45.85  ? 72  PRO A CA  1 
ATOM 619 C C   . PRO A 1 102 ? -7.424  -9.352  0.193   1.00 42.32  ? 72  PRO A C   1 
ATOM 620 O O   . PRO A 1 102 ? -7.717  -10.350 -0.453  1.00 38.77  ? 72  PRO A O   1 
ATOM 621 C CB  . PRO A 1 102 ? -9.196  -8.017  1.409   1.00 19.48  ? 72  PRO A CB  1 
ATOM 622 C CG  . PRO A 1 102 ? -10.436 -7.321  0.929   1.00 26.88  ? 72  PRO A CG  1 
ATOM 623 C CD  . PRO A 1 102 ? -10.636 -7.910  -0.448  1.00 38.66  ? 72  PRO A CD  1 
ATOM 624 N N   . CYS A 1 103 ? -6.353  -9.274  0.982   1.00 60.07  ? 73  CYS A N   1 
ATOM 625 C CA  . CYS A 1 103 ? -5.399  -10.363 1.185   1.00 50.82  ? 73  CYS A CA  1 
ATOM 626 C C   . CYS A 1 103 ? -5.132  -10.459 2.673   1.00 48.64  ? 73  CYS A C   1 
ATOM 627 O O   . CYS A 1 103 ? -4.345  -9.707  3.234   1.00 48.08  ? 73  CYS A O   1 
ATOM 628 C CB  . CYS A 1 103 ? -4.091  -10.087 0.457   1.00 53.53  ? 73  CYS A CB  1 
ATOM 629 S SG  . CYS A 1 103 ? -3.864  -11.141 -0.969  1.00 49.75  ? 73  CYS A SG  1 
ATOM 630 N N   . ARG A 1 104 ? -5.811  -11.394 3.309   1.00 53.94  ? 74  ARG A N   1 
ATOM 631 C CA  . ARG A 1 104 ? -5.678  -11.592 4.734   1.00 47.95  ? 74  ARG A CA  1 
ATOM 632 C C   . ARG A 1 104 ? -4.419  -12.346 5.125   1.00 37.86  ? 74  ARG A C   1 
ATOM 633 O O   . ARG A 1 104 ? -3.973  -13.260 4.433   1.00 31.57  ? 74  ARG A O   1 
ATOM 634 C CB  . ARG A 1 104 ? -6.921  -12.331 5.251   1.00 59.19  ? 74  ARG A CB  1 
ATOM 635 C CG  . ARG A 1 104 ? -7.608  -13.199 4.180   1.00 83.37  ? 74  ARG A CG  1 
ATOM 636 C CD  . ARG A 1 104 ? -8.590  -14.218 4.758   1.00 81.69  ? 74  ARG A CD  1 
ATOM 637 N NE  . ARG A 1 104 ? -7.920  -15.216 5.589   1.00 85.01  ? 74  ARG A NE  1 
ATOM 638 C CZ  . ARG A 1 104 ? -7.513  -15.007 6.839   1.00 85.72  ? 74  ARG A CZ  1 
ATOM 639 N NH1 . ARG A 1 104 ? -7.712  -13.831 7.422   1.00 73.40  ? 74  ARG A NH1 1 
ATOM 640 N NH2 . ARG A 1 104 ? -6.896  -15.976 7.507   1.00 99.80  ? 74  ARG A NH2 1 
ATOM 641 N N   . PHE A 1 105 ? -3.844  -11.925 6.239   1.00 37.73  ? 75  PHE A N   1 
ATOM 642 C CA  . PHE A 1 105 ? -2.673  -12.557 6.823   1.00 34.87  ? 75  PHE A CA  1 
ATOM 643 C C   . PHE A 1 105 ? -2.691  -11.968 8.218   1.00 47.67  ? 75  PHE A C   1 
ATOM 644 O O   . PHE A 1 105 ? -3.364  -10.951 8.475   1.00 33.31  ? 75  PHE A O   1 
ATOM 645 C CB  . PHE A 1 105 ? -1.372  -12.183 6.093   1.00 23.59  ? 75  PHE A CB  1 
ATOM 646 C CG  . PHE A 1 105 ? -0.859  -10.798 6.411   1.00 41.30  ? 75  PHE A CG  1 
ATOM 647 C CD1 . PHE A 1 105 ? -0.187  -10.534 7.604   1.00 47.92  ? 75  PHE A CD1 1 
ATOM 648 C CD2 . PHE A 1 105 ? -1.034  -9.756  5.506   1.00 29.81  ? 75  PHE A CD2 1 
ATOM 649 C CE1 . PHE A 1 105 ? 0.302   -9.250  7.890   1.00 47.39  ? 75  PHE A CE1 1 
ATOM 650 C CE2 . PHE A 1 105 ? -0.544  -8.469  5.786   1.00 39.48  ? 75  PHE A CE2 1 
ATOM 651 C CZ  . PHE A 1 105 ? 0.124   -8.219  6.978   1.00 29.97  ? 75  PHE A CZ  1 
ATOM 652 N N   . VAL A 1 106 ? -1.954  -12.592 9.120   1.00 47.82  ? 76  VAL A N   1 
ATOM 653 C CA  . VAL A 1 106 ? -1.929  -12.111 10.480  1.00 51.37  ? 76  VAL A CA  1 
ATOM 654 C C   . VAL A 1 106 ? -0.500  -11.985 10.990  1.00 55.78  ? 76  VAL A C   1 
ATOM 655 O O   . VAL A 1 106 ? 0.356   -12.805 10.652  1.00 54.17  ? 76  VAL A O   1 
ATOM 656 C CB  . VAL A 1 106 ? -2.777  -13.059 11.372  1.00 50.66  ? 76  VAL A CB  1 
ATOM 657 C CG1 . VAL A 1 106 ? -3.163  -14.310 10.580  1.00 30.09  ? 76  VAL A CG1 1 
ATOM 658 C CG2 . VAL A 1 106 ? -2.026  -13.429 12.629  1.00 51.01  ? 76  VAL A CG2 1 
ATOM 659 N N   . THR A 1 107 ? -0.240  -10.930 11.767  1.00 63.05  ? 77  THR A N   1 
ATOM 660 C CA  . THR A 1 107 ? 1.085   -10.697 12.345  1.00 65.34  ? 77  THR A CA  1 
ATOM 661 C C   . THR A 1 107 ? 0.945   -10.352 13.822  1.00 70.04  ? 77  THR A C   1 
ATOM 662 O O   . THR A 1 107 ? -0.096  -9.845  14.246  1.00 60.61  ? 77  THR A O   1 
ATOM 663 C CB  . THR A 1 107 ? 1.843   -9.542  11.657  1.00 56.16  ? 77  THR A CB  1 
ATOM 664 O OG1 . THR A 1 107 ? 1.744   -9.677  10.236  1.00 67.71  ? 77  THR A OG1 1 
ATOM 665 C CG2 . THR A 1 107 ? 3.327   -9.591  12.039  1.00 61.01  ? 77  THR A CG2 1 
ATOM 666 N N   . ASP A 1 108 ? 1.991   -10.650 14.594  1.00 74.73  ? 78  ASP A N   1 
ATOM 667 C CA  . ASP A 1 108 ? 2.010   -10.384 16.027  1.00 75.06  ? 78  ASP A CA  1 
ATOM 668 C C   . ASP A 1 108 ? 1.907   -8.887  16.253  1.00 78.34  ? 78  ASP A C   1 
ATOM 669 O O   . ASP A 1 108 ? 2.589   -8.117  15.584  1.00 78.44  ? 78  ASP A O   1 
ATOM 670 C CB  . ASP A 1 108 ? 3.307   -10.921 16.645  1.00 94.75  ? 78  ASP A CB  1 
ATOM 671 C CG  . ASP A 1 108 ? 3.100   -12.225 17.416  1.00 121.04 ? 78  ASP A CG  1 
ATOM 672 O OD1 . ASP A 1 108 ? 2.436   -12.185 18.476  1.00 123.37 ? 78  ASP A OD1 1 
ATOM 673 O OD2 . ASP A 1 108 ? 3.596   -13.288 16.964  1.00 132.68 ? 78  ASP A OD2 1 
ATOM 674 N N   . THR A 1 109 ? 1.046   -8.479  17.184  1.00 81.21  ? 79  THR A N   1 
ATOM 675 C CA  . THR A 1 109 ? 0.848   -7.059  17.501  1.00 82.06  ? 79  THR A CA  1 
ATOM 676 C C   . THR A 1 109 ? 0.616   -6.886  18.997  1.00 73.65  ? 79  THR A C   1 
ATOM 677 O O   . THR A 1 109 ? -0.029  -7.723  19.631  1.00 74.25  ? 79  THR A O   1 
ATOM 678 C CB  . THR A 1 109 ? -0.401  -6.473  16.785  1.00 70.56  ? 79  THR A CB  1 
ATOM 679 O OG1 . THR A 1 109 ? -0.317  -6.719  15.381  1.00 102.08 ? 79  THR A OG1 1 
ATOM 680 C CG2 . THR A 1 109 ? -0.497  -4.973  17.019  1.00 98.09  ? 79  THR A CG2 1 
ATOM 681 N N   . PRO A 1 110 ? 1.139   -5.801  19.586  1.00 67.48  ? 80  PRO A N   1 
ATOM 682 C CA  . PRO A 1 110 ? 0.888   -5.661  21.021  1.00 70.94  ? 80  PRO A CA  1 
ATOM 683 C C   . PRO A 1 110 ? -0.628  -5.612  21.205  1.00 73.99  ? 80  PRO A C   1 
ATOM 684 O O   . PRO A 1 110 ? -1.341  -5.212  20.294  1.00 77.60  ? 80  PRO A O   1 
ATOM 685 C CB  . PRO A 1 110 ? 1.573   -4.344  21.357  1.00 53.73  ? 80  PRO A CB  1 
ATOM 686 C CG  . PRO A 1 110 ? 2.741   -4.336  20.405  1.00 50.58  ? 80  PRO A CG  1 
ATOM 687 C CD  . PRO A 1 110 ? 2.090   -4.782  19.110  1.00 57.56  ? 80  PRO A CD  1 
ATOM 688 N N   . LYS A 1 111 ? -1.127  -6.036  22.358  1.00 84.93  ? 81  LYS A N   1 
ATOM 689 C CA  . LYS A 1 111 ? -2.571  -6.034  22.599  1.00 91.55  ? 81  LYS A CA  1 
ATOM 690 C C   . LYS A 1 111 ? -3.282  -7.180  21.853  1.00 85.31  ? 81  LYS A C   1 
ATOM 691 O O   . LYS A 1 111 ? -4.511  -7.221  21.795  1.00 83.45  ? 81  LYS A O   1 
ATOM 692 C CB  . LYS A 1 111 ? -3.187  -4.685  22.182  1.00 100.55 ? 81  LYS A CB  1 
ATOM 693 C CG  . LYS A 1 111 ? -2.537  -3.446  22.813  1.00 105.63 ? 81  LYS A CG  1 
ATOM 694 C CD  . LYS A 1 111 ? -2.905  -3.286  24.279  1.00 104.30 ? 81  LYS A CD  1 
ATOM 695 C CE  . LYS A 1 111 ? -2.176  -2.114  24.927  1.00 98.68  ? 81  LYS A CE  1 
ATOM 696 N NZ  . LYS A 1 111 ? -2.520  -1.979  26.374  1.00 103.21 ? 81  LYS A NZ  1 
ATOM 697 N N   . GLY A 1 112 ? -2.507  -8.103  21.287  1.00 78.87  ? 82  GLY A N   1 
ATOM 698 C CA  . GLY A 1 112 ? -3.086  -9.237  20.580  1.00 71.21  ? 82  GLY A CA  1 
ATOM 699 C C   . GLY A 1 112 ? -2.669  -9.305  19.126  1.00 70.21  ? 82  GLY A C   1 
ATOM 700 O O   . GLY A 1 112 ? -2.391  -8.267  18.539  1.00 87.04  ? 82  GLY A O   1 
ATOM 701 N N   . PRO A 1 113 ? -2.593  -10.500 18.514  1.00 61.77  ? 83  PRO A N   1 
ATOM 702 C CA  . PRO A 1 113 ? -2.198  -10.613 17.104  1.00 54.04  ? 83  PRO A CA  1 
ATOM 703 C C   . PRO A 1 113 ? -3.396  -10.160 16.289  1.00 52.95  ? 83  PRO A C   1 
ATOM 704 O O   . PRO A 1 113 ? -4.524  -10.295 16.754  1.00 59.12  ? 83  PRO A O   1 
ATOM 705 C CB  . PRO A 1 113 ? -1.931  -12.107 16.929  1.00 66.68  ? 83  PRO A CB  1 
ATOM 706 C CG  . PRO A 1 113 ? -1.672  -12.597 18.326  1.00 69.15  ? 83  PRO A CG  1 
ATOM 707 C CD  . PRO A 1 113 ? -2.683  -11.829 19.131  1.00 74.59  ? 83  PRO A CD  1 
ATOM 708 N N   . LYS A 1 114 ? -3.169  -9.645  15.085  1.00 52.75  ? 84  LYS A N   1 
ATOM 709 C CA  . LYS A 1 114 ? -4.270  -9.136  14.259  1.00 52.14  ? 84  LYS A CA  1 
ATOM 710 C C   . LYS A 1 114 ? -4.255  -9.643  12.815  1.00 47.06  ? 84  LYS A C   1 
ATOM 711 O O   . LYS A 1 114 ? -3.202  -10.010 12.282  1.00 41.53  ? 84  LYS A O   1 
ATOM 712 C CB  . LYS A 1 114 ? -4.240  -7.582  14.213  1.00 60.57  ? 84  LYS A CB  1 
ATOM 713 C CG  . LYS A 1 114 ? -4.373  -6.837  15.561  1.00 51.30  ? 84  LYS A CG  1 
ATOM 714 C CD  . LYS A 1 114 ? -3.911  -5.348  15.510  1.00 65.46  ? 84  LYS A CD  1 
ATOM 715 C CE  . LYS A 1 114 ? -4.919  -4.394  14.844  1.00 59.11  ? 84  LYS A CE  1 
ATOM 716 N NZ  . LYS A 1 114 ? -4.518  -2.931  14.903  1.00 35.55  ? 84  LYS A NZ  1 
ATOM 717 N N   . VAL A 1 115 ? -5.438  -9.671  12.199  1.00 36.06  ? 85  VAL A N   1 
ATOM 718 C CA  . VAL A 1 115 ? -5.554  -10.038 10.797  1.00 32.63  ? 85  VAL A CA  1 
ATOM 719 C C   . VAL A 1 115 ? -5.622  -8.699  10.081  1.00 39.75  ? 85  VAL A C   1 
ATOM 720 O O   . VAL A 1 115 ? -6.577  -7.911  10.265  1.00 18.72  ? 85  VAL A O   1 
ATOM 721 C CB  . VAL A 1 115 ? -6.831  -10.848 10.483  1.00 29.21  ? 85  VAL A CB  1 
ATOM 722 C CG1 . VAL A 1 115 ? -7.065  -10.917 8.964   1.00 8.48   ? 85  VAL A CG1 1 
ATOM 723 C CG2 . VAL A 1 115 ? -6.678  -12.256 11.018  1.00 39.91  ? 85  VAL A CG2 1 
ATOM 724 N N   . LYS A 1 116 ? -4.560  -8.432  9.326   1.00 38.64  ? 86  LYS A N   1 
ATOM 725 C CA  . LYS A 1 116 ? -4.423  -7.215  8.546   1.00 33.38  ? 86  LYS A CA  1 
ATOM 726 C C   . LYS A 1 116 ? -4.812  -7.652  7.152   1.00 39.27  ? 86  LYS A C   1 
ATOM 727 O O   . LYS A 1 116 ? -4.554  -8.799  6.770   1.00 40.76  ? 86  LYS A O   1 
ATOM 728 C CB  . LYS A 1 116 ? -2.967  -6.738  8.543   1.00 35.24  ? 86  LYS A CB  1 
ATOM 729 C CG  . LYS A 1 116 ? -2.416  -6.255  9.890   1.00 29.09  ? 86  LYS A CG  1 
ATOM 730 C CD  . LYS A 1 116 ? -3.036  -4.926  10.309  1.00 50.30  ? 86  LYS A CD  1 
ATOM 731 C CE  . LYS A 1 116 ? -2.396  -4.351  11.576  1.00 44.79  ? 86  LYS A CE  1 
ATOM 732 N NZ  . LYS A 1 116 ? -2.942  -2.994  11.905  1.00 70.50  ? 86  LYS A NZ  1 
ATOM 733 N N   . TYR A 1 117 ? -5.441  -6.757  6.400   1.00 28.94  ? 87  TYR A N   1 
ATOM 734 C CA  . TYR A 1 117 ? -5.845  -7.083  5.040   1.00 36.80  ? 87  TYR A CA  1 
ATOM 735 C C   . TYR A 1 117 ? -4.975  -6.288  4.084   1.00 29.99  ? 87  TYR A C   1 
ATOM 736 O O   . TYR A 1 117 ? -4.789  -5.093  4.275   1.00 31.91  ? 87  TYR A O   1 
ATOM 737 C CB  . TYR A 1 117 ? -7.322  -6.741  4.849   1.00 29.74  ? 87  TYR A CB  1 
ATOM 738 C CG  . TYR A 1 117 ? -8.189  -7.490  5.832   1.00 44.50  ? 87  TYR A CG  1 
ATOM 739 C CD1 . TYR A 1 117 ? -8.564  -8.812  5.592   1.00 47.32  ? 87  TYR A CD1 1 
ATOM 740 C CD2 . TYR A 1 117 ? -8.529  -6.926  7.059   1.00 47.61  ? 87  TYR A CD2 1 
ATOM 741 C CE1 . TYR A 1 117 ? -9.245  -9.557  6.553   1.00 39.08  ? 87  TYR A CE1 1 
ATOM 742 C CE2 . TYR A 1 117 ? -9.209  -7.663  8.029   1.00 45.90  ? 87  TYR A CE2 1 
ATOM 743 C CZ  . TYR A 1 117 ? -9.562  -8.980  7.773   1.00 53.12  ? 87  TYR A CZ  1 
ATOM 744 O OH  . TYR A 1 117 ? -10.227 -9.718  8.741   1.00 56.34  ? 87  TYR A OH  1 
ATOM 745 N N   . LEU A 1 118 ? -4.416  -6.960  3.076   1.00 23.29  ? 88  LEU A N   1 
ATOM 746 C CA  . LEU A 1 118 ? -3.570  -6.292  2.080   1.00 32.85  ? 88  LEU A CA  1 
ATOM 747 C C   . LEU A 1 118 ? -4.322  -6.068  0.762   1.00 32.84  ? 88  LEU A C   1 
ATOM 748 O O   . LEU A 1 118 ? -4.659  -7.019  0.061   1.00 41.00  ? 88  LEU A O   1 
ATOM 749 C CB  . LEU A 1 118 ? -2.302  -7.103  1.806   1.00 16.89  ? 88  LEU A CB  1 
ATOM 750 C CG  . LEU A 1 118 ? -1.350  -6.432  0.803   1.00 25.35  ? 88  LEU A CG  1 
ATOM 751 C CD1 . LEU A 1 118 ? -0.812  -5.152  1.416   1.00 15.81  ? 88  LEU A CD1 1 
ATOM 752 C CD2 . LEU A 1 118 ? -0.191  -7.372  0.413   1.00 9.85   ? 88  LEU A CD2 1 
ATOM 753 N N   . TYR A 1 119 ? -4.569  -4.803  0.428   1.00 42.34  ? 89  TYR A N   1 
ATOM 754 C CA  . TYR A 1 119 ? -5.296  -4.443  -0.788  1.00 31.65  ? 89  TYR A CA  1 
ATOM 755 C C   . TYR A 1 119 ? -4.404  -3.968  -1.942  1.00 34.68  ? 89  TYR A C   1 
ATOM 756 O O   . TYR A 1 119 ? -3.773  -2.918  -1.865  1.00 29.09  ? 89  TYR A O   1 
ATOM 757 C CB  . TYR A 1 119 ? -6.291  -3.330  -0.477  1.00 39.95  ? 89  TYR A CB  1 
ATOM 758 C CG  . TYR A 1 119 ? -7.392  -3.662  0.513   1.00 48.87  ? 89  TYR A CG  1 
ATOM 759 C CD1 . TYR A 1 119 ? -8.712  -3.820  0.080   1.00 36.20  ? 89  TYR A CD1 1 
ATOM 760 C CD2 . TYR A 1 119 ? -7.140  -3.704  1.891   1.00 39.10  ? 89  TYR A CD2 1 
ATOM 761 C CE1 . TYR A 1 119 ? -9.758  -3.991  0.989   1.00 26.58  ? 89  TYR A CE1 1 
ATOM 762 C CE2 . TYR A 1 119 ? -8.182  -3.877  2.807   1.00 42.26  ? 89  TYR A CE2 1 
ATOM 763 C CZ  . TYR A 1 119 ? -9.482  -4.010  2.342   1.00 29.45  ? 89  TYR A CZ  1 
ATOM 764 O OH  . TYR A 1 119 ? -10.519 -4.100  3.221   1.00 32.52  ? 89  TYR A OH  1 
ATOM 765 N N   . PHE A 1 120 ? -4.361  -4.733  -3.023  1.00 43.25  ? 90  PHE A N   1 
ATOM 766 C CA  . PHE A 1 120 ? -3.561  -4.321  -4.164  1.00 39.17  ? 90  PHE A CA  1 
ATOM 767 C C   . PHE A 1 120 ? -4.374  -3.426  -5.074  1.00 32.60  ? 90  PHE A C   1 
ATOM 768 O O   . PHE A 1 120 ? -5.420  -3.824  -5.575  1.00 34.22  ? 90  PHE A O   1 
ATOM 769 C CB  . PHE A 1 120 ? -3.062  -5.532  -4.967  1.00 54.98  ? 90  PHE A CB  1 
ATOM 770 C CG  . PHE A 1 120 ? -1.881  -6.222  -4.351  1.00 30.89  ? 90  PHE A CG  1 
ATOM 771 C CD1 . PHE A 1 120 ? -2.044  -7.376  -3.599  1.00 23.36  ? 90  PHE A CD1 1 
ATOM 772 C CD2 . PHE A 1 120 ? -0.611  -5.678  -4.477  1.00 41.80  ? 90  PHE A CD2 1 
ATOM 773 C CE1 . PHE A 1 120 ? -0.964  -7.973  -2.981  1.00 35.50  ? 90  PHE A CE1 1 
ATOM 774 C CE2 . PHE A 1 120 ? 0.477   -6.268  -3.861  1.00 35.90  ? 90  PHE A CE2 1 
ATOM 775 C CZ  . PHE A 1 120 ? 0.302   -7.418  -3.108  1.00 44.69  ? 90  PHE A CZ  1 
ATOM 776 N N   . ILE A 1 121 ? -3.892  -2.212  -5.282  1.00 39.19  ? 91  ILE A N   1 
ATOM 777 C CA  . ILE A 1 121 ? -4.571  -1.278  -6.161  1.00 45.46  ? 91  ILE A CA  1 
ATOM 778 C C   . ILE A 1 121 ? -4.957  -1.992  -7.457  1.00 51.57  ? 91  ILE A C   1 
ATOM 779 O O   . ILE A 1 121 ? -4.215  -2.838  -7.956  1.00 56.83  ? 91  ILE A O   1 
ATOM 780 C CB  . ILE A 1 121 ? -3.656  -0.091  -6.471  1.00 35.99  ? 91  ILE A CB  1 
ATOM 781 C CG1 . ILE A 1 121 ? -3.525  0.766   -5.218  1.00 27.01  ? 91  ILE A CG1 1 
ATOM 782 C CG2 . ILE A 1 121 ? -4.201  0.720   -7.649  1.00 50.60  ? 91  ILE A CG2 1 
ATOM 783 C CD1 . ILE A 1 121 ? -2.478  1.842   -5.329  1.00 53.93  ? 91  ILE A CD1 1 
ATOM 784 N N   . LYS A 1 122 ? -6.123  -1.662  -7.994  1.00 47.32  ? 92  LYS A N   1 
ATOM 785 C CA  . LYS A 1 122 ? -6.571  -2.305  -9.214  1.00 47.43  ? 92  LYS A CA  1 
ATOM 786 C C   . LYS A 1 122 ? -5.556  -2.071  -10.327 1.00 49.76  ? 92  LYS A C   1 
ATOM 787 O O   . LYS A 1 122 ? -4.984  -0.979  -10.449 1.00 50.63  ? 92  LYS A O   1 
ATOM 788 C CB  . LYS A 1 122 ? -7.941  -1.765  -9.626  1.00 50.63  ? 92  LYS A CB  1 
ATOM 789 C CG  . LYS A 1 122 ? -8.865  -2.790  -10.286 1.00 36.00  ? 92  LYS A CG  1 
ATOM 790 C CD  . LYS A 1 122 ? -10.199 -2.137  -10.674 1.00 88.51  ? 92  LYS A CD  1 
ATOM 791 C CE  . LYS A 1 122 ? -11.259 -3.147  -11.119 1.00 100.89 ? 92  LYS A CE  1 
ATOM 792 N NZ  . LYS A 1 122 ? -10.903 -3.880  -12.367 1.00 126.57 ? 92  LYS A NZ  1 
ATOM 793 N N   . GLY A 1 123 ? -5.326  -3.116  -11.120 1.00 50.42  ? 93  GLY A N   1 
ATOM 794 C CA  . GLY A 1 123 ? -4.396  -3.035  -12.230 1.00 34.88  ? 93  GLY A CA  1 
ATOM 795 C C   . GLY A 1 123 ? -2.941  -3.097  -11.824 1.00 45.59  ? 93  GLY A C   1 
ATOM 796 O O   . GLY A 1 123 ? -2.057  -2.960  -12.672 1.00 49.58  ? 93  GLY A O   1 
ATOM 797 N N   . LEU A 1 124 ? -2.675  -3.309  -10.537 1.00 41.15  ? 94  LEU A N   1 
ATOM 798 C CA  . LEU A 1 124 ? -1.298  -3.362  -10.092 1.00 33.81  ? 94  LEU A CA  1 
ATOM 799 C C   . LEU A 1 124 ? -0.505  -4.427  -10.822 1.00 40.15  ? 94  LEU A C   1 
ATOM 800 O O   . LEU A 1 124 ? -0.827  -5.622  -10.795 1.00 35.99  ? 94  LEU A O   1 
ATOM 801 C CB  . LEU A 1 124 ? -1.196  -3.597  -8.586  1.00 42.62  ? 94  LEU A CB  1 
ATOM 802 C CG  . LEU A 1 124 ? -0.182  -2.661  -7.908  1.00 45.21  ? 94  LEU A CG  1 
ATOM 803 C CD1 . LEU A 1 124 ? -0.030  -3.030  -6.447  1.00 42.63  ? 94  LEU A CD1 1 
ATOM 804 C CD2 . LEU A 1 124 ? 1.153   -2.755  -8.592  1.00 29.56  ? 94  LEU A CD2 1 
ATOM 805 N N   . ASN A 1 125 ? 0.537   -3.944  -11.483 1.00 46.27  ? 95  ASN A N   1 
ATOM 806 C CA  . ASN A 1 125 ? 1.484   -4.736  -12.245 1.00 47.60  ? 95  ASN A CA  1 
ATOM 807 C C   . ASN A 1 125 ? 1.806   -6.070  -11.562 1.00 50.45  ? 95  ASN A C   1 
ATOM 808 O O   . ASN A 1 125 ? 1.741   -6.191  -10.336 1.00 54.15  ? 95  ASN A O   1 
ATOM 809 C CB  . ASN A 1 125 ? 2.759   -3.907  -12.401 1.00 59.64  ? 95  ASN A CB  1 
ATOM 810 C CG  . ASN A 1 125 ? 3.758   -4.538  -13.327 1.00 72.81  ? 95  ASN A CG  1 
ATOM 811 O OD1 . ASN A 1 125 ? 4.204   -5.668  -13.118 1.00 97.90  ? 95  ASN A OD1 1 
ATOM 812 N ND2 . ASN A 1 125 ? 4.131   -3.801  -14.364 1.00 85.45  ? 95  ASN A ND2 1 
ATOM 813 N N   . ASN A 1 126 ? 2.174   -7.063  -12.365 1.00 46.99  ? 96  ASN A N   1 
ATOM 814 C CA  . ASN A 1 126 ? 2.513   -8.385  -11.858 1.00 47.81  ? 96  ASN A CA  1 
ATOM 815 C C   . ASN A 1 126 ? 3.889   -8.430  -11.168 1.00 47.93  ? 96  ASN A C   1 
ATOM 816 O O   . ASN A 1 126 ? 4.155   -9.286  -10.325 1.00 51.11  ? 96  ASN A O   1 
ATOM 817 C CB  . ASN A 1 126 ? 2.476   -9.379  -13.005 1.00 51.15  ? 96  ASN A CB  1 
ATOM 818 C CG  . ASN A 1 126 ? 1.977   -10.721 -12.564 1.00 70.57  ? 96  ASN A CG  1 
ATOM 819 O OD1 . ASN A 1 126 ? 0.932   -10.810 -11.909 1.00 38.21  ? 96  ASN A OD1 1 
ATOM 820 N ND2 . ASN A 1 126 ? 2.710   -11.783 -12.913 1.00 75.83  ? 96  ASN A ND2 1 
ATOM 821 N N   . LEU A 1 127 ? 4.766   -7.508  -11.541 1.00 49.42  ? 97  LEU A N   1 
ATOM 822 C CA  . LEU A 1 127 ? 6.093   -7.428  -10.950 1.00 20.80  ? 97  LEU A CA  1 
ATOM 823 C C   . LEU A 1 127 ? 5.927   -6.622  -9.682  1.00 32.65  ? 97  LEU A C   1 
ATOM 824 O O   . LEU A 1 127 ? 6.380   -7.041  -8.619  1.00 21.22  ? 97  LEU A O   1 
ATOM 825 C CB  . LEU A 1 127 ? 7.050   -6.698  -11.887 1.00 25.62  ? 97  LEU A CB  1 
ATOM 826 C CG  . LEU A 1 127 ? 8.532   -7.023  -11.730 1.00 27.50  ? 97  LEU A CG  1 
ATOM 827 C CD1 . LEU A 1 127 ? 9.323   -6.225  -12.739 1.00 45.51  ? 97  LEU A CD1 1 
ATOM 828 C CD2 . LEU A 1 127 ? 9.000   -6.694  -10.338 1.00 49.73  ? 97  LEU A CD2 1 
ATOM 829 N N   . ASN A 1 128 ? 5.283   -5.457  -9.804  1.00 27.53  ? 98  ASN A N   1 
ATOM 830 C CA  . ASN A 1 128 ? 5.044   -4.596  -8.646  1.00 22.74  ? 98  ASN A CA  1 
ATOM 831 C C   . ASN A 1 128 ? 4.310   -5.435  -7.630  1.00 19.89  ? 98  ASN A C   1 
ATOM 832 O O   . ASN A 1 128 ? 4.619   -5.404  -6.447  1.00 17.93  ? 98  ASN A O   1 
ATOM 833 C CB  . ASN A 1 128 ? 4.178   -3.393  -9.014  1.00 27.52  ? 98  ASN A CB  1 
ATOM 834 C CG  . ASN A 1 128 ? 4.952   -2.319  -9.738  1.00 37.15  ? 98  ASN A CG  1 
ATOM 835 O OD1 . ASN A 1 128 ? 5.945   -1.823  -9.226  1.00 48.77  ? 98  ASN A OD1 1 
ATOM 836 N ND2 . ASN A 1 128 ? 4.502   -1.951  -10.938 1.00 50.05  ? 98  ASN A ND2 1 
ATOM 837 N N   . ARG A 1 129 ? 3.323   -6.181  -8.115  1.00 26.82  ? 99  ARG A N   1 
ATOM 838 C CA  . ARG A 1 129 ? 2.544   -7.076  -7.276  1.00 25.56  ? 99  ARG A CA  1 
ATOM 839 C C   . ARG A 1 129 ? 3.560   -7.857  -6.430  1.00 25.82  ? 99  ARG A C   1 
ATOM 840 O O   . ARG A 1 129 ? 3.549   -7.790  -5.206  1.00 22.44  ? 99  ARG A O   1 
ATOM 841 C CB  . ARG A 1 129 ? 1.751   -8.009  -8.181  1.00 20.82  ? 99  ARG A CB  1 
ATOM 842 C CG  . ARG A 1 129 ? 1.063   -9.148  -7.496  1.00 37.65  ? 99  ARG A CG  1 
ATOM 843 C CD  . ARG A 1 129 ? -0.086  -8.669  -6.660  1.00 58.51  ? 99  ARG A CD  1 
ATOM 844 N NE  . ARG A 1 129 ? -1.057  -9.744  -6.507  1.00 67.97  ? 99  ARG A NE  1 
ATOM 845 C CZ  . ARG A 1 129 ? -2.230  -9.777  -7.126  1.00 69.30  ? 99  ARG A CZ  1 
ATOM 846 N NH1 . ARG A 1 129 ? -2.586  -8.783  -7.941  1.00 57.46  ? 99  ARG A NH1 1 
ATOM 847 N NH2 . ARG A 1 129 ? -3.038  -10.811 -6.944  1.00 76.30  ? 99  ARG A NH2 1 
ATOM 848 N N   . GLY A 1 130 ? 4.456   -8.572  -7.100  1.00 21.05  ? 100 GLY A N   1 
ATOM 849 C CA  . GLY A 1 130 ? 5.477   -9.332  -6.407  1.00 21.83  ? 100 GLY A CA  1 
ATOM 850 C C   . GLY A 1 130 ? 6.338   -8.478  -5.494  1.00 35.08  ? 100 GLY A C   1 
ATOM 851 O O   . GLY A 1 130 ? 6.426   -8.736  -4.295  1.00 42.22  ? 100 GLY A O   1 
ATOM 852 N N   . MET A 1 131 ? 6.973   -7.458  -6.062  1.00 43.88  ? 101 MET A N   1 
ATOM 853 C CA  . MET A 1 131 ? 7.833   -6.532  -5.319  1.00 35.00  ? 101 MET A CA  1 
ATOM 854 C C   . MET A 1 131 ? 7.417   -6.278  -3.874  1.00 36.19  ? 101 MET A C   1 
ATOM 855 O O   . MET A 1 131 ? 8.252   -6.347  -2.965  1.00 28.46  ? 101 MET A O   1 
ATOM 856 C CB  . MET A 1 131 ? 7.897   -5.185  -6.042  1.00 56.31  ? 101 MET A CB  1 
ATOM 857 C CG  . MET A 1 131 ? 8.575   -5.232  -7.400  1.00 66.92  ? 101 MET A CG  1 
ATOM 858 S SD  . MET A 1 131 ? 10.077  -4.232  -7.474  1.00 64.16  ? 101 MET A SD  1 
ATOM 859 C CE  . MET A 1 131 ? 11.086  -4.957  -6.096  1.00 15.27  ? 101 MET A CE  1 
ATOM 860 N N   . VAL A 1 132 ? 6.141   -5.956  -3.658  1.00 29.03  ? 102 VAL A N   1 
ATOM 861 C CA  . VAL A 1 132 ? 5.669   -5.699  -2.302  1.00 25.12  ? 102 VAL A CA  1 
ATOM 862 C C   . VAL A 1 132 ? 5.640   -6.993  -1.492  1.00 24.97  ? 102 VAL A C   1 
ATOM 863 O O   . VAL A 1 132 ? 6.264   -7.064  -0.433  1.00 16.87  ? 102 VAL A O   1 
ATOM 864 C CB  . VAL A 1 132 ? 4.266   -5.021  -2.294  1.00 15.46  ? 102 VAL A CB  1 
ATOM 865 C CG1 . VAL A 1 132 ? 3.828   -4.727  -3.689  1.00 16.47  ? 102 VAL A CG1 1 
ATOM 866 C CG2 . VAL A 1 132 ? 3.255   -5.885  -1.590  1.00 19.58  ? 102 VAL A CG2 1 
ATOM 867 N N   . LEU A 1 133 ? 4.942   -8.008  -2.006  1.00 19.05  ? 103 LEU A N   1 
ATOM 868 C CA  . LEU A 1 133 ? 4.829   -9.312  -1.344  1.00 23.73  ? 103 LEU A CA  1 
ATOM 869 C C   . LEU A 1 133 ? 6.158   -9.855  -0.808  1.00 28.41  ? 103 LEU A C   1 
ATOM 870 O O   . LEU A 1 133 ? 6.206   -10.427 0.286   1.00 21.26  ? 103 LEU A O   1 
ATOM 871 C CB  . LEU A 1 133 ? 4.229   -10.348 -2.302  1.00 32.90  ? 103 LEU A CB  1 
ATOM 872 C CG  . LEU A 1 133 ? 2.749   -10.234 -2.687  1.00 44.35  ? 103 LEU A CG  1 
ATOM 873 C CD1 . LEU A 1 133 ? 2.464   -11.147 -3.875  1.00 50.82  ? 103 LEU A CD1 1 
ATOM 874 C CD2 . LEU A 1 133 ? 1.860   -10.605 -1.510  1.00 6.97   ? 103 LEU A CD2 1 
ATOM 875 N N   . GLY A 1 134 ? 7.227   -9.699  -1.584  1.00 26.37  ? 104 GLY A N   1 
ATOM 876 C CA  . GLY A 1 134 ? 8.525   -10.175 -1.141  1.00 23.24  ? 104 GLY A CA  1 
ATOM 877 C C   . GLY A 1 134 ? 9.210   -9.160  -0.244  1.00 18.77  ? 104 GLY A C   1 
ATOM 878 O O   . GLY A 1 134 ? 10.131  -9.497  0.491   1.00 28.69  ? 104 GLY A O   1 
ATOM 879 N N   . SER A 1 135 ? 8.742   -7.915  -0.309  1.00 28.42  ? 105 SER A N   1 
ATOM 880 C CA  . SER A 1 135 ? 9.292   -6.812  0.467   1.00 25.67  ? 105 SER A CA  1 
ATOM 881 C C   . SER A 1 135 ? 8.851   -6.798  1.920   1.00 28.02  ? 105 SER A C   1 
ATOM 882 O O   . SER A 1 135 ? 9.630   -6.433  2.798   1.00 34.49  ? 105 SER A O   1 
ATOM 883 C CB  . SER A 1 135 ? 8.914   -5.484  -0.182  1.00 37.37  ? 105 SER A CB  1 
ATOM 884 O OG  . SER A 1 135 ? 8.978   -4.419  0.755   1.00 27.57  ? 105 SER A OG  1 
ATOM 885 N N   . LEU A 1 136 ? 7.606   -7.161  2.190   1.00 27.22  ? 106 LEU A N   1 
ATOM 886 C CA  . LEU A 1 136 ? 7.144   -7.176  3.576   1.00 39.85  ? 106 LEU A CA  1 
ATOM 887 C C   . LEU A 1 136 ? 6.933   -8.603  4.057   1.00 32.15  ? 106 LEU A C   1 
ATOM 888 O O   . LEU A 1 136 ? 6.307   -8.840  5.081   1.00 30.10  ? 106 LEU A O   1 
ATOM 889 C CB  . LEU A 1 136 ? 5.839   -6.392  3.729   1.00 44.82  ? 106 LEU A CB  1 
ATOM 890 C CG  . LEU A 1 136 ? 4.551   -7.056  3.262   1.00 35.14  ? 106 LEU A CG  1 
ATOM 891 C CD1 . LEU A 1 136 ? 3.380   -6.150  3.569   1.00 47.50  ? 106 LEU A CD1 1 
ATOM 892 C CD2 . LEU A 1 136 ? 4.623   -7.325  1.776   1.00 74.50  ? 106 LEU A CD2 1 
ATOM 893 N N   . ALA A 1 137 ? 7.462   -9.556  3.310   1.00 24.54  ? 107 ALA A N   1 
ATOM 894 C CA  . ALA A 1 137 ? 7.314   -10.943 3.680   1.00 22.19  ? 107 ALA A CA  1 
ATOM 895 C C   . ALA A 1 137 ? 7.920   -11.227 5.045   1.00 27.05  ? 107 ALA A C   1 
ATOM 896 O O   . ALA A 1 137 ? 7.327   -11.932 5.859   1.00 47.25  ? 107 ALA A O   1 
ATOM 897 C CB  . ALA A 1 137 ? 7.973   -11.815 2.641   1.00 24.15  ? 107 ALA A CB  1 
ATOM 898 N N   . ALA A 1 138 ? 9.112   -10.695 5.294   1.00 34.45  ? 108 ALA A N   1 
ATOM 899 C CA  . ALA A 1 138 ? 9.799   -10.944 6.561   1.00 34.53  ? 108 ALA A CA  1 
ATOM 900 C C   . ALA A 1 138 ? 9.217   -10.128 7.684   1.00 28.94  ? 108 ALA A C   1 
ATOM 901 O O   . ALA A 1 138 ? 9.487   -10.381 8.855   1.00 33.33  ? 108 ALA A O   1 
ATOM 902 C CB  . ALA A 1 138 ? 11.270  -10.635 6.427   1.00 29.99  ? 108 ALA A CB  1 
ATOM 903 N N   . THR A 1 139 ? 8.426   -9.135  7.311   1.00 45.17  ? 109 THR A N   1 
ATOM 904 C CA  . THR A 1 139 ? 7.779   -8.255  8.266   1.00 32.91  ? 109 THR A CA  1 
ATOM 905 C C   . THR A 1 139 ? 6.626   -9.018  8.922   1.00 43.26  ? 109 THR A C   1 
ATOM 906 O O   . THR A 1 139 ? 6.476   -9.000  10.144  1.00 51.91  ? 109 THR A O   1 
ATOM 907 C CB  . THR A 1 139 ? 7.310   -6.959  7.523   1.00 48.12  ? 109 THR A CB  1 
ATOM 908 O OG1 . THR A 1 139 ? 8.271   -5.918  7.758   1.00 27.42  ? 109 THR A OG1 1 
ATOM 909 C CG2 . THR A 1 139 ? 5.905   -6.511  7.950   1.00 29.82  ? 109 THR A CG2 1 
ATOM 910 N N   . VAL A 1 140 ? 5.850   -9.727  8.109   1.00 40.66  ? 110 VAL A N   1 
ATOM 911 C CA  . VAL A 1 140 ? 4.716   -10.510 8.593   1.00 52.13  ? 110 VAL A CA  1 
ATOM 912 C C   . VAL A 1 140 ? 5.154   -11.686 9.469   1.00 64.09  ? 110 VAL A C   1 
ATOM 913 O O   . VAL A 1 140 ? 4.393   -12.185 10.312  1.00 62.10  ? 110 VAL A O   1 
ATOM 914 C CB  . VAL A 1 140 ? 3.919   -11.053 7.417   1.00 40.72  ? 110 VAL A CB  1 
ATOM 915 C CG1 . VAL A 1 140 ? 3.566   -9.924  6.480   1.00 30.96  ? 110 VAL A CG1 1 
ATOM 916 C CG2 . VAL A 1 140 ? 4.729   -12.074 6.683   1.00 45.79  ? 110 VAL A CG2 1 
ATOM 917 N N   . ARG A 1 141 ? 6.392   -12.119 9.258   1.00 66.37  ? 111 ARG A N   1 
ATOM 918 C CA  . ARG A 1 141 ? 6.966   -13.230 9.999   1.00 68.87  ? 111 ARG A CA  1 
ATOM 919 C C   . ARG A 1 141 ? 7.834   -12.739 11.157  1.00 72.26  ? 111 ARG A C   1 
ATOM 920 O O   . ARG A 1 141 ? 9.063   -12.751 11.072  1.00 70.65  ? 111 ARG A O   1 
ATOM 921 C CB  . ARG A 1 141 ? 7.802   -14.084 9.047   1.00 54.67  ? 111 ARG A CB  1 
ATOM 922 C CG  . ARG A 1 141 ? 8.181   -15.456 9.572   1.00 61.51  ? 111 ARG A CG  1 
ATOM 923 C CD  . ARG A 1 141 ? 9.409   -15.442 10.461  1.00 81.05  ? 111 ARG A CD  1 
ATOM 924 N NE  . ARG A 1 141 ? 10.281  -16.575 10.158  1.00 92.13  ? 111 ARG A NE  1 
ATOM 925 C CZ  . ARG A 1 141 ? 9.897   -17.848 10.183  1.00 85.65  ? 111 ARG A CZ  1 
ATOM 926 N NH1 . ARG A 1 141 ? 8.647   -18.164 10.501  1.00 78.78  ? 111 ARG A NH1 1 
ATOM 927 N NH2 . ARG A 1 141 ? 10.760  -18.805 9.873   1.00 80.04  ? 111 ARG A NH2 1 
ATOM 928 N N   . LEU A 1 142 ? 7.203   -12.294 12.237  1.00 78.62  ? 112 LEU A N   1 
ATOM 929 C CA  . LEU A 1 142 ? 7.976   -11.824 13.376  1.00 91.73  ? 112 LEU A CA  1 
ATOM 930 C C   . LEU A 1 142 ? 7.395   -12.183 14.724  1.00 100.62 ? 112 LEU A C   1 
ATOM 931 O O   . LEU A 1 142 ? 6.839   -11.343 15.431  1.00 94.94  ? 112 LEU A O   1 
ATOM 932 C CB  . LEU A 1 142 ? 8.207   -10.322 13.275  1.00 89.82  ? 112 LEU A CB  1 
ATOM 933 C CG  . LEU A 1 142 ? 9.359   -10.020 12.315  1.00 88.31  ? 112 LEU A CG  1 
ATOM 934 C CD1 . LEU A 1 142 ? 9.559   -8.526  12.226  1.00 89.52  ? 112 LEU A CD1 1 
ATOM 935 C CD2 . LEU A 1 142 ? 10.638  -10.707 12.799  1.00 66.80  ? 112 LEU A CD2 1 
ATOM 936 N N   . GLN A 1 143 ? 7.562   -13.459 15.062  1.00 115.55 ? 113 GLN A N   1 
ATOM 937 C CA  . GLN A 1 143 ? 7.097   -14.061 16.306  1.00 124.69 ? 113 GLN A CA  1 
ATOM 938 C C   . GLN A 1 143 ? 8.272   -14.752 17.005  1.00 128.13 ? 113 GLN A C   1 
ATOM 939 O O   . GLN A 1 143 ? 8.180   -15.974 17.251  1.00 127.75 ? 113 GLN A O   1 
ATOM 940 C CB  . GLN A 1 143 ? 6.007   -15.092 15.998  1.00 126.41 ? 113 GLN A CB  1 
ATOM 941 C CG  . GLN A 1 143 ? 6.148   -15.702 14.608  1.00 141.35 ? 113 GLN A CG  1 
ATOM 942 C CD  . GLN A 1 143 ? 5.483   -17.057 14.472  1.00 150.10 ? 113 GLN A CD  1 
ATOM 943 O OE1 . GLN A 1 143 ? 5.854   -18.010 15.152  1.00 159.67 ? 113 GLN A OE1 1 
ATOM 944 N NE2 . GLN A 1 143 ? 4.499   -17.151 13.583  1.00 152.06 ? 113 GLN A NE2 1 
ATOM 945 O OXT . GLN A 1 143 ? 9.271   -14.060 17.294  1.00 138.04 ? 113 GLN A OXT 1 
# 
